data_3LLB
# 
_entry.id   3LLB 
# 
_audit_conform.dict_name       mmcif_pdbx.dic 
_audit_conform.dict_version    5.387 
_audit_conform.dict_location   http://mmcif.pdb.org/dictionaries/ascii/mmcif_pdbx.dic 
# 
loop_
_database_2.database_id 
_database_2.database_code 
_database_2.pdbx_database_accession 
_database_2.pdbx_DOI 
PDB   3LLB         pdb_00003llb 10.2210/pdb3llb/pdb 
RCSB  RCSB057417   ?            ?                   
WWPDB D_1000057417 ?            ?                   
# 
loop_
_pdbx_audit_revision_history.ordinal 
_pdbx_audit_revision_history.data_content_type 
_pdbx_audit_revision_history.major_revision 
_pdbx_audit_revision_history.minor_revision 
_pdbx_audit_revision_history.revision_date 
1 'Structure model' 1 0 2010-03-16 
2 'Structure model' 1 1 2011-07-13 
3 'Structure model' 1 2 2024-02-21 
# 
_pdbx_audit_revision_details.ordinal             1 
_pdbx_audit_revision_details.revision_ordinal    1 
_pdbx_audit_revision_details.data_content_type   'Structure model' 
_pdbx_audit_revision_details.provider            repository 
_pdbx_audit_revision_details.type                'Initial release' 
_pdbx_audit_revision_details.description         ? 
_pdbx_audit_revision_details.details             ? 
# 
loop_
_pdbx_audit_revision_group.ordinal 
_pdbx_audit_revision_group.revision_ordinal 
_pdbx_audit_revision_group.data_content_type 
_pdbx_audit_revision_group.group 
1 2 'Structure model' 'Version format compliance' 
2 3 'Structure model' 'Data collection'           
3 3 'Structure model' 'Database references'       
# 
loop_
_pdbx_audit_revision_category.ordinal 
_pdbx_audit_revision_category.revision_ordinal 
_pdbx_audit_revision_category.data_content_type 
_pdbx_audit_revision_category.category 
1 3 'Structure model' chem_comp_atom 
2 3 'Structure model' chem_comp_bond 
3 3 'Structure model' database_2     
# 
loop_
_pdbx_audit_revision_item.ordinal 
_pdbx_audit_revision_item.revision_ordinal 
_pdbx_audit_revision_item.data_content_type 
_pdbx_audit_revision_item.item 
1 3 'Structure model' '_database_2.pdbx_DOI'                
2 3 'Structure model' '_database_2.pdbx_database_accession' 
# 
_pdbx_database_status.status_code                     REL 
_pdbx_database_status.entry_id                        3LLB 
_pdbx_database_status.recvd_initial_deposition_date   2010-01-28 
_pdbx_database_status.deposit_site                    RCSB 
_pdbx_database_status.process_site                    RCSB 
_pdbx_database_status.status_code_sf                  REL 
_pdbx_database_status.status_code_mr                  ? 
_pdbx_database_status.SG_entry                        Y 
_pdbx_database_status.pdb_format_compatible           Y 
_pdbx_database_status.status_code_cs                  ? 
_pdbx_database_status.status_code_nmr_data            ? 
_pdbx_database_status.methods_development_category    ? 
# 
_pdbx_database_related.db_name        TargetDB 
_pdbx_database_related.db_id          APC64868 
_pdbx_database_related.details        . 
_pdbx_database_related.content_type   unspecified 
# 
loop_
_audit_author.name 
_audit_author.pdbx_ordinal 
'Zhang, R.'                                     1 
'Kagan, O.'                                     2 
'Savchenko, A.'                                 3 
'Joachimiak, A.'                                4 
'Edwards, A.'                                   5 
'Midwest Center for Structural Genomics (MCSG)' 6 
# 
_citation.id                        primary 
_citation.title                     
'The crystal structure of the protein NE1376 with unknown function from Nitrosomonas europaea ATCC 19718' 
_citation.journal_abbrev            'To be Published' 
_citation.journal_volume            ? 
_citation.page_first                ? 
_citation.page_last                 ? 
_citation.year                      ? 
_citation.journal_id_ASTM           ? 
_citation.country                   ? 
_citation.journal_id_ISSN           ? 
_citation.journal_id_CSD            0353 
_citation.book_publisher            ? 
_citation.pdbx_database_id_PubMed   ? 
_citation.pdbx_database_id_DOI      ? 
# 
loop_
_citation_author.citation_id 
_citation_author.name 
_citation_author.ordinal 
_citation_author.identifier_ORCID 
primary 'Zhang, R.'      1 ? 
primary 'Kagan, O.'      2 ? 
primary 'Savchenko, A.'  3 ? 
primary 'Joachimiak, A.' 4 ? 
primary 'Edwards, A.'    5 ? 
# 
loop_
_entity.id 
_entity.type 
_entity.src_method 
_entity.pdbx_description 
_entity.formula_weight 
_entity.pdbx_number_of_molecules 
_entity.pdbx_ec 
_entity.pdbx_mutation 
_entity.pdbx_fragment 
_entity.details 
1 polymer man 'Uncharacterized protein' 9368.580 1  ? ? 'Sequence database residues 197-279' ? 
2 water   nat water                     18.015   45 ? ? ?                                    ? 
# 
_entity_poly.entity_id                      1 
_entity_poly.type                           'polypeptide(L)' 
_entity_poly.nstd_linkage                   no 
_entity_poly.nstd_monomer                   no 
_entity_poly.pdbx_seq_one_letter_code       
;SYIKPLPSGDFIVKALTPVDAFNDFFGSEFSDEEFDTVGGLVMSAFGHLPKRNEVVELGEFRFRVLNADSRRVHLLRLSP
LQN
;
_entity_poly.pdbx_seq_one_letter_code_can   
;SYIKPLPSGDFIVKALTPVDAFNDFFGSEFSDEEFDTVGGLVMSAFGHLPKRNEVVELGEFRFRVLNADSRRVHLLRLSP
LQN
;
_entity_poly.pdbx_strand_id                 A 
_entity_poly.pdbx_target_identifier         APC64868 
# 
_pdbx_entity_nonpoly.entity_id   2 
_pdbx_entity_nonpoly.name        water 
_pdbx_entity_nonpoly.comp_id     HOH 
# 
loop_
_entity_poly_seq.entity_id 
_entity_poly_seq.num 
_entity_poly_seq.mon_id 
_entity_poly_seq.hetero 
1 1  SER n 
1 2  TYR n 
1 3  ILE n 
1 4  LYS n 
1 5  PRO n 
1 6  LEU n 
1 7  PRO n 
1 8  SER n 
1 9  GLY n 
1 10 ASP n 
1 11 PHE n 
1 12 ILE n 
1 13 VAL n 
1 14 LYS n 
1 15 ALA n 
1 16 LEU n 
1 17 THR n 
1 18 PRO n 
1 19 VAL n 
1 20 ASP n 
1 21 ALA n 
1 22 PHE n 
1 23 ASN n 
1 24 ASP n 
1 25 PHE n 
1 26 PHE n 
1 27 GLY n 
1 28 SER n 
1 29 GLU n 
1 30 PHE n 
1 31 SER n 
1 32 ASP n 
1 33 GLU n 
1 34 GLU n 
1 35 PHE n 
1 36 ASP n 
1 37 THR n 
1 38 VAL n 
1 39 GLY n 
1 40 GLY n 
1 41 LEU n 
1 42 VAL n 
1 43 MET n 
1 44 SER n 
1 45 ALA n 
1 46 PHE n 
1 47 GLY n 
1 48 HIS n 
1 49 LEU n 
1 50 PRO n 
1 51 LYS n 
1 52 ARG n 
1 53 ASN n 
1 54 GLU n 
1 55 VAL n 
1 56 VAL n 
1 57 GLU n 
1 58 LEU n 
1 59 GLY n 
1 60 GLU n 
1 61 PHE n 
1 62 ARG n 
1 63 PHE n 
1 64 ARG n 
1 65 VAL n 
1 66 LEU n 
1 67 ASN n 
1 68 ALA n 
1 69 ASP n 
1 70 SER n 
1 71 ARG n 
1 72 ARG n 
1 73 VAL n 
1 74 HIS n 
1 75 LEU n 
1 76 LEU n 
1 77 ARG n 
1 78 LEU n 
1 79 SER n 
1 80 PRO n 
1 81 LEU n 
1 82 GLN n 
1 83 ASN n 
# 
_entity_src_gen.entity_id                          1 
_entity_src_gen.pdbx_src_id                        1 
_entity_src_gen.pdbx_alt_source_flag               sample 
_entity_src_gen.pdbx_seq_type                      ? 
_entity_src_gen.pdbx_beg_seq_num                   ? 
_entity_src_gen.pdbx_end_seq_num                   ? 
_entity_src_gen.gene_src_common_name               ? 
_entity_src_gen.gene_src_genus                     ? 
_entity_src_gen.pdbx_gene_src_gene                 'GI:15599178, PA3983' 
_entity_src_gen.gene_src_species                   ? 
_entity_src_gen.gene_src_strain                    PAO1 
_entity_src_gen.gene_src_tissue                    ? 
_entity_src_gen.gene_src_tissue_fraction           ? 
_entity_src_gen.gene_src_details                   ? 
_entity_src_gen.pdbx_gene_src_fragment             ? 
_entity_src_gen.pdbx_gene_src_scientific_name      'Pseudomonas aeruginosa' 
_entity_src_gen.pdbx_gene_src_ncbi_taxonomy_id     287 
_entity_src_gen.pdbx_gene_src_variant              ? 
_entity_src_gen.pdbx_gene_src_cell_line            ? 
_entity_src_gen.pdbx_gene_src_atcc                 ? 
_entity_src_gen.pdbx_gene_src_organ                ? 
_entity_src_gen.pdbx_gene_src_organelle            ? 
_entity_src_gen.pdbx_gene_src_cell                 ? 
_entity_src_gen.pdbx_gene_src_cellular_location    ? 
_entity_src_gen.host_org_common_name               ? 
_entity_src_gen.pdbx_host_org_scientific_name      'Escherichia coli' 
_entity_src_gen.pdbx_host_org_ncbi_taxonomy_id     511693 
_entity_src_gen.host_org_genus                     ? 
_entity_src_gen.pdbx_host_org_gene                 ? 
_entity_src_gen.pdbx_host_org_organ                ? 
_entity_src_gen.host_org_species                   ? 
_entity_src_gen.pdbx_host_org_tissue               ? 
_entity_src_gen.pdbx_host_org_tissue_fraction      ? 
_entity_src_gen.pdbx_host_org_strain               BL21 
_entity_src_gen.pdbx_host_org_variant              ? 
_entity_src_gen.pdbx_host_org_cell_line            ? 
_entity_src_gen.pdbx_host_org_atcc                 ? 
_entity_src_gen.pdbx_host_org_culture_collection   ? 
_entity_src_gen.pdbx_host_org_cell                 ? 
_entity_src_gen.pdbx_host_org_organelle            ? 
_entity_src_gen.pdbx_host_org_cellular_location    ? 
_entity_src_gen.pdbx_host_org_vector_type          PLASMID 
_entity_src_gen.pdbx_host_org_vector               ? 
_entity_src_gen.host_org_details                   ? 
_entity_src_gen.expression_system_id               ? 
_entity_src_gen.plasmid_name                       pMCSG7 
_entity_src_gen.plasmid_details                    ? 
_entity_src_gen.pdbx_description                   ? 
# 
loop_
_chem_comp.id 
_chem_comp.type 
_chem_comp.mon_nstd_flag 
_chem_comp.name 
_chem_comp.pdbx_synonyms 
_chem_comp.formula 
_chem_comp.formula_weight 
ALA 'L-peptide linking' y ALANINE         ? 'C3 H7 N O2'     89.093  
ARG 'L-peptide linking' y ARGININE        ? 'C6 H15 N4 O2 1' 175.209 
ASN 'L-peptide linking' y ASPARAGINE      ? 'C4 H8 N2 O3'    132.118 
ASP 'L-peptide linking' y 'ASPARTIC ACID' ? 'C4 H7 N O4'     133.103 
GLN 'L-peptide linking' y GLUTAMINE       ? 'C5 H10 N2 O3'   146.144 
GLU 'L-peptide linking' y 'GLUTAMIC ACID' ? 'C5 H9 N O4'     147.129 
GLY 'peptide linking'   y GLYCINE         ? 'C2 H5 N O2'     75.067  
HIS 'L-peptide linking' y HISTIDINE       ? 'C6 H10 N3 O2 1' 156.162 
HOH non-polymer         . WATER           ? 'H2 O'           18.015  
ILE 'L-peptide linking' y ISOLEUCINE      ? 'C6 H13 N O2'    131.173 
LEU 'L-peptide linking' y LEUCINE         ? 'C6 H13 N O2'    131.173 
LYS 'L-peptide linking' y LYSINE          ? 'C6 H15 N2 O2 1' 147.195 
MET 'L-peptide linking' y METHIONINE      ? 'C5 H11 N O2 S'  149.211 
PHE 'L-peptide linking' y PHENYLALANINE   ? 'C9 H11 N O2'    165.189 
PRO 'L-peptide linking' y PROLINE         ? 'C5 H9 N O2'     115.130 
SER 'L-peptide linking' y SERINE          ? 'C3 H7 N O3'     105.093 
THR 'L-peptide linking' y THREONINE       ? 'C4 H9 N O3'     119.119 
TYR 'L-peptide linking' y TYROSINE        ? 'C9 H11 N O3'    181.189 
VAL 'L-peptide linking' y VALINE          ? 'C5 H11 N O2'    117.146 
# 
loop_
_pdbx_poly_seq_scheme.asym_id 
_pdbx_poly_seq_scheme.entity_id 
_pdbx_poly_seq_scheme.seq_id 
_pdbx_poly_seq_scheme.mon_id 
_pdbx_poly_seq_scheme.ndb_seq_num 
_pdbx_poly_seq_scheme.pdb_seq_num 
_pdbx_poly_seq_scheme.auth_seq_num 
_pdbx_poly_seq_scheme.pdb_mon_id 
_pdbx_poly_seq_scheme.auth_mon_id 
_pdbx_poly_seq_scheme.pdb_strand_id 
_pdbx_poly_seq_scheme.pdb_ins_code 
_pdbx_poly_seq_scheme.hetero 
A 1 1  SER 1  1  1  SER SER A . n 
A 1 2  TYR 2  2  2  TYR TYR A . n 
A 1 3  ILE 3  3  3  ILE ILE A . n 
A 1 4  LYS 4  4  4  LYS LYS A . n 
A 1 5  PRO 5  5  5  PRO PRO A . n 
A 1 6  LEU 6  6  6  LEU LEU A . n 
A 1 7  PRO 7  7  7  PRO PRO A . n 
A 1 8  SER 8  8  8  SER SER A . n 
A 1 9  GLY 9  9  9  GLY GLY A . n 
A 1 10 ASP 10 10 10 ASP ASP A . n 
A 1 11 PHE 11 11 11 PHE PHE A . n 
A 1 12 ILE 12 12 12 ILE ILE A . n 
A 1 13 VAL 13 13 13 VAL VAL A . n 
A 1 14 LYS 14 14 14 LYS LYS A . n 
A 1 15 ALA 15 15 15 ALA ALA A . n 
A 1 16 LEU 16 16 16 LEU LEU A . n 
A 1 17 THR 17 17 17 THR THR A . n 
A 1 18 PRO 18 18 18 PRO PRO A . n 
A 1 19 VAL 19 19 19 VAL VAL A . n 
A 1 20 ASP 20 20 20 ASP ASP A . n 
A 1 21 ALA 21 21 21 ALA ALA A . n 
A 1 22 PHE 22 22 22 PHE PHE A . n 
A 1 23 ASN 23 23 23 ASN ASN A . n 
A 1 24 ASP 24 24 24 ASP ASP A . n 
A 1 25 PHE 25 25 25 PHE PHE A . n 
A 1 26 PHE 26 26 26 PHE PHE A . n 
A 1 27 GLY 27 27 27 GLY GLY A . n 
A 1 28 SER 28 28 28 SER SER A . n 
A 1 29 GLU 29 29 29 GLU GLU A . n 
A 1 30 PHE 30 30 30 PHE PHE A . n 
A 1 31 SER 31 31 31 SER SER A . n 
A 1 32 ASP 32 32 32 ASP ASP A . n 
A 1 33 GLU 33 33 33 GLU GLU A . n 
A 1 34 GLU 34 34 34 GLU GLU A . n 
A 1 35 PHE 35 35 35 PHE PHE A . n 
A 1 36 ASP 36 36 36 ASP ASP A . n 
A 1 37 THR 37 37 37 THR THR A . n 
A 1 38 VAL 38 38 38 VAL VAL A . n 
A 1 39 GLY 39 39 39 GLY GLY A . n 
A 1 40 GLY 40 40 40 GLY GLY A . n 
A 1 41 LEU 41 41 41 LEU LEU A . n 
A 1 42 VAL 42 42 42 VAL VAL A . n 
A 1 43 MET 43 43 43 MET MET A . n 
A 1 44 SER 44 44 44 SER SER A . n 
A 1 45 ALA 45 45 45 ALA ALA A . n 
A 1 46 PHE 46 46 46 PHE PHE A . n 
A 1 47 GLY 47 47 47 GLY GLY A . n 
A 1 48 HIS 48 48 48 HIS HIS A . n 
A 1 49 LEU 49 49 49 LEU LEU A . n 
A 1 50 PRO 50 50 50 PRO PRO A . n 
A 1 51 LYS 51 51 51 LYS LYS A . n 
A 1 52 ARG 52 52 52 ARG ARG A . n 
A 1 53 ASN 53 53 53 ASN ASN A . n 
A 1 54 GLU 54 54 54 GLU GLU A . n 
A 1 55 VAL 55 55 55 VAL VAL A . n 
A 1 56 VAL 56 56 56 VAL VAL A . n 
A 1 57 GLU 57 57 57 GLU GLU A . n 
A 1 58 LEU 58 58 58 LEU LEU A . n 
A 1 59 GLY 59 59 59 GLY GLY A . n 
A 1 60 GLU 60 60 60 GLU GLU A . n 
A 1 61 PHE 61 61 61 PHE PHE A . n 
A 1 62 ARG 62 62 62 ARG ARG A . n 
A 1 63 PHE 63 63 63 PHE PHE A . n 
A 1 64 ARG 64 64 64 ARG ARG A . n 
A 1 65 VAL 65 65 65 VAL VAL A . n 
A 1 66 LEU 66 66 66 LEU LEU A . n 
A 1 67 ASN 67 67 67 ASN ASN A . n 
A 1 68 ALA 68 68 68 ALA ALA A . n 
A 1 69 ASP 69 69 69 ASP ASP A . n 
A 1 70 SER 70 70 70 SER SER A . n 
A 1 71 ARG 71 71 71 ARG ARG A . n 
A 1 72 ARG 72 72 72 ARG ARG A . n 
A 1 73 VAL 73 73 73 VAL VAL A . n 
A 1 74 HIS 74 74 74 HIS HIS A . n 
A 1 75 LEU 75 75 75 LEU LEU A . n 
A 1 76 LEU 76 76 76 LEU LEU A . n 
A 1 77 ARG 77 77 77 ARG ARG A . n 
A 1 78 LEU 78 78 78 LEU LEU A . n 
A 1 79 SER 79 79 79 SER SER A . n 
A 1 80 PRO 80 80 80 PRO PRO A . n 
A 1 81 LEU 81 81 81 LEU LEU A . n 
A 1 82 GLN 82 82 ?  ?   ?   A . n 
A 1 83 ASN 83 83 ?  ?   ?   A . n 
# 
loop_
_pdbx_nonpoly_scheme.asym_id 
_pdbx_nonpoly_scheme.entity_id 
_pdbx_nonpoly_scheme.mon_id 
_pdbx_nonpoly_scheme.ndb_seq_num 
_pdbx_nonpoly_scheme.pdb_seq_num 
_pdbx_nonpoly_scheme.auth_seq_num 
_pdbx_nonpoly_scheme.pdb_mon_id 
_pdbx_nonpoly_scheme.auth_mon_id 
_pdbx_nonpoly_scheme.pdb_strand_id 
_pdbx_nonpoly_scheme.pdb_ins_code 
B 2 HOH 1  84  1  HOH HOH A . 
B 2 HOH 2  85  2  HOH HOH A . 
B 2 HOH 3  86  4  HOH HOH A . 
B 2 HOH 4  87  6  HOH HOH A . 
B 2 HOH 5  88  7  HOH HOH A . 
B 2 HOH 6  89  8  HOH HOH A . 
B 2 HOH 7  90  11 HOH HOH A . 
B 2 HOH 8  91  12 HOH HOH A . 
B 2 HOH 9  92  13 HOH HOH A . 
B 2 HOH 10 93  20 HOH HOH A . 
B 2 HOH 11 94  21 HOH HOH A . 
B 2 HOH 12 95  22 HOH HOH A . 
B 2 HOH 13 96  23 HOH HOH A . 
B 2 HOH 14 97  24 HOH HOH A . 
B 2 HOH 15 98  26 HOH HOH A . 
B 2 HOH 16 99  28 HOH HOH A . 
B 2 HOH 17 100 37 HOH HOH A . 
B 2 HOH 18 101 41 HOH HOH A . 
B 2 HOH 19 102 43 HOH HOH A . 
B 2 HOH 20 103 52 HOH HOH A . 
B 2 HOH 21 104 59 HOH HOH A . 
B 2 HOH 22 105 65 HOH HOH A . 
B 2 HOH 23 106 67 HOH HOH A . 
B 2 HOH 24 107 1  HOH HOH A . 
B 2 HOH 25 108 2  HOH HOH A . 
B 2 HOH 26 109 4  HOH HOH A . 
B 2 HOH 27 110 25 HOH HOH A . 
B 2 HOH 28 111 29 HOH HOH A . 
B 2 HOH 29 112 30 HOH HOH A . 
B 2 HOH 30 113 1  HOH HOH A . 
B 2 HOH 31 114 3  HOH HOH A . 
B 2 HOH 32 115 5  HOH HOH A . 
B 2 HOH 33 116 24 HOH HOH A . 
B 2 HOH 34 117 13 HOH HOH A . 
B 2 HOH 35 118 1  HOH HOH A . 
B 2 HOH 36 119 3  HOH HOH A . 
B 2 HOH 37 120 17 HOH HOH A . 
B 2 HOH 38 121 18 HOH HOH A . 
B 2 HOH 39 122 1  HOH HOH A . 
B 2 HOH 40 123 4  HOH HOH A . 
B 2 HOH 41 124 25 HOH HOH A . 
B 2 HOH 42 125 2  HOH HOH A . 
B 2 HOH 43 126 6  HOH HOH A . 
B 2 HOH 44 127 30 HOH HOH A . 
B 2 HOH 45 128 31 HOH HOH A . 
# 
loop_
_software.name 
_software.classification 
_software.version 
_software.citation_id 
_software.pdbx_ordinal 
SBC-Collect 'data collection' .        ? 1 
HKL-3000    phasing           .        ? 2 
REFMAC      refinement        5.5.0102 ? 3 
HKL-3000    'data reduction'  .        ? 4 
HKL-3000    'data scaling'    .        ? 5 
# 
_cell.entry_id           3LLB 
_cell.length_a           73.034 
_cell.length_b           73.034 
_cell.length_c           30.728 
_cell.angle_alpha        90.00 
_cell.angle_beta         90.00 
_cell.angle_gamma        90.00 
_cell.Z_PDB              8 
_cell.pdbx_unique_axis   ? 
_cell.length_a_esd       ? 
_cell.length_b_esd       ? 
_cell.length_c_esd       ? 
_cell.angle_alpha_esd    ? 
_cell.angle_beta_esd     ? 
_cell.angle_gamma_esd    ? 
# 
_symmetry.entry_id                         3LLB 
_symmetry.space_group_name_H-M             'P 41 21 2' 
_symmetry.pdbx_full_space_group_name_H-M   ? 
_symmetry.cell_setting                     ? 
_symmetry.Int_Tables_number                92 
_symmetry.space_group_name_Hall            ? 
# 
_exptl.entry_id          3LLB 
_exptl.method            'X-RAY DIFFRACTION' 
_exptl.crystals_number   1 
# 
_exptl_crystal.id                    1 
_exptl_crystal.density_meas          ? 
_exptl_crystal.density_Matthews      2.19 
_exptl_crystal.density_percent_sol   43.75 
_exptl_crystal.description           ? 
_exptl_crystal.F_000                 ? 
_exptl_crystal.preparation           ? 
# 
_exptl_crystal_grow.crystal_id      1 
_exptl_crystal_grow.method          'VAPOR DIFFUSION, SITTING DROP' 
_exptl_crystal_grow.temp            289 
_exptl_crystal_grow.temp_details    ? 
_exptl_crystal_grow.pH              5.5 
_exptl_crystal_grow.pdbx_details    
'25% PEG3350, MgCl2 0.2M, Bis-Tris 0.1M, pH 5.5, VAPOR DIFFUSION, SITTING DROP, temperature 289K' 
_exptl_crystal_grow.pdbx_pH_range   ? 
# 
_diffrn.id                     1 
_diffrn.ambient_temp           100 
_diffrn.ambient_temp_details   ? 
_diffrn.crystal_id             1 
# 
_diffrn_detector.diffrn_id              1 
_diffrn_detector.detector               CCD 
_diffrn_detector.type                   'ADSC QUANTUM 315r' 
_diffrn_detector.pdbx_collection_date   2009-12-03 
_diffrn_detector.details                mirrors 
# 
_diffrn_radiation.diffrn_id                        1 
_diffrn_radiation.wavelength_id                    1 
_diffrn_radiation.pdbx_monochromatic_or_laue_m_l   M 
_diffrn_radiation.monochromator                    'Si 111 CHANNEL' 
_diffrn_radiation.pdbx_diffrn_protocol             'SINGLE WAVELENGTH' 
_diffrn_radiation.pdbx_scattering_type             x-ray 
# 
_diffrn_radiation_wavelength.id           1 
_diffrn_radiation_wavelength.wavelength   0.9796 
_diffrn_radiation_wavelength.wt           1.0 
# 
_diffrn_source.diffrn_id                   1 
_diffrn_source.source                      SYNCHROTRON 
_diffrn_source.type                        'APS BEAMLINE 19-ID' 
_diffrn_source.pdbx_synchrotron_site       APS 
_diffrn_source.pdbx_synchrotron_beamline   19-ID 
_diffrn_source.pdbx_wavelength             ? 
_diffrn_source.pdbx_wavelength_list        0.9796 
# 
_reflns.entry_id                     3LLB 
_reflns.observed_criterion_sigma_I   2.0 
_reflns.observed_criterion_sigma_F   2.0 
_reflns.d_resolution_low             51.64 
_reflns.d_resolution_high            1.8 
_reflns.number_obs                   7457 
_reflns.number_all                   7735 
_reflns.percent_possible_obs         96.45 
_reflns.pdbx_Rmerge_I_obs            0.055 
_reflns.pdbx_Rsym_value              ? 
_reflns.pdbx_netI_over_sigmaI        57.03 
_reflns.B_iso_Wilson_estimate        ? 
_reflns.pdbx_redundancy              15.7 
_reflns.R_free_details               ? 
_reflns.limit_h_max                  ? 
_reflns.limit_h_min                  ? 
_reflns.limit_k_max                  ? 
_reflns.limit_k_min                  ? 
_reflns.limit_l_max                  ? 
_reflns.limit_l_min                  ? 
_reflns.observed_criterion_F_max     ? 
_reflns.observed_criterion_F_min     ? 
_reflns.pdbx_chi_squared             ? 
_reflns.pdbx_scaling_rejects         ? 
_reflns.pdbx_diffrn_id               1 
_reflns.pdbx_ordinal                 1 
# 
_reflns_shell.d_res_high             1.80 
_reflns_shell.d_res_low              1.847 
_reflns_shell.percent_possible_all   77.74 
_reflns_shell.Rmerge_I_obs           0.442 
_reflns_shell.pdbx_Rsym_value        ? 
_reflns_shell.meanI_over_sigI_obs    3.1 
_reflns_shell.pdbx_redundancy        7.8 
_reflns_shell.percent_possible_obs   ? 
_reflns_shell.number_unique_all      566 
_reflns_shell.number_measured_all    ? 
_reflns_shell.number_measured_obs    ? 
_reflns_shell.number_unique_obs      ? 
_reflns_shell.pdbx_chi_squared       ? 
_reflns_shell.pdbx_diffrn_id         ? 
_reflns_shell.pdbx_ordinal           1 
# 
_refine.entry_id                                 3LLB 
_refine.ls_number_reflns_obs                     7457 
_refine.ls_number_reflns_all                     7735 
_refine.pdbx_ls_sigma_I                          . 
_refine.pdbx_ls_sigma_F                          . 
_refine.pdbx_data_cutoff_high_absF               ? 
_refine.pdbx_data_cutoff_low_absF                ? 
_refine.pdbx_data_cutoff_high_rms_absF           ? 
_refine.ls_d_res_low                             51.64 
_refine.ls_d_res_high                            1.80 
_refine.ls_percent_reflns_obs                    96.45 
_refine.ls_R_factor_obs                          0.18383 
_refine.ls_R_factor_all                          ? 
_refine.ls_R_factor_R_work                       0.18073 
_refine.ls_R_factor_R_free                       0.24337 
_refine.ls_R_factor_R_free_error                 ? 
_refine.ls_R_factor_R_free_error_details         ? 
_refine.ls_percent_reflns_R_free                 4.7 
_refine.ls_number_reflns_R_free                  367 
_refine.ls_number_parameters                     ? 
_refine.ls_number_restraints                     ? 
_refine.occupancy_min                            ? 
_refine.occupancy_max                            ? 
_refine.correlation_coeff_Fo_to_Fc               0.963 
_refine.correlation_coeff_Fo_to_Fc_free          0.937 
_refine.B_iso_mean                               11.429 
_refine.aniso_B[1][1]                            0.76 
_refine.aniso_B[2][2]                            0.76 
_refine.aniso_B[3][3]                            -1.52 
_refine.aniso_B[1][2]                            0.00 
_refine.aniso_B[1][3]                            0.00 
_refine.aniso_B[2][3]                            0.00 
_refine.solvent_model_details                    MASK 
_refine.solvent_model_param_ksol                 ? 
_refine.solvent_model_param_bsol                 ? 
_refine.pdbx_solvent_vdw_probe_radii             1.40 
_refine.pdbx_solvent_ion_probe_radii             0.80 
_refine.pdbx_solvent_shrinkage_radii             0.80 
_refine.pdbx_ls_cross_valid_method               THROUGHOUT 
_refine.details                                  'HYDROGENS HAVE BEEN ADDED IN THE RIDING POSITIONS' 
_refine.pdbx_starting_model                      ? 
_refine.pdbx_method_to_determine_struct          SAD 
_refine.pdbx_isotropic_thermal_model             ? 
_refine.pdbx_stereochemistry_target_values       'MAXIMUM LIKELIHOOD WITH PHASES' 
_refine.pdbx_stereochem_target_val_spec_case     ? 
_refine.pdbx_R_Free_selection_details            RANDOM 
_refine.pdbx_overall_ESU_R                       0.268 
_refine.pdbx_overall_ESU_R_Free                  0.139 
_refine.overall_SU_ML                            0.117 
_refine.overall_SU_B                             8.510 
_refine.ls_redundancy_reflns_obs                 ? 
_refine.B_iso_min                                ? 
_refine.B_iso_max                                ? 
_refine.overall_SU_R_Cruickshank_DPI             ? 
_refine.overall_SU_R_free                        ? 
_refine.ls_wR_factor_R_free                      ? 
_refine.ls_wR_factor_R_work                      ? 
_refine.overall_FOM_free_R_set                   ? 
_refine.overall_FOM_work_R_set                   ? 
_refine.pdbx_overall_phase_error                 ? 
_refine.pdbx_refine_id                           'X-RAY DIFFRACTION' 
_refine.pdbx_diffrn_id                           1 
_refine.pdbx_TLS_residual_ADP_flag               ? 
_refine.pdbx_overall_SU_R_free_Cruickshank_DPI   ? 
_refine.pdbx_overall_SU_R_Blow_DPI               ? 
_refine.pdbx_overall_SU_R_free_Blow_DPI          ? 
# 
_refine_hist.pdbx_refine_id                   'X-RAY DIFFRACTION' 
_refine_hist.cycle_id                         LAST 
_refine_hist.pdbx_number_atoms_protein        645 
_refine_hist.pdbx_number_atoms_nucleic_acid   0 
_refine_hist.pdbx_number_atoms_ligand         0 
_refine_hist.number_atoms_solvent             45 
_refine_hist.number_atoms_total               690 
_refine_hist.d_res_high                       1.80 
_refine_hist.d_res_low                        51.64 
# 
loop_
_refine_ls_restr.type 
_refine_ls_restr.dev_ideal 
_refine_ls_restr.dev_ideal_target 
_refine_ls_restr.weight 
_refine_ls_restr.number 
_refine_ls_restr.pdbx_refine_id 
_refine_ls_restr.pdbx_restraint_function 
r_bond_refined_d       0.022  0.022  ? 677  'X-RAY DIFFRACTION' ? 
r_bond_other_d         0.002  0.020  ? 473  'X-RAY DIFFRACTION' ? 
r_angle_refined_deg    1.901  1.965  ? 915  'X-RAY DIFFRACTION' ? 
r_angle_other_deg      1.098  3.000  ? 1140 'X-RAY DIFFRACTION' ? 
r_dihedral_angle_1_deg 7.076  5.000  ? 82   'X-RAY DIFFRACTION' ? 
r_dihedral_angle_2_deg 30.687 23.143 ? 35   'X-RAY DIFFRACTION' ? 
r_dihedral_angle_3_deg 14.282 15.000 ? 109  'X-RAY DIFFRACTION' ? 
r_dihedral_angle_4_deg 28.702 15.000 ? 6    'X-RAY DIFFRACTION' ? 
r_chiral_restr         0.112  0.200  ? 99   'X-RAY DIFFRACTION' ? 
r_gen_planes_refined   0.007  0.021  ? 760  'X-RAY DIFFRACTION' ? 
r_gen_planes_other     0.001  0.020  ? 154  'X-RAY DIFFRACTION' ? 
r_mcbond_it            1.702  1.500  ? 413  'X-RAY DIFFRACTION' ? 
r_mcbond_other         0.518  1.500  ? 166  'X-RAY DIFFRACTION' ? 
r_mcangle_it           2.734  2.000  ? 666  'X-RAY DIFFRACTION' ? 
r_scbond_it            4.186  3.000  ? 264  'X-RAY DIFFRACTION' ? 
r_scangle_it           6.353  4.500  ? 249  'X-RAY DIFFRACTION' ? 
r_rigid_bond_restr     2.071  3.000  ? 1150 'X-RAY DIFFRACTION' ? 
# 
_refine_ls_shell.pdbx_total_number_of_bins_used   20 
_refine_ls_shell.d_res_high                       1.801 
_refine_ls_shell.d_res_low                        1.847 
_refine_ls_shell.number_reflns_R_work             415 
_refine_ls_shell.R_factor_R_work                  0.206 
_refine_ls_shell.percent_reflns_obs               77.74 
_refine_ls_shell.R_factor_R_free                  0.324 
_refine_ls_shell.R_factor_R_free_error            ? 
_refine_ls_shell.percent_reflns_R_free            ? 
_refine_ls_shell.number_reflns_R_free             25 
_refine_ls_shell.number_reflns_all                ? 
_refine_ls_shell.R_factor_all                     ? 
_refine_ls_shell.number_reflns_obs                440 
_refine_ls_shell.redundancy_reflns_obs            ? 
_refine_ls_shell.pdbx_refine_id                   'X-RAY DIFFRACTION' 
# 
_struct.entry_id                  3LLB 
_struct.title                     
'The crystal structure of the protein PA3983 with unknown function from Pseudomonas aeruginosa PAO1' 
_struct.pdbx_model_details        ? 
_struct.pdbx_CASP_flag            ? 
_struct.pdbx_model_type_details   ? 
# 
_struct_keywords.entry_id        3LLB 
_struct_keywords.pdbx_keywords   'Structural Genomics, Unknown function' 
_struct_keywords.text            
;protein PA3983, unknown function, structural genomics, PSI2, MCSG, Protein Structure Initiative, Midwest Center for Structural Genomics
;
# 
loop_
_struct_asym.id 
_struct_asym.pdbx_blank_PDB_chainid_flag 
_struct_asym.pdbx_modified 
_struct_asym.entity_id 
_struct_asym.details 
A N N 1 ? 
B N N 2 ? 
# 
_struct_ref.id                         1 
_struct_ref.db_name                    UNP 
_struct_ref.db_code                    Q9HX36_PSEAE 
_struct_ref.pdbx_db_accession          Q9HX36 
_struct_ref.entity_id                  1 
_struct_ref.pdbx_seq_one_letter_code   
;SYIKPLPSGDFIVKALTPVDAFNDFFGSEFSDEEFDTVGGLVMSAFGHLPKRNEVVELGEFRFRVLNADSRRVHLLRLSP
LQN
;
_struct_ref.pdbx_align_begin           197 
_struct_ref.pdbx_db_isoform            ? 
# 
_struct_ref_seq.align_id                      1 
_struct_ref_seq.ref_id                        1 
_struct_ref_seq.pdbx_PDB_id_code              3LLB 
_struct_ref_seq.pdbx_strand_id                A 
_struct_ref_seq.seq_align_beg                 1 
_struct_ref_seq.pdbx_seq_align_beg_ins_code   ? 
_struct_ref_seq.seq_align_end                 83 
_struct_ref_seq.pdbx_seq_align_end_ins_code   ? 
_struct_ref_seq.pdbx_db_accession             Q9HX36 
_struct_ref_seq.db_align_beg                  197 
_struct_ref_seq.pdbx_db_align_beg_ins_code    ? 
_struct_ref_seq.db_align_end                  279 
_struct_ref_seq.pdbx_db_align_end_ins_code    ? 
_struct_ref_seq.pdbx_auth_seq_align_beg       1 
_struct_ref_seq.pdbx_auth_seq_align_end       83 
# 
_pdbx_struct_assembly.id                   1 
_pdbx_struct_assembly.details              author_and_software_defined_assembly 
_pdbx_struct_assembly.method_details       PISA 
_pdbx_struct_assembly.oligomeric_details   monomeric 
_pdbx_struct_assembly.oligomeric_count     1 
# 
_pdbx_struct_assembly_gen.assembly_id       1 
_pdbx_struct_assembly_gen.oper_expression   1 
_pdbx_struct_assembly_gen.asym_id_list      A,B 
# 
_pdbx_struct_oper_list.id                   1 
_pdbx_struct_oper_list.type                 'identity operation' 
_pdbx_struct_oper_list.name                 1_555 
_pdbx_struct_oper_list.symmetry_operation   x,y,z 
_pdbx_struct_oper_list.matrix[1][1]         1.0000000000 
_pdbx_struct_oper_list.matrix[1][2]         0.0000000000 
_pdbx_struct_oper_list.matrix[1][3]         0.0000000000 
_pdbx_struct_oper_list.vector[1]            0.0000000000 
_pdbx_struct_oper_list.matrix[2][1]         0.0000000000 
_pdbx_struct_oper_list.matrix[2][2]         1.0000000000 
_pdbx_struct_oper_list.matrix[2][3]         0.0000000000 
_pdbx_struct_oper_list.vector[2]            0.0000000000 
_pdbx_struct_oper_list.matrix[3][1]         0.0000000000 
_pdbx_struct_oper_list.matrix[3][2]         0.0000000000 
_pdbx_struct_oper_list.matrix[3][3]         1.0000000000 
_pdbx_struct_oper_list.vector[3]            0.0000000000 
# 
_struct_biol.id        1 
_struct_biol.details   ? 
# 
loop_
_struct_conf.conf_type_id 
_struct_conf.id 
_struct_conf.pdbx_PDB_helix_id 
_struct_conf.beg_label_comp_id 
_struct_conf.beg_label_asym_id 
_struct_conf.beg_label_seq_id 
_struct_conf.pdbx_beg_PDB_ins_code 
_struct_conf.end_label_comp_id 
_struct_conf.end_label_asym_id 
_struct_conf.end_label_seq_id 
_struct_conf.pdbx_end_PDB_ins_code 
_struct_conf.beg_auth_comp_id 
_struct_conf.beg_auth_asym_id 
_struct_conf.beg_auth_seq_id 
_struct_conf.end_auth_comp_id 
_struct_conf.end_auth_asym_id 
_struct_conf.end_auth_seq_id 
_struct_conf.pdbx_PDB_helix_class 
_struct_conf.details 
_struct_conf.pdbx_PDB_helix_length 
HELX_P HELX_P1 1 PRO A 18 ? GLY A 27 ? PRO A 18 GLY A 27 1 ? 10 
HELX_P HELX_P2 2 THR A 37 ? GLY A 47 ? THR A 37 GLY A 47 1 ? 11 
# 
_struct_conf_type.id          HELX_P 
_struct_conf_type.criteria    ? 
_struct_conf_type.reference   ? 
# 
_struct_sheet.id               A 
_struct_sheet.type             ? 
_struct_sheet.number_strands   5 
_struct_sheet.details          ? 
# 
loop_
_struct_sheet_order.sheet_id 
_struct_sheet_order.range_id_1 
_struct_sheet_order.range_id_2 
_struct_sheet_order.offset 
_struct_sheet_order.sense 
A 1 2 ? anti-parallel 
A 2 3 ? anti-parallel 
A 3 4 ? anti-parallel 
A 4 5 ? anti-parallel 
# 
loop_
_struct_sheet_range.sheet_id 
_struct_sheet_range.id 
_struct_sheet_range.beg_label_comp_id 
_struct_sheet_range.beg_label_asym_id 
_struct_sheet_range.beg_label_seq_id 
_struct_sheet_range.pdbx_beg_PDB_ins_code 
_struct_sheet_range.end_label_comp_id 
_struct_sheet_range.end_label_asym_id 
_struct_sheet_range.end_label_seq_id 
_struct_sheet_range.pdbx_end_PDB_ins_code 
_struct_sheet_range.beg_auth_comp_id 
_struct_sheet_range.beg_auth_asym_id 
_struct_sheet_range.beg_auth_seq_id 
_struct_sheet_range.end_auth_comp_id 
_struct_sheet_range.end_auth_asym_id 
_struct_sheet_range.end_auth_seq_id 
A 1 ILE A 3  ? PRO A 5  ? ILE A 3  PRO A 5  
A 2 PHE A 11 ? LYS A 14 ? PHE A 11 LYS A 14 
A 3 VAL A 73 ? PRO A 80 ? VAL A 73 PRO A 80 
A 4 PHE A 61 ? ALA A 68 ? PHE A 61 ALA A 68 
A 5 VAL A 55 ? LEU A 58 ? VAL A 55 LEU A 58 
# 
loop_
_pdbx_struct_sheet_hbond.sheet_id 
_pdbx_struct_sheet_hbond.range_id_1 
_pdbx_struct_sheet_hbond.range_id_2 
_pdbx_struct_sheet_hbond.range_1_label_atom_id 
_pdbx_struct_sheet_hbond.range_1_label_comp_id 
_pdbx_struct_sheet_hbond.range_1_label_asym_id 
_pdbx_struct_sheet_hbond.range_1_label_seq_id 
_pdbx_struct_sheet_hbond.range_1_PDB_ins_code 
_pdbx_struct_sheet_hbond.range_1_auth_atom_id 
_pdbx_struct_sheet_hbond.range_1_auth_comp_id 
_pdbx_struct_sheet_hbond.range_1_auth_asym_id 
_pdbx_struct_sheet_hbond.range_1_auth_seq_id 
_pdbx_struct_sheet_hbond.range_2_label_atom_id 
_pdbx_struct_sheet_hbond.range_2_label_comp_id 
_pdbx_struct_sheet_hbond.range_2_label_asym_id 
_pdbx_struct_sheet_hbond.range_2_label_seq_id 
_pdbx_struct_sheet_hbond.range_2_PDB_ins_code 
_pdbx_struct_sheet_hbond.range_2_auth_atom_id 
_pdbx_struct_sheet_hbond.range_2_auth_comp_id 
_pdbx_struct_sheet_hbond.range_2_auth_asym_id 
_pdbx_struct_sheet_hbond.range_2_auth_seq_id 
A 1 2 N LYS A 4  ? N LYS A 4  O ILE A 12 ? O ILE A 12 
A 2 3 N PHE A 11 ? N PHE A 11 O LEU A 78 ? O LEU A 78 
A 3 4 O HIS A 74 ? O HIS A 74 N ASN A 67 ? N ASN A 67 
A 4 5 O PHE A 63 ? O PHE A 63 N VAL A 56 ? N VAL A 56 
# 
_pdbx_validate_close_contact.id               1 
_pdbx_validate_close_contact.PDB_model_num    1 
_pdbx_validate_close_contact.auth_atom_id_1   O 
_pdbx_validate_close_contact.auth_asym_id_1   A 
_pdbx_validate_close_contact.auth_comp_id_1   GLY 
_pdbx_validate_close_contact.auth_seq_id_1    27 
_pdbx_validate_close_contact.PDB_ins_code_1   ? 
_pdbx_validate_close_contact.label_alt_id_1   ? 
_pdbx_validate_close_contact.auth_atom_id_2   O 
_pdbx_validate_close_contact.auth_asym_id_2   A 
_pdbx_validate_close_contact.auth_comp_id_2   HOH 
_pdbx_validate_close_contact.auth_seq_id_2    104 
_pdbx_validate_close_contact.PDB_ins_code_2   ? 
_pdbx_validate_close_contact.label_alt_id_2   ? 
_pdbx_validate_close_contact.dist             2.17 
# 
_pdbx_validate_rmsd_bond.id                        1 
_pdbx_validate_rmsd_bond.PDB_model_num             1 
_pdbx_validate_rmsd_bond.auth_atom_id_1            CG 
_pdbx_validate_rmsd_bond.auth_asym_id_1            A 
_pdbx_validate_rmsd_bond.auth_comp_id_1            GLU 
_pdbx_validate_rmsd_bond.auth_seq_id_1             29 
_pdbx_validate_rmsd_bond.PDB_ins_code_1            ? 
_pdbx_validate_rmsd_bond.label_alt_id_1            ? 
_pdbx_validate_rmsd_bond.auth_atom_id_2            CD 
_pdbx_validate_rmsd_bond.auth_asym_id_2            A 
_pdbx_validate_rmsd_bond.auth_comp_id_2            GLU 
_pdbx_validate_rmsd_bond.auth_seq_id_2             29 
_pdbx_validate_rmsd_bond.PDB_ins_code_2            ? 
_pdbx_validate_rmsd_bond.label_alt_id_2            ? 
_pdbx_validate_rmsd_bond.bond_value                1.616 
_pdbx_validate_rmsd_bond.bond_target_value         1.515 
_pdbx_validate_rmsd_bond.bond_deviation            0.101 
_pdbx_validate_rmsd_bond.bond_standard_deviation   0.015 
_pdbx_validate_rmsd_bond.linker_flag               N 
# 
loop_
_pdbx_validate_torsion.id 
_pdbx_validate_torsion.PDB_model_num 
_pdbx_validate_torsion.auth_comp_id 
_pdbx_validate_torsion.auth_asym_id 
_pdbx_validate_torsion.auth_seq_id 
_pdbx_validate_torsion.PDB_ins_code 
_pdbx_validate_torsion.label_alt_id 
_pdbx_validate_torsion.phi 
_pdbx_validate_torsion.psi 
1 1 ASN A 53 ? ? 80.38   -1.60   
2 1 ASP A 69 ? ? -108.02 -157.30 
# 
_pdbx_SG_project.id                    1 
_pdbx_SG_project.project_name          'PSI, Protein Structure Initiative' 
_pdbx_SG_project.full_name_of_center   'Midwest Center for Structural Genomics' 
_pdbx_SG_project.initial_of_center     MCSG 
# 
_pdbx_struct_special_symmetry.id              1 
_pdbx_struct_special_symmetry.PDB_model_num   1 
_pdbx_struct_special_symmetry.auth_asym_id    A 
_pdbx_struct_special_symmetry.auth_comp_id    HOH 
_pdbx_struct_special_symmetry.auth_seq_id     94 
_pdbx_struct_special_symmetry.PDB_ins_code    ? 
_pdbx_struct_special_symmetry.label_asym_id   B 
_pdbx_struct_special_symmetry.label_comp_id   HOH 
_pdbx_struct_special_symmetry.label_seq_id    . 
# 
_pdbx_refine_tls.pdbx_refine_id   'X-RAY DIFFRACTION' 
_pdbx_refine_tls.id               1 
_pdbx_refine_tls.details          ? 
_pdbx_refine_tls.method           refined 
_pdbx_refine_tls.origin_x         0.1484 
_pdbx_refine_tls.origin_y         -0.7076 
_pdbx_refine_tls.origin_z         -0.0539 
_pdbx_refine_tls.T[1][1]          0.0870 
_pdbx_refine_tls.T[2][2]          0.2930 
_pdbx_refine_tls.T[3][3]          0.0743 
_pdbx_refine_tls.T[1][2]          0.1287 
_pdbx_refine_tls.T[1][3]          -0.0427 
_pdbx_refine_tls.T[2][3]          -0.1089 
_pdbx_refine_tls.L[1][1]          3.1193 
_pdbx_refine_tls.L[2][2]          1.6864 
_pdbx_refine_tls.L[3][3]          3.7645 
_pdbx_refine_tls.L[1][2]          -0.1288 
_pdbx_refine_tls.L[1][3]          2.0135 
_pdbx_refine_tls.L[2][3]          1.1906 
_pdbx_refine_tls.S[1][1]          -0.1184 
_pdbx_refine_tls.S[1][2]          -0.2864 
_pdbx_refine_tls.S[1][3]          0.1384 
_pdbx_refine_tls.S[2][1]          -0.0900 
_pdbx_refine_tls.S[2][2]          -0.0724 
_pdbx_refine_tls.S[2][3]          0.0608 
_pdbx_refine_tls.S[3][1]          -0.1576 
_pdbx_refine_tls.S[3][2]          -0.2705 
_pdbx_refine_tls.S[3][3]          0.1908 
# 
loop_
_pdbx_refine_tls_group.pdbx_refine_id 
_pdbx_refine_tls_group.id 
_pdbx_refine_tls_group.refine_tls_id 
_pdbx_refine_tls_group.beg_auth_asym_id 
_pdbx_refine_tls_group.beg_auth_seq_id 
_pdbx_refine_tls_group.beg_label_asym_id 
_pdbx_refine_tls_group.beg_label_seq_id 
_pdbx_refine_tls_group.end_auth_asym_id 
_pdbx_refine_tls_group.end_auth_seq_id 
_pdbx_refine_tls_group.end_label_asym_id 
_pdbx_refine_tls_group.end_label_seq_id 
_pdbx_refine_tls_group.selection 
_pdbx_refine_tls_group.selection_details 
'X-RAY DIFFRACTION' 1 1 A 1  ? ? A 30 ? ? ? ? 
'X-RAY DIFFRACTION' 2 1 A 31 ? ? A 60 ? ? ? ? 
'X-RAY DIFFRACTION' 3 1 A 61 ? ? A 83 ? ? ? ? 
# 
loop_
_pdbx_unobs_or_zero_occ_residues.id 
_pdbx_unobs_or_zero_occ_residues.PDB_model_num 
_pdbx_unobs_or_zero_occ_residues.polymer_flag 
_pdbx_unobs_or_zero_occ_residues.occupancy_flag 
_pdbx_unobs_or_zero_occ_residues.auth_asym_id 
_pdbx_unobs_or_zero_occ_residues.auth_comp_id 
_pdbx_unobs_or_zero_occ_residues.auth_seq_id 
_pdbx_unobs_or_zero_occ_residues.PDB_ins_code 
_pdbx_unobs_or_zero_occ_residues.label_asym_id 
_pdbx_unobs_or_zero_occ_residues.label_comp_id 
_pdbx_unobs_or_zero_occ_residues.label_seq_id 
1 1 Y 1 A GLN 82 ? A GLN 82 
2 1 Y 1 A ASN 83 ? A ASN 83 
# 
loop_
_chem_comp_atom.comp_id 
_chem_comp_atom.atom_id 
_chem_comp_atom.type_symbol 
_chem_comp_atom.pdbx_aromatic_flag 
_chem_comp_atom.pdbx_stereo_config 
_chem_comp_atom.pdbx_ordinal 
ALA N    N N N 1   
ALA CA   C N S 2   
ALA C    C N N 3   
ALA O    O N N 4   
ALA CB   C N N 5   
ALA OXT  O N N 6   
ALA H    H N N 7   
ALA H2   H N N 8   
ALA HA   H N N 9   
ALA HB1  H N N 10  
ALA HB2  H N N 11  
ALA HB3  H N N 12  
ALA HXT  H N N 13  
ARG N    N N N 14  
ARG CA   C N S 15  
ARG C    C N N 16  
ARG O    O N N 17  
ARG CB   C N N 18  
ARG CG   C N N 19  
ARG CD   C N N 20  
ARG NE   N N N 21  
ARG CZ   C N N 22  
ARG NH1  N N N 23  
ARG NH2  N N N 24  
ARG OXT  O N N 25  
ARG H    H N N 26  
ARG H2   H N N 27  
ARG HA   H N N 28  
ARG HB2  H N N 29  
ARG HB3  H N N 30  
ARG HG2  H N N 31  
ARG HG3  H N N 32  
ARG HD2  H N N 33  
ARG HD3  H N N 34  
ARG HE   H N N 35  
ARG HH11 H N N 36  
ARG HH12 H N N 37  
ARG HH21 H N N 38  
ARG HH22 H N N 39  
ARG HXT  H N N 40  
ASN N    N N N 41  
ASN CA   C N S 42  
ASN C    C N N 43  
ASN O    O N N 44  
ASN CB   C N N 45  
ASN CG   C N N 46  
ASN OD1  O N N 47  
ASN ND2  N N N 48  
ASN OXT  O N N 49  
ASN H    H N N 50  
ASN H2   H N N 51  
ASN HA   H N N 52  
ASN HB2  H N N 53  
ASN HB3  H N N 54  
ASN HD21 H N N 55  
ASN HD22 H N N 56  
ASN HXT  H N N 57  
ASP N    N N N 58  
ASP CA   C N S 59  
ASP C    C N N 60  
ASP O    O N N 61  
ASP CB   C N N 62  
ASP CG   C N N 63  
ASP OD1  O N N 64  
ASP OD2  O N N 65  
ASP OXT  O N N 66  
ASP H    H N N 67  
ASP H2   H N N 68  
ASP HA   H N N 69  
ASP HB2  H N N 70  
ASP HB3  H N N 71  
ASP HD2  H N N 72  
ASP HXT  H N N 73  
GLN N    N N N 74  
GLN CA   C N S 75  
GLN C    C N N 76  
GLN O    O N N 77  
GLN CB   C N N 78  
GLN CG   C N N 79  
GLN CD   C N N 80  
GLN OE1  O N N 81  
GLN NE2  N N N 82  
GLN OXT  O N N 83  
GLN H    H N N 84  
GLN H2   H N N 85  
GLN HA   H N N 86  
GLN HB2  H N N 87  
GLN HB3  H N N 88  
GLN HG2  H N N 89  
GLN HG3  H N N 90  
GLN HE21 H N N 91  
GLN HE22 H N N 92  
GLN HXT  H N N 93  
GLU N    N N N 94  
GLU CA   C N S 95  
GLU C    C N N 96  
GLU O    O N N 97  
GLU CB   C N N 98  
GLU CG   C N N 99  
GLU CD   C N N 100 
GLU OE1  O N N 101 
GLU OE2  O N N 102 
GLU OXT  O N N 103 
GLU H    H N N 104 
GLU H2   H N N 105 
GLU HA   H N N 106 
GLU HB2  H N N 107 
GLU HB3  H N N 108 
GLU HG2  H N N 109 
GLU HG3  H N N 110 
GLU HE2  H N N 111 
GLU HXT  H N N 112 
GLY N    N N N 113 
GLY CA   C N N 114 
GLY C    C N N 115 
GLY O    O N N 116 
GLY OXT  O N N 117 
GLY H    H N N 118 
GLY H2   H N N 119 
GLY HA2  H N N 120 
GLY HA3  H N N 121 
GLY HXT  H N N 122 
HIS N    N N N 123 
HIS CA   C N S 124 
HIS C    C N N 125 
HIS O    O N N 126 
HIS CB   C N N 127 
HIS CG   C Y N 128 
HIS ND1  N Y N 129 
HIS CD2  C Y N 130 
HIS CE1  C Y N 131 
HIS NE2  N Y N 132 
HIS OXT  O N N 133 
HIS H    H N N 134 
HIS H2   H N N 135 
HIS HA   H N N 136 
HIS HB2  H N N 137 
HIS HB3  H N N 138 
HIS HD1  H N N 139 
HIS HD2  H N N 140 
HIS HE1  H N N 141 
HIS HE2  H N N 142 
HIS HXT  H N N 143 
HOH O    O N N 144 
HOH H1   H N N 145 
HOH H2   H N N 146 
ILE N    N N N 147 
ILE CA   C N S 148 
ILE C    C N N 149 
ILE O    O N N 150 
ILE CB   C N S 151 
ILE CG1  C N N 152 
ILE CG2  C N N 153 
ILE CD1  C N N 154 
ILE OXT  O N N 155 
ILE H    H N N 156 
ILE H2   H N N 157 
ILE HA   H N N 158 
ILE HB   H N N 159 
ILE HG12 H N N 160 
ILE HG13 H N N 161 
ILE HG21 H N N 162 
ILE HG22 H N N 163 
ILE HG23 H N N 164 
ILE HD11 H N N 165 
ILE HD12 H N N 166 
ILE HD13 H N N 167 
ILE HXT  H N N 168 
LEU N    N N N 169 
LEU CA   C N S 170 
LEU C    C N N 171 
LEU O    O N N 172 
LEU CB   C N N 173 
LEU CG   C N N 174 
LEU CD1  C N N 175 
LEU CD2  C N N 176 
LEU OXT  O N N 177 
LEU H    H N N 178 
LEU H2   H N N 179 
LEU HA   H N N 180 
LEU HB2  H N N 181 
LEU HB3  H N N 182 
LEU HG   H N N 183 
LEU HD11 H N N 184 
LEU HD12 H N N 185 
LEU HD13 H N N 186 
LEU HD21 H N N 187 
LEU HD22 H N N 188 
LEU HD23 H N N 189 
LEU HXT  H N N 190 
LYS N    N N N 191 
LYS CA   C N S 192 
LYS C    C N N 193 
LYS O    O N N 194 
LYS CB   C N N 195 
LYS CG   C N N 196 
LYS CD   C N N 197 
LYS CE   C N N 198 
LYS NZ   N N N 199 
LYS OXT  O N N 200 
LYS H    H N N 201 
LYS H2   H N N 202 
LYS HA   H N N 203 
LYS HB2  H N N 204 
LYS HB3  H N N 205 
LYS HG2  H N N 206 
LYS HG3  H N N 207 
LYS HD2  H N N 208 
LYS HD3  H N N 209 
LYS HE2  H N N 210 
LYS HE3  H N N 211 
LYS HZ1  H N N 212 
LYS HZ2  H N N 213 
LYS HZ3  H N N 214 
LYS HXT  H N N 215 
MET N    N N N 216 
MET CA   C N S 217 
MET C    C N N 218 
MET O    O N N 219 
MET CB   C N N 220 
MET CG   C N N 221 
MET SD   S N N 222 
MET CE   C N N 223 
MET OXT  O N N 224 
MET H    H N N 225 
MET H2   H N N 226 
MET HA   H N N 227 
MET HB2  H N N 228 
MET HB3  H N N 229 
MET HG2  H N N 230 
MET HG3  H N N 231 
MET HE1  H N N 232 
MET HE2  H N N 233 
MET HE3  H N N 234 
MET HXT  H N N 235 
PHE N    N N N 236 
PHE CA   C N S 237 
PHE C    C N N 238 
PHE O    O N N 239 
PHE CB   C N N 240 
PHE CG   C Y N 241 
PHE CD1  C Y N 242 
PHE CD2  C Y N 243 
PHE CE1  C Y N 244 
PHE CE2  C Y N 245 
PHE CZ   C Y N 246 
PHE OXT  O N N 247 
PHE H    H N N 248 
PHE H2   H N N 249 
PHE HA   H N N 250 
PHE HB2  H N N 251 
PHE HB3  H N N 252 
PHE HD1  H N N 253 
PHE HD2  H N N 254 
PHE HE1  H N N 255 
PHE HE2  H N N 256 
PHE HZ   H N N 257 
PHE HXT  H N N 258 
PRO N    N N N 259 
PRO CA   C N S 260 
PRO C    C N N 261 
PRO O    O N N 262 
PRO CB   C N N 263 
PRO CG   C N N 264 
PRO CD   C N N 265 
PRO OXT  O N N 266 
PRO H    H N N 267 
PRO HA   H N N 268 
PRO HB2  H N N 269 
PRO HB3  H N N 270 
PRO HG2  H N N 271 
PRO HG3  H N N 272 
PRO HD2  H N N 273 
PRO HD3  H N N 274 
PRO HXT  H N N 275 
SER N    N N N 276 
SER CA   C N S 277 
SER C    C N N 278 
SER O    O N N 279 
SER CB   C N N 280 
SER OG   O N N 281 
SER OXT  O N N 282 
SER H    H N N 283 
SER H2   H N N 284 
SER HA   H N N 285 
SER HB2  H N N 286 
SER HB3  H N N 287 
SER HG   H N N 288 
SER HXT  H N N 289 
THR N    N N N 290 
THR CA   C N S 291 
THR C    C N N 292 
THR O    O N N 293 
THR CB   C N R 294 
THR OG1  O N N 295 
THR CG2  C N N 296 
THR OXT  O N N 297 
THR H    H N N 298 
THR H2   H N N 299 
THR HA   H N N 300 
THR HB   H N N 301 
THR HG1  H N N 302 
THR HG21 H N N 303 
THR HG22 H N N 304 
THR HG23 H N N 305 
THR HXT  H N N 306 
TYR N    N N N 307 
TYR CA   C N S 308 
TYR C    C N N 309 
TYR O    O N N 310 
TYR CB   C N N 311 
TYR CG   C Y N 312 
TYR CD1  C Y N 313 
TYR CD2  C Y N 314 
TYR CE1  C Y N 315 
TYR CE2  C Y N 316 
TYR CZ   C Y N 317 
TYR OH   O N N 318 
TYR OXT  O N N 319 
TYR H    H N N 320 
TYR H2   H N N 321 
TYR HA   H N N 322 
TYR HB2  H N N 323 
TYR HB3  H N N 324 
TYR HD1  H N N 325 
TYR HD2  H N N 326 
TYR HE1  H N N 327 
TYR HE2  H N N 328 
TYR HH   H N N 329 
TYR HXT  H N N 330 
VAL N    N N N 331 
VAL CA   C N S 332 
VAL C    C N N 333 
VAL O    O N N 334 
VAL CB   C N N 335 
VAL CG1  C N N 336 
VAL CG2  C N N 337 
VAL OXT  O N N 338 
VAL H    H N N 339 
VAL H2   H N N 340 
VAL HA   H N N 341 
VAL HB   H N N 342 
VAL HG11 H N N 343 
VAL HG12 H N N 344 
VAL HG13 H N N 345 
VAL HG21 H N N 346 
VAL HG22 H N N 347 
VAL HG23 H N N 348 
VAL HXT  H N N 349 
# 
loop_
_chem_comp_bond.comp_id 
_chem_comp_bond.atom_id_1 
_chem_comp_bond.atom_id_2 
_chem_comp_bond.value_order 
_chem_comp_bond.pdbx_aromatic_flag 
_chem_comp_bond.pdbx_stereo_config 
_chem_comp_bond.pdbx_ordinal 
ALA N   CA   sing N N 1   
ALA N   H    sing N N 2   
ALA N   H2   sing N N 3   
ALA CA  C    sing N N 4   
ALA CA  CB   sing N N 5   
ALA CA  HA   sing N N 6   
ALA C   O    doub N N 7   
ALA C   OXT  sing N N 8   
ALA CB  HB1  sing N N 9   
ALA CB  HB2  sing N N 10  
ALA CB  HB3  sing N N 11  
ALA OXT HXT  sing N N 12  
ARG N   CA   sing N N 13  
ARG N   H    sing N N 14  
ARG N   H2   sing N N 15  
ARG CA  C    sing N N 16  
ARG CA  CB   sing N N 17  
ARG CA  HA   sing N N 18  
ARG C   O    doub N N 19  
ARG C   OXT  sing N N 20  
ARG CB  CG   sing N N 21  
ARG CB  HB2  sing N N 22  
ARG CB  HB3  sing N N 23  
ARG CG  CD   sing N N 24  
ARG CG  HG2  sing N N 25  
ARG CG  HG3  sing N N 26  
ARG CD  NE   sing N N 27  
ARG CD  HD2  sing N N 28  
ARG CD  HD3  sing N N 29  
ARG NE  CZ   sing N N 30  
ARG NE  HE   sing N N 31  
ARG CZ  NH1  sing N N 32  
ARG CZ  NH2  doub N N 33  
ARG NH1 HH11 sing N N 34  
ARG NH1 HH12 sing N N 35  
ARG NH2 HH21 sing N N 36  
ARG NH2 HH22 sing N N 37  
ARG OXT HXT  sing N N 38  
ASN N   CA   sing N N 39  
ASN N   H    sing N N 40  
ASN N   H2   sing N N 41  
ASN CA  C    sing N N 42  
ASN CA  CB   sing N N 43  
ASN CA  HA   sing N N 44  
ASN C   O    doub N N 45  
ASN C   OXT  sing N N 46  
ASN CB  CG   sing N N 47  
ASN CB  HB2  sing N N 48  
ASN CB  HB3  sing N N 49  
ASN CG  OD1  doub N N 50  
ASN CG  ND2  sing N N 51  
ASN ND2 HD21 sing N N 52  
ASN ND2 HD22 sing N N 53  
ASN OXT HXT  sing N N 54  
ASP N   CA   sing N N 55  
ASP N   H    sing N N 56  
ASP N   H2   sing N N 57  
ASP CA  C    sing N N 58  
ASP CA  CB   sing N N 59  
ASP CA  HA   sing N N 60  
ASP C   O    doub N N 61  
ASP C   OXT  sing N N 62  
ASP CB  CG   sing N N 63  
ASP CB  HB2  sing N N 64  
ASP CB  HB3  sing N N 65  
ASP CG  OD1  doub N N 66  
ASP CG  OD2  sing N N 67  
ASP OD2 HD2  sing N N 68  
ASP OXT HXT  sing N N 69  
GLN N   CA   sing N N 70  
GLN N   H    sing N N 71  
GLN N   H2   sing N N 72  
GLN CA  C    sing N N 73  
GLN CA  CB   sing N N 74  
GLN CA  HA   sing N N 75  
GLN C   O    doub N N 76  
GLN C   OXT  sing N N 77  
GLN CB  CG   sing N N 78  
GLN CB  HB2  sing N N 79  
GLN CB  HB3  sing N N 80  
GLN CG  CD   sing N N 81  
GLN CG  HG2  sing N N 82  
GLN CG  HG3  sing N N 83  
GLN CD  OE1  doub N N 84  
GLN CD  NE2  sing N N 85  
GLN NE2 HE21 sing N N 86  
GLN NE2 HE22 sing N N 87  
GLN OXT HXT  sing N N 88  
GLU N   CA   sing N N 89  
GLU N   H    sing N N 90  
GLU N   H2   sing N N 91  
GLU CA  C    sing N N 92  
GLU CA  CB   sing N N 93  
GLU CA  HA   sing N N 94  
GLU C   O    doub N N 95  
GLU C   OXT  sing N N 96  
GLU CB  CG   sing N N 97  
GLU CB  HB2  sing N N 98  
GLU CB  HB3  sing N N 99  
GLU CG  CD   sing N N 100 
GLU CG  HG2  sing N N 101 
GLU CG  HG3  sing N N 102 
GLU CD  OE1  doub N N 103 
GLU CD  OE2  sing N N 104 
GLU OE2 HE2  sing N N 105 
GLU OXT HXT  sing N N 106 
GLY N   CA   sing N N 107 
GLY N   H    sing N N 108 
GLY N   H2   sing N N 109 
GLY CA  C    sing N N 110 
GLY CA  HA2  sing N N 111 
GLY CA  HA3  sing N N 112 
GLY C   O    doub N N 113 
GLY C   OXT  sing N N 114 
GLY OXT HXT  sing N N 115 
HIS N   CA   sing N N 116 
HIS N   H    sing N N 117 
HIS N   H2   sing N N 118 
HIS CA  C    sing N N 119 
HIS CA  CB   sing N N 120 
HIS CA  HA   sing N N 121 
HIS C   O    doub N N 122 
HIS C   OXT  sing N N 123 
HIS CB  CG   sing N N 124 
HIS CB  HB2  sing N N 125 
HIS CB  HB3  sing N N 126 
HIS CG  ND1  sing Y N 127 
HIS CG  CD2  doub Y N 128 
HIS ND1 CE1  doub Y N 129 
HIS ND1 HD1  sing N N 130 
HIS CD2 NE2  sing Y N 131 
HIS CD2 HD2  sing N N 132 
HIS CE1 NE2  sing Y N 133 
HIS CE1 HE1  sing N N 134 
HIS NE2 HE2  sing N N 135 
HIS OXT HXT  sing N N 136 
HOH O   H1   sing N N 137 
HOH O   H2   sing N N 138 
ILE N   CA   sing N N 139 
ILE N   H    sing N N 140 
ILE N   H2   sing N N 141 
ILE CA  C    sing N N 142 
ILE CA  CB   sing N N 143 
ILE CA  HA   sing N N 144 
ILE C   O    doub N N 145 
ILE C   OXT  sing N N 146 
ILE CB  CG1  sing N N 147 
ILE CB  CG2  sing N N 148 
ILE CB  HB   sing N N 149 
ILE CG1 CD1  sing N N 150 
ILE CG1 HG12 sing N N 151 
ILE CG1 HG13 sing N N 152 
ILE CG2 HG21 sing N N 153 
ILE CG2 HG22 sing N N 154 
ILE CG2 HG23 sing N N 155 
ILE CD1 HD11 sing N N 156 
ILE CD1 HD12 sing N N 157 
ILE CD1 HD13 sing N N 158 
ILE OXT HXT  sing N N 159 
LEU N   CA   sing N N 160 
LEU N   H    sing N N 161 
LEU N   H2   sing N N 162 
LEU CA  C    sing N N 163 
LEU CA  CB   sing N N 164 
LEU CA  HA   sing N N 165 
LEU C   O    doub N N 166 
LEU C   OXT  sing N N 167 
LEU CB  CG   sing N N 168 
LEU CB  HB2  sing N N 169 
LEU CB  HB3  sing N N 170 
LEU CG  CD1  sing N N 171 
LEU CG  CD2  sing N N 172 
LEU CG  HG   sing N N 173 
LEU CD1 HD11 sing N N 174 
LEU CD1 HD12 sing N N 175 
LEU CD1 HD13 sing N N 176 
LEU CD2 HD21 sing N N 177 
LEU CD2 HD22 sing N N 178 
LEU CD2 HD23 sing N N 179 
LEU OXT HXT  sing N N 180 
LYS N   CA   sing N N 181 
LYS N   H    sing N N 182 
LYS N   H2   sing N N 183 
LYS CA  C    sing N N 184 
LYS CA  CB   sing N N 185 
LYS CA  HA   sing N N 186 
LYS C   O    doub N N 187 
LYS C   OXT  sing N N 188 
LYS CB  CG   sing N N 189 
LYS CB  HB2  sing N N 190 
LYS CB  HB3  sing N N 191 
LYS CG  CD   sing N N 192 
LYS CG  HG2  sing N N 193 
LYS CG  HG3  sing N N 194 
LYS CD  CE   sing N N 195 
LYS CD  HD2  sing N N 196 
LYS CD  HD3  sing N N 197 
LYS CE  NZ   sing N N 198 
LYS CE  HE2  sing N N 199 
LYS CE  HE3  sing N N 200 
LYS NZ  HZ1  sing N N 201 
LYS NZ  HZ2  sing N N 202 
LYS NZ  HZ3  sing N N 203 
LYS OXT HXT  sing N N 204 
MET N   CA   sing N N 205 
MET N   H    sing N N 206 
MET N   H2   sing N N 207 
MET CA  C    sing N N 208 
MET CA  CB   sing N N 209 
MET CA  HA   sing N N 210 
MET C   O    doub N N 211 
MET C   OXT  sing N N 212 
MET CB  CG   sing N N 213 
MET CB  HB2  sing N N 214 
MET CB  HB3  sing N N 215 
MET CG  SD   sing N N 216 
MET CG  HG2  sing N N 217 
MET CG  HG3  sing N N 218 
MET SD  CE   sing N N 219 
MET CE  HE1  sing N N 220 
MET CE  HE2  sing N N 221 
MET CE  HE3  sing N N 222 
MET OXT HXT  sing N N 223 
PHE N   CA   sing N N 224 
PHE N   H    sing N N 225 
PHE N   H2   sing N N 226 
PHE CA  C    sing N N 227 
PHE CA  CB   sing N N 228 
PHE CA  HA   sing N N 229 
PHE C   O    doub N N 230 
PHE C   OXT  sing N N 231 
PHE CB  CG   sing N N 232 
PHE CB  HB2  sing N N 233 
PHE CB  HB3  sing N N 234 
PHE CG  CD1  doub Y N 235 
PHE CG  CD2  sing Y N 236 
PHE CD1 CE1  sing Y N 237 
PHE CD1 HD1  sing N N 238 
PHE CD2 CE2  doub Y N 239 
PHE CD2 HD2  sing N N 240 
PHE CE1 CZ   doub Y N 241 
PHE CE1 HE1  sing N N 242 
PHE CE2 CZ   sing Y N 243 
PHE CE2 HE2  sing N N 244 
PHE CZ  HZ   sing N N 245 
PHE OXT HXT  sing N N 246 
PRO N   CA   sing N N 247 
PRO N   CD   sing N N 248 
PRO N   H    sing N N 249 
PRO CA  C    sing N N 250 
PRO CA  CB   sing N N 251 
PRO CA  HA   sing N N 252 
PRO C   O    doub N N 253 
PRO C   OXT  sing N N 254 
PRO CB  CG   sing N N 255 
PRO CB  HB2  sing N N 256 
PRO CB  HB3  sing N N 257 
PRO CG  CD   sing N N 258 
PRO CG  HG2  sing N N 259 
PRO CG  HG3  sing N N 260 
PRO CD  HD2  sing N N 261 
PRO CD  HD3  sing N N 262 
PRO OXT HXT  sing N N 263 
SER N   CA   sing N N 264 
SER N   H    sing N N 265 
SER N   H2   sing N N 266 
SER CA  C    sing N N 267 
SER CA  CB   sing N N 268 
SER CA  HA   sing N N 269 
SER C   O    doub N N 270 
SER C   OXT  sing N N 271 
SER CB  OG   sing N N 272 
SER CB  HB2  sing N N 273 
SER CB  HB3  sing N N 274 
SER OG  HG   sing N N 275 
SER OXT HXT  sing N N 276 
THR N   CA   sing N N 277 
THR N   H    sing N N 278 
THR N   H2   sing N N 279 
THR CA  C    sing N N 280 
THR CA  CB   sing N N 281 
THR CA  HA   sing N N 282 
THR C   O    doub N N 283 
THR C   OXT  sing N N 284 
THR CB  OG1  sing N N 285 
THR CB  CG2  sing N N 286 
THR CB  HB   sing N N 287 
THR OG1 HG1  sing N N 288 
THR CG2 HG21 sing N N 289 
THR CG2 HG22 sing N N 290 
THR CG2 HG23 sing N N 291 
THR OXT HXT  sing N N 292 
TYR N   CA   sing N N 293 
TYR N   H    sing N N 294 
TYR N   H2   sing N N 295 
TYR CA  C    sing N N 296 
TYR CA  CB   sing N N 297 
TYR CA  HA   sing N N 298 
TYR C   O    doub N N 299 
TYR C   OXT  sing N N 300 
TYR CB  CG   sing N N 301 
TYR CB  HB2  sing N N 302 
TYR CB  HB3  sing N N 303 
TYR CG  CD1  doub Y N 304 
TYR CG  CD2  sing Y N 305 
TYR CD1 CE1  sing Y N 306 
TYR CD1 HD1  sing N N 307 
TYR CD2 CE2  doub Y N 308 
TYR CD2 HD2  sing N N 309 
TYR CE1 CZ   doub Y N 310 
TYR CE1 HE1  sing N N 311 
TYR CE2 CZ   sing Y N 312 
TYR CE2 HE2  sing N N 313 
TYR CZ  OH   sing N N 314 
TYR OH  HH   sing N N 315 
TYR OXT HXT  sing N N 316 
VAL N   CA   sing N N 317 
VAL N   H    sing N N 318 
VAL N   H2   sing N N 319 
VAL CA  C    sing N N 320 
VAL CA  CB   sing N N 321 
VAL CA  HA   sing N N 322 
VAL C   O    doub N N 323 
VAL C   OXT  sing N N 324 
VAL CB  CG1  sing N N 325 
VAL CB  CG2  sing N N 326 
VAL CB  HB   sing N N 327 
VAL CG1 HG11 sing N N 328 
VAL CG1 HG12 sing N N 329 
VAL CG1 HG13 sing N N 330 
VAL CG2 HG21 sing N N 331 
VAL CG2 HG22 sing N N 332 
VAL CG2 HG23 sing N N 333 
VAL OXT HXT  sing N N 334 
# 
_atom_sites.entry_id                    3LLB 
_atom_sites.fract_transf_matrix[1][1]   0.01023557 
_atom_sites.fract_transf_matrix[1][2]   -0.00756560 
_atom_sites.fract_transf_matrix[1][3]   -0.00504635 
_atom_sites.fract_transf_matrix[2][1]   -0.00674459 
_atom_sites.fract_transf_matrix[2][2]   -0.00121864 
_atom_sites.fract_transf_matrix[2][3]   -0.01185311 
_atom_sites.fract_transf_matrix[3][1]   0.01449972 
_atom_sites.fract_transf_matrix[3][2]   0.02696954 
_atom_sites.fract_transf_matrix[3][3]   -0.01102335 
_atom_sites.fract_transf_vector[1]      0.248047 
_atom_sites.fract_transf_vector[2]      -0.047355 
_atom_sites.fract_transf_vector[3]      0.090214 
# 
loop_
_atom_type.symbol 
C 
N 
O 
S 
# 
loop_
_atom_site.group_PDB 
_atom_site.id 
_atom_site.type_symbol 
_atom_site.label_atom_id 
_atom_site.label_alt_id 
_atom_site.label_comp_id 
_atom_site.label_asym_id 
_atom_site.label_entity_id 
_atom_site.label_seq_id 
_atom_site.pdbx_PDB_ins_code 
_atom_site.Cartn_x 
_atom_site.Cartn_y 
_atom_site.Cartn_z 
_atom_site.occupancy 
_atom_site.B_iso_or_equiv 
_atom_site.pdbx_formal_charge 
_atom_site.auth_seq_id 
_atom_site.auth_comp_id 
_atom_site.auth_asym_id 
_atom_site.auth_atom_id 
_atom_site.pdbx_PDB_model_num 
ATOM   1   N N   . SER A 1 1  ? 6.246   -1.170  -13.229 1.00 21.06  ? 1   SER A N   1 
ATOM   2   C CA  . SER A 1 1  ? 6.993   -0.209  -12.354 1.00 20.85  ? 1   SER A CA  1 
ATOM   3   C C   . SER A 1 1  ? 6.423   -0.192  -10.935 1.00 17.81  ? 1   SER A C   1 
ATOM   4   O O   . SER A 1 1  ? 7.055   -0.683  -9.985  1.00 19.86  ? 1   SER A O   1 
ATOM   5   C CB  . SER A 1 1  ? 6.966   1.215   -12.962 1.00 21.76  ? 1   SER A CB  1 
ATOM   6   O OG  . SER A 1 1  ? 7.579   1.192   -14.257 1.00 26.95  ? 1   SER A OG  1 
ATOM   7   N N   . TYR A 1 2  ? 5.218   0.324   -10.763 1.00 14.22  ? 2   TYR A N   1 
ATOM   8   C CA  . TYR A 1 2  ? 4.680   0.450   -9.406  1.00 11.97  ? 2   TYR A CA  1 
ATOM   9   C C   . TYR A 1 2  ? 4.178   -0.857  -8.805  1.00 9.84   ? 2   TYR A C   1 
ATOM   10  O O   . TYR A 1 2  ? 4.307   -1.051  -7.612  1.00 7.70   ? 2   TYR A O   1 
ATOM   11  C CB  . TYR A 1 2  ? 3.565   1.480   -9.356  1.00 11.18  ? 2   TYR A CB  1 
ATOM   12  C CG  . TYR A 1 2  ? 3.960   2.903   -9.631  1.00 13.98  ? 2   TYR A CG  1 
ATOM   13  C CD1 . TYR A 1 2  ? 4.978   3.522   -8.904  1.00 14.71  ? 2   TYR A CD1 1 
ATOM   14  C CD2 . TYR A 1 2  ? 3.239   3.683   -10.574 1.00 16.38  ? 2   TYR A CD2 1 
ATOM   15  C CE1 . TYR A 1 2  ? 5.325   4.867   -9.141  1.00 17.40  ? 2   TYR A CE1 1 
ATOM   16  C CE2 . TYR A 1 2  ? 3.580   5.013   -10.831 1.00 18.08  ? 2   TYR A CE2 1 
ATOM   17  C CZ  . TYR A 1 2  ? 4.621   5.599   -10.107 1.00 18.83  ? 2   TYR A CZ  1 
ATOM   18  O OH  . TYR A 1 2  ? 4.945   6.917   -10.350 1.00 22.22  ? 2   TYR A OH  1 
ATOM   19  N N   . ILE A 1 3  ? 3.592   -1.739  -9.635  1.00 9.04   ? 3   ILE A N   1 
ATOM   20  C CA  . ILE A 1 3  ? 2.948   -2.957  -9.144  1.00 8.41   ? 3   ILE A CA  1 
ATOM   21  C C   . ILE A 1 3  ? 3.529   -4.202  -9.825  1.00 7.23   ? 3   ILE A C   1 
ATOM   22  O O   . ILE A 1 3  ? 4.012   -4.167  -11.010 1.00 9.08   ? 3   ILE A O   1 
ATOM   23  C CB  . ILE A 1 3  ? 1.344   -2.862  -9.248  1.00 7.72   ? 3   ILE A CB  1 
ATOM   24  C CG1 . ILE A 1 3  ? 0.835   -3.178  -10.683 1.00 11.87  ? 3   ILE A CG1 1 
ATOM   25  C CG2 . ILE A 1 3  ? 0.880   -1.517  -8.609  1.00 6.35   ? 3   ILE A CG2 1 
ATOM   26  C CD1 . ILE A 1 3  ? -0.722  -3.441  -10.943 1.00 11.92  ? 3   ILE A CD1 1 
ATOM   27  N N   . LYS A 1 4  ? 3.477   -5.315  -9.111  1.00 7.49   ? 4   LYS A N   1 
ATOM   28  C CA  . LYS A 1 4  ? 3.875   -6.590  -9.615  1.00 7.49   ? 4   LYS A CA  1 
ATOM   29  C C   . LYS A 1 4  ? 2.790   -7.604  -9.271  1.00 6.76   ? 4   LYS A C   1 
ATOM   30  O O   . LYS A 1 4  ? 2.503   -7.855  -8.141  1.00 7.70   ? 4   LYS A O   1 
ATOM   31  C CB  . LYS A 1 4  ? 5.276   -6.999  -9.059  1.00 8.45   ? 4   LYS A CB  1 
ATOM   32  C CG  . LYS A 1 4  ? 5.705   -8.318  -9.620  1.00 12.88  ? 4   LYS A CG  1 
ATOM   33  C CD  . LYS A 1 4  ? 6.800   -9.033  -8.771  1.00 19.16  ? 4   LYS A CD  1 
ATOM   34  C CE  . LYS A 1 4  ? 7.133   -10.440 -9.375  1.00 23.38  ? 4   LYS A CE  1 
ATOM   35  N NZ  . LYS A 1 4  ? 7.343   -11.528 -8.309  1.00 28.03  ? 4   LYS A NZ  1 
ATOM   36  N N   . PRO A 1 5  ? 2.114   -8.152  -10.270 1.00 6.82   ? 5   PRO A N   1 
ATOM   37  C CA  . PRO A 1 5  ? 1.096   -9.156  -10.042 1.00 5.56   ? 5   PRO A CA  1 
ATOM   38  C C   . PRO A 1 5  ? 1.671   -10.473 -9.555  1.00 5.60   ? 5   PRO A C   1 
ATOM   39  O O   . PRO A 1 5  ? 2.729   -10.931 -10.031 1.00 6.66   ? 5   PRO A O   1 
ATOM   40  C CB  . PRO A 1 5  ? 0.482   -9.332  -11.428 1.00 5.87   ? 5   PRO A CB  1 
ATOM   41  C CG  . PRO A 1 5  ? 1.589   -9.067  -12.314 1.00 9.64   ? 5   PRO A CG  1 
ATOM   42  C CD  . PRO A 1 5  ? 2.246   -7.852  -11.680 1.00 9.11   ? 5   PRO A CD  1 
ATOM   43  N N   . LEU A 1 6  ? 0.971   -11.066 -8.616  1.00 5.32   ? 6   LEU A N   1 
ATOM   44  C CA  . LEU A 1 6  ? 1.312   -12.350 -8.074  1.00 4.84   ? 6   LEU A CA  1 
ATOM   45  C C   . LEU A 1 6  ? 0.244   -13.371 -8.474  1.00 4.78   ? 6   LEU A C   1 
ATOM   46  O O   . LEU A 1 6  ? -0.950  -13.019 -8.700  1.00 4.44   ? 6   LEU A O   1 
ATOM   47  C CB  . LEU A 1 6  ? 1.441   -12.275 -6.560  1.00 5.88   ? 6   LEU A CB  1 
ATOM   48  C CG  . LEU A 1 6  ? 2.420   -11.257 -5.977  1.00 5.57   ? 6   LEU A CG  1 
ATOM   49  C CD1 . LEU A 1 6  ? 2.211   -11.172 -4.466  1.00 8.16   ? 6   LEU A CD1 1 
ATOM   50  C CD2 . LEU A 1 6  ? 3.782   -11.616 -6.380  1.00 6.74   ? 6   LEU A CD2 1 
ATOM   51  N N   . PRO A 1 7  ? 0.649   -14.662 -8.613  1.00 5.00   ? 7   PRO A N   1 
ATOM   52  C CA  . PRO A 1 7  ? -0.280  -15.667 -9.104  1.00 5.40   ? 7   PRO A CA  1 
ATOM   53  C C   . PRO A 1 7  ? -1.410  -16.061 -8.143  1.00 5.24   ? 7   PRO A C   1 
ATOM   54  O O   . PRO A 1 7  ? -2.367  -16.643 -8.575  1.00 4.96   ? 7   PRO A O   1 
ATOM   55  C CB  . PRO A 1 7  ? 0.631   -16.862 -9.475  1.00 6.02   ? 7   PRO A CB  1 
ATOM   56  C CG  . PRO A 1 7  ? 1.821   -16.683 -8.700  1.00 5.67   ? 7   PRO A CG  1 
ATOM   57  C CD  . PRO A 1 7  ? 2.002   -15.218 -8.480  1.00 5.58   ? 7   PRO A CD  1 
ATOM   58  N N   . SER A 1 8  ? -1.287  -15.662 -6.864  1.00 5.78   ? 8   SER A N   1 
ATOM   59  C CA  . SER A 1 8  ? -2.353  -15.735 -5.895  1.00 4.72   ? 8   SER A CA  1 
ATOM   60  C C   . SER A 1 8  ? -3.490  -14.748 -6.205  1.00 4.83   ? 8   SER A C   1 
ATOM   61  O O   . SER A 1 8  ? -4.563  -14.878 -5.624  1.00 4.77   ? 8   SER A O   1 
ATOM   62  C CB  . SER A 1 8  ? -1.807  -15.406 -4.506  1.00 3.92   ? 8   SER A CB  1 
ATOM   63  O OG  . SER A 1 8  ? -1.132  -14.179 -4.571  1.00 5.75   ? 8   SER A OG  1 
ATOM   64  N N   . GLY A 1 9  ? -3.244  -13.748 -7.055  1.00 4.99   ? 9   GLY A N   1 
ATOM   65  C CA  . GLY A 1 9  ? -4.157  -12.664 -7.282  1.00 4.22   ? 9   GLY A CA  1 
ATOM   66  C C   . GLY A 1 9  ? -3.864  -11.405 -6.518  1.00 4.90   ? 9   GLY A C   1 
ATOM   67  O O   . GLY A 1 9  ? -4.487  -10.395 -6.750  1.00 4.81   ? 9   GLY A O   1 
ATOM   68  N N   . ASP A 1 10 ? -2.899  -11.497 -5.610  1.00 5.42   ? 10  ASP A N   1 
ATOM   69  C CA  . ASP A 1 10 ? -2.382  -10.354 -4.860  1.00 5.08   ? 10  ASP A CA  1 
ATOM   70  C C   . ASP A 1 10 ? -1.351  -9.607  -5.705  1.00 4.89   ? 10  ASP A C   1 
ATOM   71  O O   . ASP A 1 10 ? -1.034  -9.972  -6.866  1.00 3.83   ? 10  ASP A O   1 
ATOM   72  C CB  . ASP A 1 10 ? -1.700  -10.824 -3.583  1.00 6.19   ? 10  ASP A CB  1 
ATOM   73  C CG  . ASP A 1 10 ? -2.621  -11.463 -2.604  1.00 10.19  ? 10  ASP A CG  1 
ATOM   74  O OD1 . ASP A 1 10 ? -3.884  -11.515 -2.797  1.00 12.72  ? 10  ASP A OD1 1 
ATOM   75  O OD2 . ASP A 1 10 ? -2.034  -11.893 -1.577  1.00 14.71  ? 10  ASP A OD2 1 
ATOM   76  N N   . PHE A 1 11 ? -0.885  -8.495  -5.157  1.00 5.05   ? 11  PHE A N   1 
ATOM   77  C CA  . PHE A 1 11 ? 0.039   -7.629  -5.853  1.00 4.46   ? 11  PHE A CA  1 
ATOM   78  C C   . PHE A 1 11 ? 1.124   -7.224  -4.886  1.00 5.95   ? 11  PHE A C   1 
ATOM   79  O O   . PHE A 1 11 ? 0.836   -7.084  -3.679  1.00 7.11   ? 11  PHE A O   1 
ATOM   80  C CB  . PHE A 1 11 ? -0.657  -6.376  -6.348  1.00 5.06   ? 11  PHE A CB  1 
ATOM   81  C CG  . PHE A 1 11 ? -1.704  -6.648  -7.382  1.00 5.32   ? 11  PHE A CG  1 
ATOM   82  C CD1 . PHE A 1 11 ? -1.372  -6.604  -8.732  1.00 5.75   ? 11  PHE A CD1 1 
ATOM   83  C CD2 . PHE A 1 11 ? -2.976  -6.979  -7.008  1.00 6.13   ? 11  PHE A CD2 1 
ATOM   84  C CE1 . PHE A 1 11 ? -2.345  -6.866  -9.684  1.00 6.31   ? 11  PHE A CE1 1 
ATOM   85  C CE2 . PHE A 1 11 ? -3.967  -7.263  -8.010  1.00 6.33   ? 11  PHE A CE2 1 
ATOM   86  C CZ  . PHE A 1 11 ? -3.629  -7.202  -9.277  1.00 8.74   ? 11  PHE A CZ  1 
ATOM   87  N N   . ILE A 1 12 ? 2.335   -7.060  -5.394  1.00 6.30   ? 12  ILE A N   1 
ATOM   88  C CA  . ILE A 1 12 ? 3.372   -6.279  -4.701  1.00 7.30   ? 12  ILE A CA  1 
ATOM   89  C C   . ILE A 1 12 ? 3.243   -4.829  -5.195  1.00 6.97   ? 12  ILE A C   1 
ATOM   90  O O   . ILE A 1 12 ? 3.287   -4.580  -6.381  1.00 9.06   ? 12  ILE A O   1 
ATOM   91  C CB  . ILE A 1 12 ? 4.813   -6.815  -4.898  1.00 8.38   ? 12  ILE A CB  1 
ATOM   92  C CG1 . ILE A 1 12 ? 4.907   -8.291  -4.535  1.00 9.21   ? 12  ILE A CG1 1 
ATOM   93  C CG2 . ILE A 1 12 ? 5.747   -6.009  -4.003  1.00 8.06   ? 12  ILE A CG2 1 
ATOM   94  C CD1 . ILE A 1 12 ? 6.243   -8.913  -4.878  1.00 9.11   ? 12  ILE A CD1 1 
ATOM   95  N N   . VAL A 1 13 ? 3.080   -3.874  -4.278  1.00 6.64   ? 13  VAL A N   1 
ATOM   96  C CA  . VAL A 1 13 ? 2.898   -2.467  -4.576  1.00 6.59   ? 13  VAL A CA  1 
ATOM   97  C C   . VAL A 1 13 ? 3.998   -1.650  -3.952  1.00 6.56   ? 13  VAL A C   1 
ATOM   98  O O   . VAL A 1 13 ? 4.238   -1.755  -2.738  1.00 7.88   ? 13  VAL A O   1 
ATOM   99  C CB  . VAL A 1 13 ? 1.503   -2.034  -4.094  1.00 6.54   ? 13  VAL A CB  1 
ATOM   100 C CG1 . VAL A 1 13 ? 1.256   -0.586  -4.368  1.00 7.29   ? 13  VAL A CG1 1 
ATOM   101 C CG2 . VAL A 1 13 ? 0.387   -2.881  -4.758  1.00 7.33   ? 13  VAL A CG2 1 
ATOM   102 N N   . LYS A 1 14 ? 4.698   -0.828  -4.746  1.00 7.00   ? 14  LYS A N   1 
ATOM   103 C CA  . LYS A 1 14 ? 5.707   0.079   -4.184  1.00 7.23   ? 14  LYS A CA  1 
ATOM   104 C C   . LYS A 1 14 ? 5.048   1.177   -3.329  1.00 7.15   ? 14  LYS A C   1 
ATOM   105 O O   . LYS A 1 14 ? 3.969   1.707   -3.695  1.00 6.57   ? 14  LYS A O   1 
ATOM   106 C CB  . LYS A 1 14 ? 6.510   0.701   -5.306  1.00 7.66   ? 14  LYS A CB  1 
ATOM   107 C CG  . LYS A 1 14 ? 7.510   -0.258  -5.990  1.00 9.37   ? 14  LYS A CG  1 
ATOM   108 C CD  . LYS A 1 14 ? 8.192   0.476   -7.085  1.00 9.91   ? 14  LYS A CD  1 
ATOM   109 C CE  . LYS A 1 14 ? 9.221   -0.394  -7.738  1.00 14.82  ? 14  LYS A CE  1 
ATOM   110 N NZ  . LYS A 1 14 ? 9.791   0.250   -8.968  1.00 14.89  ? 14  LYS A NZ  1 
ATOM   111 N N   . ALA A 1 15 ? 5.657   1.484   -2.168  1.00 6.95   ? 15  ALA A N   1 
ATOM   112 C CA  . ALA A 1 15 ? 5.145   2.544   -1.311  1.00 6.47   ? 15  ALA A CA  1 
ATOM   113 C C   . ALA A 1 15 ? 5.100   3.948   -1.980  1.00 7.64   ? 15  ALA A C   1 
ATOM   114 O O   . ALA A 1 15 ? 4.257   4.771   -1.698  1.00 8.15   ? 15  ALA A O   1 
ATOM   115 C CB  . ALA A 1 15 ? 5.963   2.522   0.025   1.00 6.68   ? 15  ALA A CB  1 
ATOM   116 N N   . LEU A 1 16 ? 5.994   4.191   -2.920  1.00 9.52   ? 16  LEU A N   1 
ATOM   117 C CA  . LEU A 1 16 ? 6.063   5.445   -3.680  1.00 10.28  ? 16  LEU A CA  1 
ATOM   118 C C   . LEU A 1 16 ? 4.977   5.601   -4.745  1.00 9.74   ? 16  LEU A C   1 
ATOM   119 O O   . LEU A 1 16 ? 4.831   6.690   -5.310  1.00 11.05  ? 16  LEU A O   1 
ATOM   120 C CB  . LEU A 1 16 ? 7.504   5.635   -4.292  1.00 11.91  ? 16  LEU A CB  1 
ATOM   121 C CG  . LEU A 1 16 ? 8.136   4.481   -5.141  1.00 15.11  ? 16  LEU A CG  1 
ATOM   122 C CD1 . LEU A 1 16 ? 7.453   4.376   -6.528  1.00 17.80  ? 16  LEU A CD1 1 
ATOM   123 C CD2 . LEU A 1 16 ? 9.726   4.423   -5.292  1.00 18.59  ? 16  LEU A CD2 1 
ATOM   124 N N   . THR A 1 17 ? 4.221   4.535   -5.045  1.00 9.14   ? 17  THR A N   1 
ATOM   125 C CA  . THR A 1 17 ? 3.012   4.628   -5.932  1.00 8.20   ? 17  THR A CA  1 
ATOM   126 C C   . THR A 1 17 ? 2.092   5.774   -5.555  1.00 8.68   ? 17  THR A C   1 
ATOM   127 O O   . THR A 1 17 ? 1.596   5.785   -4.471  1.00 9.60   ? 17  THR A O   1 
ATOM   128 C CB  . THR A 1 17 ? 2.182   3.330   -5.946  1.00 7.62   ? 17  THR A CB  1 
ATOM   129 O OG1 . THR A 1 17 ? 3.070   2.256   -6.243  1.00 7.08   ? 17  THR A OG1 1 
ATOM   130 C CG2 . THR A 1 17 ? 1.002   3.358   -6.997  1.00 6.00   ? 17  THR A CG2 1 
ATOM   131 N N   . PRO A 1 18 ? 1.884   6.735   -6.466  1.00 8.67   ? 18  PRO A N   1 
ATOM   132 C CA  . PRO A 1 18 ? 0.901   7.749   -6.274  1.00 8.57   ? 18  PRO A CA  1 
ATOM   133 C C   . PRO A 1 18 ? -0.458  7.176   -5.976  1.00 8.27   ? 18  PRO A C   1 
ATOM   134 O O   . PRO A 1 18 ? -0.849  6.220   -6.594  1.00 7.39   ? 18  PRO A O   1 
ATOM   135 C CB  . PRO A 1 18 ? 0.886   8.429   -7.651  1.00 8.97   ? 18  PRO A CB  1 
ATOM   136 C CG  . PRO A 1 18 ? 2.308   8.453   -7.993  1.00 9.33   ? 18  PRO A CG  1 
ATOM   137 C CD  . PRO A 1 18 ? 2.665   7.027   -7.693  1.00 9.07   ? 18  PRO A CD  1 
ATOM   138 N N   . VAL A 1 19 ? -1.173  7.770   -5.050  1.00 8.41   ? 19  VAL A N   1 
ATOM   139 C CA  . VAL A 1 19 ? -2.523  7.327   -4.781  1.00 9.91   ? 19  VAL A CA  1 
ATOM   140 C C   . VAL A 1 19 ? -3.436  7.369   -6.054  1.00 10.46  ? 19  VAL A C   1 
ATOM   141 O O   . VAL A 1 19 ? -4.256  6.454   -6.256  1.00 10.20  ? 19  VAL A O   1 
ATOM   142 C CB  . VAL A 1 19 ? -3.109  8.078   -3.510  1.00 10.85  ? 19  VAL A CB  1 
ATOM   143 C CG1 . VAL A 1 19 ? -4.623  7.994   -3.501  1.00 10.40  ? 19  VAL A CG1 1 
ATOM   144 C CG2 . VAL A 1 19 ? -2.546  7.459   -2.284  1.00 12.57  ? 19  VAL A CG2 1 
ATOM   145 N N   . ASP A 1 20 ? -3.292  8.393   -6.917  1.00 10.81  ? 20  ASP A N   1 
ATOM   146 C CA  . ASP A 1 20 ? -4.055  8.497   -8.196  1.00 12.17  ? 20  ASP A CA  1 
ATOM   147 C C   . ASP A 1 20 ? -3.827  7.271   -9.100  1.00 10.58  ? 20  ASP A C   1 
ATOM   148 O O   . ASP A 1 20 ? -4.780  6.673   -9.656  1.00 9.21   ? 20  ASP A O   1 
ATOM   149 C CB  . ASP A 1 20 ? -3.702  9.797   -8.952  1.00 14.24  ? 20  ASP A CB  1 
ATOM   150 C CG  . ASP A 1 20 ? -2.152  10.050  -9.043  1.00 20.29  ? 20  ASP A CG  1 
ATOM   151 O OD1 . ASP A 1 20 ? -1.435  9.350   -9.830  1.00 26.90  ? 20  ASP A OD1 1 
ATOM   152 O OD2 . ASP A 1 20 ? -1.640  10.970  -8.347  1.00 29.85  ? 20  ASP A OD2 1 
ATOM   153 N N   . ALA A 1 21 ? -2.558  6.881   -9.203  1.00 8.80   ? 21  ALA A N   1 
ATOM   154 C CA  . ALA A 1 21 ? -2.127  5.655   -9.909  1.00 7.97   ? 21  ALA A CA  1 
ATOM   155 C C   . ALA A 1 21 ? -2.691  4.418   -9.282  1.00 7.55   ? 21  ALA A C   1 
ATOM   156 O O   . ALA A 1 21 ? -3.179  3.572   -10.011 1.00 7.44   ? 21  ALA A O   1 
ATOM   157 C CB  . ALA A 1 21 ? -0.663  5.589   -9.938  1.00 7.35   ? 21  ALA A CB  1 
ATOM   158 N N   . PHE A 1 22 ? -2.618  4.302   -7.944  1.00 7.55   ? 22  PHE A N   1 
ATOM   159 C CA  . PHE A 1 22 ? -3.174  3.145   -7.261  1.00 6.89   ? 22  PHE A CA  1 
ATOM   160 C C   . PHE A 1 22 ? -4.698  2.970   -7.525  1.00 7.29   ? 22  PHE A C   1 
ATOM   161 O O   . PHE A 1 22 ? -5.146  1.871   -7.829  1.00 7.39   ? 22  PHE A O   1 
ATOM   162 C CB  . PHE A 1 22 ? -2.873  3.250   -5.786  1.00 7.97   ? 22  PHE A CB  1 
ATOM   163 C CG  . PHE A 1 22 ? -3.331  2.080   -4.967  1.00 6.47   ? 22  PHE A CG  1 
ATOM   164 C CD1 . PHE A 1 22 ? -2.448  1.092   -4.603  1.00 6.28   ? 22  PHE A CD1 1 
ATOM   165 C CD2 . PHE A 1 22 ? -4.638  2.006   -4.523  1.00 6.87   ? 22  PHE A CD2 1 
ATOM   166 C CE1 . PHE A 1 22 ? -2.879  0.001   -3.855  1.00 8.03   ? 22  PHE A CE1 1 
ATOM   167 C CE2 . PHE A 1 22 ? -5.061  0.904   -3.803  1.00 8.89   ? 22  PHE A CE2 1 
ATOM   168 C CZ  . PHE A 1 22 ? -4.133  -0.076  -3.439  1.00 7.67   ? 22  PHE A CZ  1 
ATOM   169 N N   . ASN A 1 23 ? -5.480  4.036   -7.362  1.00 7.94   ? 23  ASN A N   1 
ATOM   170 C CA  . ASN A 1 23 ? -6.924  3.999   -7.609  1.00 8.09   ? 23  ASN A CA  1 
ATOM   171 C C   . ASN A 1 23 ? -7.226  3.555   -9.049  1.00 7.83   ? 23  ASN A C   1 
ATOM   172 O O   . ASN A 1 23 ? -8.180  2.856   -9.307  1.00 7.95   ? 23  ASN A O   1 
ATOM   173 C CB  . ASN A 1 23 ? -7.572  5.347   -7.366  1.00 7.18   ? 23  ASN A CB  1 
ATOM   174 C CG  . ASN A 1 23 ? -7.603  5.743   -5.935  1.00 6.64   ? 23  ASN A CG  1 
ATOM   175 O OD1 . ASN A 1 23 ? -7.474  4.913   -5.048  1.00 7.69   ? 23  ASN A OD1 1 
ATOM   176 N ND2 . ASN A 1 23 ? -7.771  7.047   -5.688  1.00 8.32   ? 23  ASN A ND2 1 
ATOM   177 N N   . ASP A 1 24 ? -6.407  4.001   -9.983  1.00 8.12   ? 24  ASP A N   1 
ATOM   178 C CA  . ASP A 1 24 ? -6.542  3.580   -11.390 1.00 8.67   ? 24  ASP A CA  1 
ATOM   179 C C   . ASP A 1 24 ? -6.294  2.107   -11.653 1.00 8.37   ? 24  ASP A C   1 
ATOM   180 O O   . ASP A 1 24 ? -7.023  1.476   -12.461 1.00 9.32   ? 24  ASP A O   1 
ATOM   181 C CB  . ASP A 1 24 ? -5.681  4.467   -12.296 1.00 8.45   ? 24  ASP A CB  1 
ATOM   182 C CG  . ASP A 1 24 ? -6.306  5.869   -12.538 1.00 13.83  ? 24  ASP A CG  1 
ATOM   183 O OD1 . ASP A 1 24 ? -7.480  6.146   -12.165 1.00 19.71  ? 24  ASP A OD1 1 
ATOM   184 O OD2 . ASP A 1 24 ? -5.596  6.716   -13.114 1.00 20.61  ? 24  ASP A OD2 1 
ATOM   185 N N   . PHE A 1 25 ? -5.327  1.542   -10.963 1.00 8.99   ? 25  PHE A N   1 
ATOM   186 C CA  . PHE A 1 25 ? -5.026  0.142   -11.061 1.00 8.40   ? 25  PHE A CA  1 
ATOM   187 C C   . PHE A 1 25 ? -6.084  -0.680  -10.386 1.00 7.93   ? 25  PHE A C   1 
ATOM   188 O O   . PHE A 1 25 ? -6.507  -1.692  -10.931 1.00 7.22   ? 25  PHE A O   1 
ATOM   189 C CB  . PHE A 1 25 ? -3.710  -0.214  -10.355 1.00 8.55   ? 25  PHE A CB  1 
ATOM   190 C CG  . PHE A 1 25 ? -2.427  0.224   -11.046 1.00 10.70  ? 25  PHE A CG  1 
ATOM   191 C CD1 . PHE A 1 25 ? -2.046  -0.254  -12.283 1.00 15.13  ? 25  PHE A CD1 1 
ATOM   192 C CD2 . PHE A 1 25 ? -1.502  1.010   -10.318 1.00 11.83  ? 25  PHE A CD2 1 
ATOM   193 C CE1 . PHE A 1 25 ? -0.789  0.118   -12.849 1.00 14.57  ? 25  PHE A CE1 1 
ATOM   194 C CE2 . PHE A 1 25 ? -0.281  1.403   -10.866 1.00 12.53  ? 25  PHE A CE2 1 
ATOM   195 C CZ  . PHE A 1 25 ? 0.076   0.969   -12.134 1.00 14.41  ? 25  PHE A CZ  1 
ATOM   196 N N   . PHE A 1 26 ? -6.480  -0.289  -9.182  1.00 7.76   ? 26  PHE A N   1 
ATOM   197 C CA  . PHE A 1 26 ? -7.277  -1.185  -8.353  1.00 7.66   ? 26  PHE A CA  1 
ATOM   198 C C   . PHE A 1 26 ? -8.760  -0.831  -8.140  1.00 9.83   ? 26  PHE A C   1 
ATOM   199 O O   . PHE A 1 26 ? -9.475  -1.558  -7.499  1.00 11.02  ? 26  PHE A O   1 
ATOM   200 C CB  . PHE A 1 26 ? -6.526  -1.421  -7.010  1.00 7.46   ? 26  PHE A CB  1 
ATOM   201 C CG  . PHE A 1 26 ? -5.091  -1.903  -7.198  1.00 8.93   ? 26  PHE A CG  1 
ATOM   202 C CD1 . PHE A 1 26 ? -4.843  -3.133  -7.767  1.00 8.96   ? 26  PHE A CD1 1 
ATOM   203 C CD2 . PHE A 1 26 ? -4.015  -1.149  -6.798  1.00 7.84   ? 26  PHE A CD2 1 
ATOM   204 C CE1 . PHE A 1 26 ? -3.587  -3.576  -7.975  1.00 7.27   ? 26  PHE A CE1 1 
ATOM   205 C CE2 . PHE A 1 26 ? -2.749  -1.603  -6.994  1.00 4.49   ? 26  PHE A CE2 1 
ATOM   206 C CZ  . PHE A 1 26 ? -2.530  -2.798  -7.598  1.00 6.72   ? 26  PHE A CZ  1 
ATOM   207 N N   . GLY A 1 27 ? -9.218  0.284   -8.667  1.00 10.42  ? 27  GLY A N   1 
ATOM   208 C CA  . GLY A 1 27 ? -10.616 0.601   -8.604  1.00 11.54  ? 27  GLY A CA  1 
ATOM   209 C C   . GLY A 1 27 ? -11.035 1.194   -7.290  1.00 11.44  ? 27  GLY A C   1 
ATOM   210 O O   . GLY A 1 27 ? -12.226 1.450   -7.079  1.00 14.47  ? 27  GLY A O   1 
ATOM   211 N N   . SER A 1 28 ? -10.062 1.505   -6.445  1.00 11.96  ? 28  SER A N   1 
ATOM   212 C CA  . SER A 1 28 ? -10.279 2.110   -5.130  1.00 11.65  ? 28  SER A CA  1 
ATOM   213 C C   . SER A 1 28 ? -10.572 3.589   -5.258  1.00 12.02  ? 28  SER A C   1 
ATOM   214 O O   . SER A 1 28 ? -10.527 4.156   -6.348  1.00 12.27  ? 28  SER A O   1 
ATOM   215 C CB  . SER A 1 28 ? -9.042  1.937   -4.251  1.00 12.37  ? 28  SER A CB  1 
ATOM   216 O OG  . SER A 1 28 ? -7.860  2.252   -4.955  1.00 12.22  ? 28  SER A OG  1 
ATOM   217 N N   . GLU A 1 29 ? -10.927 4.198   -4.153  1.00 11.43  ? 29  GLU A N   1 
ATOM   218 C CA  . GLU A 1 29 ? -11.274 5.629   -4.133  1.00 12.74  ? 29  GLU A CA  1 
ATOM   219 C C   . GLU A 1 29 ? -10.591 6.354   -2.953  1.00 12.50  ? 29  GLU A C   1 
ATOM   220 O O   . GLU A 1 29 ? -11.168 7.236   -2.306  1.00 12.04  ? 29  GLU A O   1 
ATOM   221 C CB  . GLU A 1 29 ? -12.823 5.827   -4.179  1.00 13.26  ? 29  GLU A CB  1 
ATOM   222 C CG  . GLU A 1 29 ? -13.643 4.900   -5.088  1.00 17.09  ? 29  GLU A CG  1 
ATOM   223 C CD  . GLU A 1 29 ? -15.245 4.974   -4.891  1.00 20.85  ? 29  GLU A CD  1 
ATOM   224 O OE1 . GLU A 1 29 ? -15.796 5.547   -3.907  1.00 23.94  ? 29  GLU A OE1 1 
ATOM   225 O OE2 . GLU A 1 29 ? -15.977 4.431   -5.759  1.00 24.14  ? 29  GLU A OE2 1 
ATOM   226 N N   . PHE A 1 30 ? -9.340  6.017   -2.707  1.00 13.02  ? 30  PHE A N   1 
ATOM   227 C CA  . PHE A 1 30 ? -8.538  6.679   -1.673  1.00 13.99  ? 30  PHE A CA  1 
ATOM   228 C C   . PHE A 1 30 ? -8.338  8.130   -2.070  1.00 15.13  ? 30  PHE A C   1 
ATOM   229 O O   . PHE A 1 30 ? -8.300  8.448   -3.246  1.00 15.07  ? 30  PHE A O   1 
ATOM   230 C CB  . PHE A 1 30 ? -7.208  5.935   -1.458  1.00 14.42  ? 30  PHE A CB  1 
ATOM   231 C CG  . PHE A 1 30 ? -7.392  4.538   -0.914  1.00 13.18  ? 30  PHE A CG  1 
ATOM   232 C CD1 . PHE A 1 30 ? -7.950  4.359   0.338   1.00 13.10  ? 30  PHE A CD1 1 
ATOM   233 C CD2 . PHE A 1 30 ? -7.046  3.429   -1.641  1.00 13.16  ? 30  PHE A CD2 1 
ATOM   234 C CE1 . PHE A 1 30 ? -8.162  3.109   0.844   1.00 10.98  ? 30  PHE A CE1 1 
ATOM   235 C CE2 . PHE A 1 30 ? -7.265  2.158   -1.141  1.00 15.25  ? 30  PHE A CE2 1 
ATOM   236 C CZ  . PHE A 1 30 ? -7.817  2.022   0.126   1.00 11.88  ? 30  PHE A CZ  1 
ATOM   237 N N   . SER A 1 31 ? -8.294  9.025   -1.106  1.00 17.85  ? 31  SER A N   1 
ATOM   238 C CA  . SER A 1 31 ? -8.189  10.447  -1.392  1.00 20.14  ? 31  SER A CA  1 
ATOM   239 C C   . SER A 1 31 ? -6.812  10.927  -1.865  1.00 22.61  ? 31  SER A C   1 
ATOM   240 O O   . SER A 1 31 ? -5.862  10.985  -1.093  1.00 21.98  ? 31  SER A O   1 
ATOM   241 C CB  . SER A 1 31 ? -8.539  11.264  -0.166  1.00 20.53  ? 31  SER A CB  1 
ATOM   242 O OG  . SER A 1 31 ? -8.597  12.638  -0.563  1.00 20.21  ? 31  SER A OG  1 
ATOM   243 N N   . ASP A 1 32 ? -6.742  11.335  -3.128  1.00 25.30  ? 32  ASP A N   1 
ATOM   244 C CA  . ASP A 1 32 ? -5.527  11.905  -3.754  1.00 27.81  ? 32  ASP A CA  1 
ATOM   245 C C   . ASP A 1 32 ? -5.279  13.341  -3.320  1.00 28.93  ? 32  ASP A C   1 
ATOM   246 O O   . ASP A 1 32 ? -4.216  13.878  -3.617  1.00 29.44  ? 32  ASP A O   1 
ATOM   247 C CB  . ASP A 1 32 ? -5.651  11.874  -5.292  1.00 28.58  ? 32  ASP A CB  1 
ATOM   248 C CG  . ASP A 1 32 ? -7.003  12.421  -5.774  1.00 29.88  ? 32  ASP A CG  1 
ATOM   249 O OD1 . ASP A 1 32 ? -7.213  13.667  -5.730  1.00 33.20  ? 32  ASP A OD1 1 
ATOM   250 O OD2 . ASP A 1 32 ? -7.865  11.576  -6.126  1.00 30.39  ? 32  ASP A OD2 1 
ATOM   251 N N   . GLU A 1 33 ? -6.277  13.943  -2.657  1.00 30.15  ? 33  GLU A N   1 
ATOM   252 C CA  . GLU A 1 33 ? -6.145  15.238  -1.954  1.00 31.18  ? 33  GLU A CA  1 
ATOM   253 C C   . GLU A 1 33 ? -5.526  15.110  -0.549  1.00 30.34  ? 33  GLU A C   1 
ATOM   254 O O   . GLU A 1 33 ? -4.754  15.985  -0.124  1.00 30.76  ? 33  GLU A O   1 
ATOM   255 C CB  . GLU A 1 33 ? -7.512  15.905  -1.780  1.00 32.28  ? 33  GLU A CB  1 
ATOM   256 C CG  . GLU A 1 33 ? -8.179  16.323  -3.051  1.00 34.98  ? 33  GLU A CG  1 
ATOM   257 C CD  . GLU A 1 33 ? -9.634  16.737  -2.827  1.00 39.11  ? 33  GLU A CD  1 
ATOM   258 O OE1 . GLU A 1 33 ? -9.919  17.535  -1.882  1.00 41.18  ? 33  GLU A OE1 1 
ATOM   259 O OE2 . GLU A 1 33 ? -10.492 16.264  -3.619  1.00 41.62  ? 33  GLU A OE2 1 
ATOM   260 N N   . GLU A 1 34 ? -5.916  14.056  0.176   1.00 28.65  ? 34  GLU A N   1 
ATOM   261 C CA  . GLU A 1 34 ? -5.416  13.812  1.547   1.00 27.78  ? 34  GLU A CA  1 
ATOM   262 C C   . GLU A 1 34 ? -4.103  13.068  1.516   1.00 25.00  ? 34  GLU A C   1 
ATOM   263 O O   . GLU A 1 34 ? -3.324  13.212  2.439   1.00 22.95  ? 34  GLU A O   1 
ATOM   264 C CB  . GLU A 1 34 ? -6.387  12.961  2.401   1.00 28.78  ? 34  GLU A CB  1 
ATOM   265 C CG  . GLU A 1 34 ? -7.843  13.411  2.477   1.00 32.62  ? 34  GLU A CG  1 
ATOM   266 C CD  . GLU A 1 34 ? -8.041  14.700  3.222   1.00 36.35  ? 34  GLU A CD  1 
ATOM   267 O OE1 . GLU A 1 34 ? -7.167  15.072  4.069   1.00 39.37  ? 34  GLU A OE1 1 
ATOM   268 O OE2 . GLU A 1 34 ? -9.087  15.341  2.955   1.00 39.06  ? 34  GLU A OE2 1 
ATOM   269 N N   . PHE A 1 35 ? -3.867  12.245  0.490   1.00 22.32  ? 35  PHE A N   1 
ATOM   270 C CA  . PHE A 1 35 ? -2.644  11.411  0.474   1.00 21.31  ? 35  PHE A CA  1 
ATOM   271 C C   . PHE A 1 35 ? -1.856  11.504  -0.768  1.00 20.79  ? 35  PHE A C   1 
ATOM   272 O O   . PHE A 1 35 ? -2.468  11.406  -1.819  1.00 22.70  ? 35  PHE A O   1 
ATOM   273 C CB  . PHE A 1 35 ? -3.007  9.948   0.618   1.00 20.96  ? 35  PHE A CB  1 
ATOM   274 C CG  . PHE A 1 35 ? -3.809  9.651   1.825   1.00 20.49  ? 35  PHE A CG  1 
ATOM   275 C CD1 . PHE A 1 35 ? -3.174  9.505   3.056   1.00 19.91  ? 35  PHE A CD1 1 
ATOM   276 C CD2 . PHE A 1 35 ? -5.178  9.500   1.751   1.00 22.01  ? 35  PHE A CD2 1 
ATOM   277 C CE1 . PHE A 1 35 ? -3.887  9.204   4.172   1.00 20.42  ? 35  PHE A CE1 1 
ATOM   278 C CE2 . PHE A 1 35 ? -5.906  9.195   2.881   1.00 22.58  ? 35  PHE A CE2 1 
ATOM   279 C CZ  . PHE A 1 35 ? -5.245  9.049   4.112   1.00 20.80  ? 35  PHE A CZ  1 
ATOM   280 N N   . ASP A 1 36 ? -0.522  11.542  -0.707  1.00 18.74  ? 36  ASP A N   1 
ATOM   281 C CA  . ASP A 1 36 ? 0.256   11.565  -1.962  1.00 17.75  ? 36  ASP A CA  1 
ATOM   282 C C   . ASP A 1 36 ? 0.597   10.182  -2.445  1.00 15.72  ? 36  ASP A C   1 
ATOM   283 O O   . ASP A 1 36 ? 0.552   9.931   -3.616  1.00 14.84  ? 36  ASP A O   1 
ATOM   284 C CB  . ASP A 1 36 ? 1.569   12.335  -1.856  1.00 18.95  ? 36  ASP A CB  1 
ATOM   285 C CG  . ASP A 1 36 ? 1.369   13.842  -1.821  1.00 22.78  ? 36  ASP A CG  1 
ATOM   286 O OD1 . ASP A 1 36 ? 0.342   14.331  -2.321  1.00 27.53  ? 36  ASP A OD1 1 
ATOM   287 O OD2 . ASP A 1 36 ? 2.243   14.559  -1.261  1.00 29.32  ? 36  ASP A OD2 1 
ATOM   288 N N   . THR A 1 37 ? 1.035   9.309   -1.548  1.00 13.71  ? 37  THR A N   1 
ATOM   289 C CA  . THR A 1 37 ? 1.515   7.985   -1.956  1.00 12.72  ? 37  THR A CA  1 
ATOM   290 C C   . THR A 1 37 ? 0.918   6.909   -1.079  1.00 11.36  ? 37  THR A C   1 
ATOM   291 O O   . THR A 1 37 ? 0.382   7.191   -0.026  1.00 11.52  ? 37  THR A O   1 
ATOM   292 C CB  . THR A 1 37 ? 3.044   7.900   -1.896  1.00 13.38  ? 37  THR A CB  1 
ATOM   293 O OG1 . THR A 1 37 ? 3.452   8.051   -0.541  1.00 13.38  ? 37  THR A OG1 1 
ATOM   294 C CG2 . THR A 1 37 ? 3.703   9.024   -2.755  1.00 14.89  ? 37  THR A CG2 1 
ATOM   295 N N   . VAL A 1 38 ? 0.933   5.682   -1.592  1.00 10.96  ? 38  VAL A N   1 
ATOM   296 C CA  . VAL A 1 38 ? 0.463   4.504   -0.863  1.00 10.90  ? 38  VAL A CA  1 
ATOM   297 C C   . VAL A 1 38 ? 1.145   4.381   0.495   1.00 10.15  ? 38  VAL A C   1 
ATOM   298 O O   . VAL A 1 38 ? 0.521   4.028   1.488   1.00 11.11  ? 38  VAL A O   1 
ATOM   299 C CB  . VAL A 1 38 ? 0.633   3.226   -1.726  1.00 11.25  ? 38  VAL A CB  1 
ATOM   300 C CG1 . VAL A 1 38 ? 0.525   1.914   -0.887  1.00 12.45  ? 38  VAL A CG1 1 
ATOM   301 C CG2 . VAL A 1 38 ? -0.380  3.251   -2.878  1.00 11.20  ? 38  VAL A CG2 1 
ATOM   302 N N   . GLY A 1 39 ? 2.445   4.634   0.549   1.00 10.06  ? 39  GLY A N   1 
ATOM   303 C CA  . GLY A 1 39 ? 3.165   4.540   1.841   1.00 9.87   ? 39  GLY A CA  1 
ATOM   304 C C   . GLY A 1 39 ? 2.643   5.557   2.851   1.00 8.72   ? 39  GLY A C   1 
ATOM   305 O O   . GLY A 1 39 ? 2.528   5.248   4.025   1.00 9.06   ? 39  GLY A O   1 
ATOM   306 N N   . GLY A 1 40 ? 2.402   6.783   2.415   1.00 10.11  ? 40  GLY A N   1 
ATOM   307 C CA  . GLY A 1 40 ? 1.651   7.764   3.222   1.00 10.79  ? 40  GLY A CA  1 
ATOM   308 C C   . GLY A 1 40 ? 0.264   7.324   3.683   1.00 11.67  ? 40  GLY A C   1 
ATOM   309 O O   . GLY A 1 40 ? -0.098  7.569   4.807   1.00 14.19  ? 40  GLY A O   1 
ATOM   310 N N   . LEU A 1 41 ? -0.512  6.691   2.813   1.00 11.62  ? 41  LEU A N   1 
ATOM   311 C CA  . LEU A 1 41 ? -1.808  6.142   3.172   1.00 11.23  ? 41  LEU A CA  1 
ATOM   312 C C   . LEU A 1 41 ? -1.622  5.112   4.281   1.00 11.40  ? 41  LEU A C   1 
ATOM   313 O O   . LEU A 1 41 ? -2.322  5.152   5.300   1.00 10.74  ? 41  LEU A O   1 
ATOM   314 C CB  . LEU A 1 41 ? -2.422  5.490   1.950   1.00 11.97  ? 41  LEU A CB  1 
ATOM   315 C CG  . LEU A 1 41 ? -3.786  4.799   2.005   1.00 13.36  ? 41  LEU A CG  1 
ATOM   316 C CD1 . LEU A 1 41 ? -4.899  5.752   2.451   1.00 14.78  ? 41  LEU A CD1 1 
ATOM   317 C CD2 . LEU A 1 41 ? -3.996  4.195   0.630   1.00 12.28  ? 41  LEU A CD2 1 
ATOM   318 N N   . VAL A 1 42 ? -0.700  4.169   4.071   1.00 11.14  ? 42  VAL A N   1 
ATOM   319 C CA  . VAL A 1 42 ? -0.457  3.088   5.033   1.00 12.97  ? 42  VAL A CA  1 
ATOM   320 C C   . VAL A 1 42 ? 0.135   3.611   6.359   1.00 13.18  ? 42  VAL A C   1 
ATOM   321 O O   . VAL A 1 42 ? -0.300  3.215   7.445   1.00 12.17  ? 42  VAL A O   1 
ATOM   322 C CB  . VAL A 1 42 ? 0.401   1.957   4.362   1.00 12.05  ? 42  VAL A CB  1 
ATOM   323 C CG1 . VAL A 1 42 ? 1.058   1.090   5.343   1.00 14.44  ? 42  VAL A CG1 1 
ATOM   324 C CG2 . VAL A 1 42 ? -0.451  1.112   3.365   1.00 14.56  ? 42  VAL A CG2 1 
ATOM   325 N N   . MET A 1 43 ? 1.113   4.519   6.279   1.00 14.90  ? 43  MET A N   1 
ATOM   326 C CA  . MET A 1 43 ? 1.801   5.013   7.499   1.00 17.38  ? 43  MET A CA  1 
ATOM   327 C C   . MET A 1 43 ? 0.823   5.793   8.326   1.00 18.34  ? 43  MET A C   1 
ATOM   328 O O   . MET A 1 43 ? 0.846   5.747   9.556   1.00 21.02  ? 43  MET A O   1 
ATOM   329 C CB  . MET A 1 43 ? 3.115   5.814   7.200   1.00 17.59  ? 43  MET A CB  1 
ATOM   330 C CG  . MET A 1 43 ? 4.304   4.942   7.065   1.00 19.13  ? 43  MET A CG  1 
ATOM   331 S SD  . MET A 1 43 ? 5.841   5.794   6.673   1.00 21.68  ? 43  MET A SD  1 
ATOM   332 C CE  . MET A 1 43 ? 6.102   6.426   8.288   1.00 23.24  ? 43  MET A CE  1 
ATOM   333 N N   . SER A 1 44 ? -0.107  6.479   7.697   1.00 19.47  ? 44  SER A N   1 
ATOM   334 C CA  . SER A 1 44 ? -1.115  7.184   8.469   1.00 19.68  ? 44  SER A CA  1 
ATOM   335 C C   . SER A 1 44 ? -2.044  6.223   9.197   1.00 18.36  ? 44  SER A C   1 
ATOM   336 O O   . SER A 1 44 ? -2.364  6.451   10.344  1.00 19.00  ? 44  SER A O   1 
ATOM   337 C CB  . SER A 1 44 ? -1.914  8.056   7.543   1.00 20.21  ? 44  SER A CB  1 
ATOM   338 O OG  . SER A 1 44 ? -2.984  7.337   6.940   1.00 24.37  ? 44  SER A OG  1 
ATOM   339 N N   . ALA A 1 45 ? -2.447  5.149   8.528   1.00 16.45  ? 45  ALA A N   1 
ATOM   340 C CA  . ALA A 1 45 ? -3.301  4.114   9.103   1.00 14.94  ? 45  ALA A CA  1 
ATOM   341 C C   . ALA A 1 45 ? -2.653  3.373   10.266  1.00 14.44  ? 45  ALA A C   1 
ATOM   342 O O   . ALA A 1 45 ? -3.290  3.139   11.269  1.00 15.43  ? 45  ALA A O   1 
ATOM   343 C CB  . ALA A 1 45 ? -3.738  3.153   8.049   1.00 15.08  ? 45  ALA A CB  1 
ATOM   344 N N   . PHE A 1 46 ? -1.368  3.085   10.182  1.00 12.83  ? 46  PHE A N   1 
ATOM   345 C CA  . PHE A 1 46 ? -0.589  2.550   11.311  1.00 12.59  ? 46  PHE A CA  1 
ATOM   346 C C   . PHE A 1 46 ? -0.346  3.624   12.392  1.00 11.19  ? 46  PHE A C   1 
ATOM   347 O O   . PHE A 1 46 ? -0.405  3.326   13.578  1.00 11.04  ? 46  PHE A O   1 
ATOM   348 C CB  . PHE A 1 46 ? 0.790   1.971   10.853  1.00 11.62  ? 46  PHE A CB  1 
ATOM   349 C CG  . PHE A 1 46 ? 0.705   0.650   10.119  1.00 12.18  ? 46  PHE A CG  1 
ATOM   350 C CD1 . PHE A 1 46 ? 0.198   -0.465  10.743  1.00 14.28  ? 46  PHE A CD1 1 
ATOM   351 C CD2 . PHE A 1 46 ? 1.140   0.529   8.799   1.00 12.86  ? 46  PHE A CD2 1 
ATOM   352 C CE1 . PHE A 1 46 ? 0.110   -1.677  10.078  1.00 15.73  ? 46  PHE A CE1 1 
ATOM   353 C CE2 . PHE A 1 46 ? 1.053   -0.715  8.103   1.00 14.69  ? 46  PHE A CE2 1 
ATOM   354 C CZ  . PHE A 1 46 ? 0.545   -1.815  8.753   1.00 15.62  ? 46  PHE A CZ  1 
ATOM   355 N N   . GLY A 1 47 ? -0.032  4.861   11.984  1.00 10.35  ? 47  GLY A N   1 
ATOM   356 C CA  . GLY A 1 47 ? 0.375   5.910   12.929  1.00 11.07  ? 47  GLY A CA  1 
ATOM   357 C C   . GLY A 1 47 ? 1.774   5.761   13.472  1.00 10.64  ? 47  GLY A C   1 
ATOM   358 O O   . GLY A 1 47 ? 2.146   6.435   14.420  1.00 10.78  ? 47  GLY A O   1 
ATOM   359 N N   . HIS A 1 48 ? 2.542   4.821   12.916  1.00 10.63  ? 48  HIS A N   1 
ATOM   360 C CA  . HIS A 1 48 ? 3.946   4.557   13.271  1.00 10.78  ? 48  HIS A CA  1 
ATOM   361 C C   . HIS A 1 48 ? 4.608   3.980   12.038  1.00 9.29   ? 48  HIS A C   1 
ATOM   362 O O   . HIS A 1 48 ? 3.894   3.589   11.087  1.00 12.03  ? 48  HIS A O   1 
ATOM   363 C CB  . HIS A 1 48 ? 4.126   3.609   14.500  1.00 11.18  ? 48  HIS A CB  1 
ATOM   364 C CG  . HIS A 1 48 ? 3.443   2.282   14.352  1.00 12.19  ? 48  HIS A CG  1 
ATOM   365 N ND1 . HIS A 1 48 ? 4.052   1.174   13.808  1.00 14.33  ? 48  HIS A ND1 1 
ATOM   366 C CD2 . HIS A 1 48 ? 2.188   1.896   14.669  1.00 10.81  ? 48  HIS A CD2 1 
ATOM   367 C CE1 . HIS A 1 48 ? 3.206   0.163   13.793  1.00 11.19  ? 48  HIS A CE1 1 
ATOM   368 N NE2 . HIS A 1 48 ? 2.069   0.574   14.303  1.00 14.70  ? 48  HIS A NE2 1 
ATOM   369 N N   . LEU A 1 49 ? 5.947   3.885   12.046  1.00 8.52   ? 49  LEU A N   1 
ATOM   370 C CA  . LEU A 1 49 ? 6.699   3.153   11.022  1.00 8.17   ? 49  LEU A CA  1 
ATOM   371 C C   . LEU A 1 49 ? 6.568   1.646   11.270  1.00 8.07   ? 49  LEU A C   1 
ATOM   372 O O   . LEU A 1 49 ? 7.061   1.119   12.295  1.00 9.22   ? 49  LEU A O   1 
ATOM   373 C CB  . LEU A 1 49 ? 8.170   3.577   11.068  1.00 8.41   ? 49  LEU A CB  1 
ATOM   374 C CG  . LEU A 1 49 ? 9.165   2.914   10.069  1.00 8.82   ? 49  LEU A CG  1 
ATOM   375 C CD1 . LEU A 1 49 ? 8.838   3.323   8.644   1.00 11.55  ? 49  LEU A CD1 1 
ATOM   376 C CD2 . LEU A 1 49 ? 10.588  3.268   10.459  1.00 6.26   ? 49  LEU A CD2 1 
ATOM   377 N N   . PRO A 1 50 ? 5.863   0.931   10.371  1.00 8.91   ? 50  PRO A N   1 
ATOM   378 C CA  . PRO A 1 50 ? 5.674   -0.469  10.615  1.00 9.42   ? 50  PRO A CA  1 
ATOM   379 C C   . PRO A 1 50 ? 6.907   -1.278  10.249  1.00 10.33  ? 50  PRO A C   1 
ATOM   380 O O   . PRO A 1 50 ? 7.789   -0.846  9.473   1.00 11.32  ? 50  PRO A O   1 
ATOM   381 C CB  . PRO A 1 50 ? 4.498   -0.811  9.701   1.00 9.12   ? 50  PRO A CB  1 
ATOM   382 C CG  . PRO A 1 50 ? 4.707   0.077   8.540   1.00 9.46   ? 50  PRO A CG  1 
ATOM   383 C CD  . PRO A 1 50 ? 5.195   1.354   9.142   1.00 9.26   ? 50  PRO A CD  1 
ATOM   384 N N   . LYS A 1 51 ? 6.928   -2.486  10.790  1.00 12.08  ? 51  LYS A N   1 
ATOM   385 C CA  . LYS A 1 51 ? 7.905   -3.498  10.457  1.00 11.40  ? 51  LYS A CA  1 
ATOM   386 C C   . LYS A 1 51 ? 7.273   -4.453  9.506   1.00 11.20  ? 51  LYS A C   1 
ATOM   387 O O   . LYS A 1 51 ? 6.042   -4.453  9.325   1.00 9.77   ? 51  LYS A O   1 
ATOM   388 C CB  . LYS A 1 51 ? 8.345   -4.242  11.714  1.00 13.82  ? 51  LYS A CB  1 
ATOM   389 C CG  . LYS A 1 51 ? 9.338   -3.445  12.511  1.00 17.44  ? 51  LYS A CG  1 
ATOM   390 C CD  . LYS A 1 51 ? 9.602   -4.047  13.859  1.00 23.21  ? 51  LYS A CD  1 
ATOM   391 C CE  . LYS A 1 51 ? 11.090  -3.792  14.356  1.00 28.10  ? 51  LYS A CE  1 
ATOM   392 N NZ  . LYS A 1 51 ? 11.914  -2.773  13.540  1.00 30.47  ? 51  LYS A NZ  1 
ATOM   393 N N   . ARG A 1 52 ? 8.109   -5.201  8.815   1.00 10.94  ? 52  ARG A N   1 
ATOM   394 C CA  . ARG A 1 52 ? 7.655   -6.316  8.029   1.00 10.35  ? 52  ARG A CA  1 
ATOM   395 C C   . ARG A 1 52 ? 6.602   -7.162  8.759   1.00 9.90   ? 52  ARG A C   1 
ATOM   396 O O   . ARG A 1 52 ? 6.711   -7.461  9.968   1.00 9.50   ? 52  ARG A O   1 
ATOM   397 C CB  . ARG A 1 52 ? 8.860   -7.191  7.645   1.00 11.22  ? 52  ARG A CB  1 
ATOM   398 C CG  . ARG A 1 52 ? 8.501   -8.267  6.665   1.00 11.44  ? 52  ARG A CG  1 
ATOM   399 C CD  . ARG A 1 52 ? 9.663   -8.887  6.009   1.00 13.24  ? 52  ARG A CD  1 
ATOM   400 N NE  . ARG A 1 52 ? 9.237   -9.505  4.764   1.00 17.73  ? 52  ARG A NE  1 
ATOM   401 C CZ  . ARG A 1 52 ? 8.772   -10.727 4.694   1.00 16.45  ? 52  ARG A CZ  1 
ATOM   402 N NH1 . ARG A 1 52 ? 8.657   -11.442 5.779   1.00 20.47  ? 52  ARG A NH1 1 
ATOM   403 N NH2 . ARG A 1 52 ? 8.399   -11.208 3.580   1.00 15.38  ? 52  ARG A NH2 1 
ATOM   404 N N   . ASN A 1 53 ? 5.571   -7.514  8.001   1.00 10.70  ? 53  ASN A N   1 
ATOM   405 C CA  . ASN A 1 53 ? 4.447   -8.384  8.352   1.00 10.78  ? 53  ASN A CA  1 
ATOM   406 C C   . ASN A 1 53 ? 3.345   -7.705  9.167   1.00 10.08  ? 53  ASN A C   1 
ATOM   407 O O   . ASN A 1 53 ? 2.372   -8.330  9.500   1.00 11.28  ? 53  ASN A O   1 
ATOM   408 C CB  . ASN A 1 53 ? 4.899   -9.687  8.968   1.00 11.66  ? 53  ASN A CB  1 
ATOM   409 C CG  . ASN A 1 53 ? 5.590   -10.564 7.995   1.00 14.47  ? 53  ASN A CG  1 
ATOM   410 O OD1 . ASN A 1 53 ? 5.327   -10.520 6.784   1.00 19.52  ? 53  ASN A OD1 1 
ATOM   411 N ND2 . ASN A 1 53 ? 6.494   -11.369 8.497   1.00 16.80  ? 53  ASN A ND2 1 
ATOM   412 N N   . GLU A 1 54 ? 3.506   -6.431  9.508   1.00 9.21   ? 54  GLU A N   1 
ATOM   413 C CA  . GLU A 1 54 ? 2.380   -5.645  9.998   1.00 9.64   ? 54  GLU A CA  1 
ATOM   414 C C   . GLU A 1 54 ? 1.343   -5.525  8.865   1.00 9.54   ? 54  GLU A C   1 
ATOM   415 O O   . GLU A 1 54 ? 1.678   -5.451  7.694   1.00 9.41   ? 54  GLU A O   1 
ATOM   416 C CB  . GLU A 1 54 ? 2.840   -4.268  10.479  1.00 8.72   ? 54  GLU A CB  1 
ATOM   417 C CG  . GLU A 1 54 ? 3.743   -4.360  11.709  1.00 11.87  ? 54  GLU A CG  1 
ATOM   418 C CD  . GLU A 1 54 ? 3.916   -3.061  12.479  1.00 15.12  ? 54  GLU A CD  1 
ATOM   419 O OE1 . GLU A 1 54 ? 2.907   -2.374  12.759  1.00 16.66  ? 54  GLU A OE1 1 
ATOM   420 O OE2 . GLU A 1 54 ? 5.069   -2.774  12.878  1.00 18.49  ? 54  GLU A OE2 1 
ATOM   421 N N   . VAL A 1 55 ? 0.070   -5.572  9.237   1.00 10.35  ? 55  VAL A N   1 
ATOM   422 C CA  . VAL A 1 55 ? -1.027  -5.539  8.295   1.00 11.96  ? 55  VAL A CA  1 
ATOM   423 C C   . VAL A 1 55 ? -2.052  -4.456  8.674   1.00 11.40  ? 55  VAL A C   1 
ATOM   424 O O   . VAL A 1 55 ? -2.339  -4.237  9.866   1.00 11.37  ? 55  VAL A O   1 
ATOM   425 C CB  . VAL A 1 55 ? -1.754  -6.915  8.292   1.00 12.24  ? 55  VAL A CB  1 
ATOM   426 C CG1 . VAL A 1 55 ? -3.015  -6.859  7.477   1.00 15.67  ? 55  VAL A CG1 1 
ATOM   427 C CG2 . VAL A 1 55 ? -0.835  -8.006  7.787   1.00 14.94  ? 55  VAL A CG2 1 
ATOM   428 N N   . VAL A 1 56 ? -2.587  -3.741  7.679   1.00 11.24  ? 56  VAL A N   1 
ATOM   429 C CA  . VAL A 1 56 ? -3.742  -2.864  7.883   1.00 10.63  ? 56  VAL A CA  1 
ATOM   430 C C   . VAL A 1 56 ? -4.753  -3.119  6.759   1.00 11.30  ? 56  VAL A C   1 
ATOM   431 O O   . VAL A 1 56 ? -4.381  -3.381  5.614   1.00 11.23  ? 56  VAL A O   1 
ATOM   432 C CB  . VAL A 1 56 ? -3.297  -1.400  7.994   1.00 10.15  ? 56  VAL A CB  1 
ATOM   433 C CG1 . VAL A 1 56 ? -2.681  -0.840  6.703   1.00 12.42  ? 56  VAL A CG1 1 
ATOM   434 C CG2 . VAL A 1 56 ? -4.457  -0.556  8.537   1.00 12.96  ? 56  VAL A CG2 1 
ATOM   435 N N   . GLU A 1 57 ? -6.029  -3.072  7.104   1.00 12.08  ? 57  GLU A N   1 
ATOM   436 C CA  . GLU A 1 57 ? -7.113  -3.093  6.140   1.00 12.11  ? 57  GLU A CA  1 
ATOM   437 C C   . GLU A 1 57 ? -7.680  -1.700  5.958   1.00 12.22  ? 57  GLU A C   1 
ATOM   438 O O   . GLU A 1 57 ? -7.986  -0.973  6.931   1.00 11.03  ? 57  GLU A O   1 
ATOM   439 C CB  . GLU A 1 57 ? -8.171  -4.086  6.563   1.00 13.32  ? 57  GLU A CB  1 
ATOM   440 C CG  . GLU A 1 57 ? -7.612  -5.509  6.713   1.00 16.67  ? 57  GLU A CG  1 
ATOM   441 C CD  . GLU A 1 57 ? -8.687  -6.559  7.001   1.00 20.90  ? 57  GLU A CD  1 
ATOM   442 O OE1 . GLU A 1 57 ? -9.900  -6.202  7.208   1.00 21.28  ? 57  GLU A OE1 1 
ATOM   443 O OE2 . GLU A 1 57 ? -8.297  -7.757  7.003   1.00 25.14  ? 57  GLU A OE2 1 
ATOM   444 N N   . LEU A 1 58 ? -7.736  -1.325  4.695   1.00 12.08  ? 58  LEU A N   1 
ATOM   445 C CA  . LEU A 1 58 ? -8.231  -0.053  4.262   1.00 13.14  ? 58  LEU A CA  1 
ATOM   446 C C   . LEU A 1 58 ? -9.057  -0.243  2.981   1.00 13.06  ? 58  LEU A C   1 
ATOM   447 O O   . LEU A 1 58 ? -8.602  -0.860  2.001   1.00 12.54  ? 58  LEU A O   1 
ATOM   448 C CB  . LEU A 1 58 ? -7.107  0.895   3.965   1.00 13.93  ? 58  LEU A CB  1 
ATOM   449 C CG  . LEU A 1 58 ? -6.132  1.295   5.059   1.00 14.58  ? 58  LEU A CG  1 
ATOM   450 C CD1 . LEU A 1 58 ? -4.849  1.777   4.380   1.00 16.44  ? 58  LEU A CD1 1 
ATOM   451 C CD2 . LEU A 1 58 ? -6.780  2.351   5.963   1.00 16.03  ? 58  LEU A CD2 1 
ATOM   452 N N   . GLY A 1 59 ? -10.283 0.269   2.999   1.00 13.99  ? 59  GLY A N   1 
ATOM   453 C CA  . GLY A 1 59 ? -11.153 0.158   1.846   1.00 14.62  ? 59  GLY A CA  1 
ATOM   454 C C   . GLY A 1 59 ? -11.435 -1.296  1.736   1.00 14.03  ? 59  GLY A C   1 
ATOM   455 O O   . GLY A 1 59 ? -11.716 -1.942  2.769   1.00 13.90  ? 59  GLY A O   1 
ATOM   456 N N   . GLU A 1 60 ? -11.327 -1.786  0.503   1.00 13.35  ? 60  GLU A N   1 
ATOM   457 C CA  . GLU A 1 60 ? -11.597 -3.187  0.151   1.00 12.87  ? 60  GLU A CA  1 
ATOM   458 C C   . GLU A 1 60 ? -10.319 -3.990  0.012   1.00 11.37  ? 60  GLU A C   1 
ATOM   459 O O   . GLU A 1 60 ? -10.319 -5.031  -0.614  1.00 11.39  ? 60  GLU A O   1 
ATOM   460 C CB  . GLU A 1 60 ? -12.380 -3.223  -1.123  1.00 13.86  ? 60  GLU A CB  1 
ATOM   461 C CG  . GLU A 1 60 ? -13.806 -2.788  -0.872  1.00 16.56  ? 60  GLU A CG  1 
ATOM   462 C CD  . GLU A 1 60 ? -14.637 -3.910  -0.218  1.00 22.54  ? 60  GLU A CD  1 
ATOM   463 O OE1 . GLU A 1 60 ? -14.863 -4.999  -0.838  1.00 28.83  ? 60  GLU A OE1 1 
ATOM   464 O OE2 . GLU A 1 60 ? -15.066 -3.712  0.907   1.00 25.90  ? 60  GLU A OE2 1 
ATOM   465 N N   . PHE A 1 61 ? -9.255  -3.516  0.649   1.00 10.34  ? 61  PHE A N   1 
ATOM   466 C CA  . PHE A 1 61 ? -7.958  -4.170  0.578   1.00 9.94   ? 61  PHE A CA  1 
ATOM   467 C C   . PHE A 1 61 ? -7.287  -4.356  1.895   1.00 9.13   ? 61  PHE A C   1 
ATOM   468 O O   . PHE A 1 61 ? -7.479  -3.567  2.809   1.00 8.88   ? 61  PHE A O   1 
ATOM   469 C CB  . PHE A 1 61 ? -7.028  -3.377  -0.319  1.00 11.17  ? 61  PHE A CB  1 
ATOM   470 C CG  . PHE A 1 61 ? -7.496  -3.274  -1.737  1.00 12.40  ? 61  PHE A CG  1 
ATOM   471 C CD1 . PHE A 1 61 ? -7.247  -4.278  -2.625  1.00 13.29  ? 61  PHE A CD1 1 
ATOM   472 C CD2 . PHE A 1 61 ? -8.229  -2.180  -2.158  1.00 14.21  ? 61  PHE A CD2 1 
ATOM   473 C CE1 . PHE A 1 61 ? -7.704  -4.199  -3.920  1.00 15.56  ? 61  PHE A CE1 1 
ATOM   474 C CE2 . PHE A 1 61 ? -8.691  -2.109  -3.474  1.00 15.01  ? 61  PHE A CE2 1 
ATOM   475 C CZ  . PHE A 1 61 ? -8.422  -3.113  -4.332  1.00 14.24  ? 61  PHE A CZ  1 
ATOM   476 N N   . ARG A 1 62 ? -6.506  -5.434  1.965   1.00 9.75   ? 62  ARG A N   1 
ATOM   477 C CA  . ARG A 1 62 ? -5.536  -5.677  2.995   1.00 9.16   ? 62  ARG A CA  1 
ATOM   478 C C   . ARG A 1 62 ? -4.116  -5.309  2.482   1.00 9.24   ? 62  ARG A C   1 
ATOM   479 O O   . ARG A 1 62 ? -3.704  -5.667  1.354   1.00 9.01   ? 62  ARG A O   1 
ATOM   480 C CB  . ARG A 1 62 ? -5.615  -7.131  3.484   1.00 10.58  ? 62  ARG A CB  1 
ATOM   481 C CG  . ARG A 1 62 ? -4.519  -7.472  4.515   1.00 15.30  ? 62  ARG A CG  1 
ATOM   482 C CD  . ARG A 1 62 ? -4.523  -8.920  5.103   1.00 20.89  ? 62  ARG A CD  1 
ATOM   483 N NE  . ARG A 1 62 ? -5.794  -9.277  5.719   1.00 27.20  ? 62  ARG A NE  1 
ATOM   484 C CZ  . ARG A 1 62 ? -6.783  -9.948  5.116   1.00 31.77  ? 62  ARG A CZ  1 
ATOM   485 N NH1 . ARG A 1 62 ? -6.657  -10.383 3.850   1.00 34.96  ? 62  ARG A NH1 1 
ATOM   486 N NH2 . ARG A 1 62 ? -7.916  -10.191 5.777   1.00 31.78  ? 62  ARG A NH2 1 
ATOM   487 N N   . PHE A 1 63 ? -3.384  -4.558  3.318   1.00 7.62   ? 63  PHE A N   1 
ATOM   488 C CA  . PHE A 1 63 ? -2.027  -4.135  3.045   1.00 8.33   ? 63  PHE A CA  1 
ATOM   489 C C   . PHE A 1 63 ? -1.091  -4.740  4.085   1.00 7.44   ? 63  PHE A C   1 
ATOM   490 O O   . PHE A 1 63 ? -1.167  -4.390  5.244   1.00 8.17   ? 63  PHE A O   1 
ATOM   491 C CB  . PHE A 1 63 ? -1.918  -2.617  3.161   1.00 8.55   ? 63  PHE A CB  1 
ATOM   492 C CG  . PHE A 1 63 ? -2.697  -1.824  2.095   1.00 8.35   ? 63  PHE A CG  1 
ATOM   493 C CD1 . PHE A 1 63 ? -2.034  -1.187  1.079   1.00 11.49  ? 63  PHE A CD1 1 
ATOM   494 C CD2 . PHE A 1 63 ? -4.091  -1.628  2.193   1.00 10.19  ? 63  PHE A CD2 1 
ATOM   495 C CE1 . PHE A 1 63 ? -2.727  -0.435  0.124   1.00 10.87  ? 63  PHE A CE1 1 
ATOM   496 C CE2 . PHE A 1 63 ? -4.741  -0.870  1.274   1.00 9.91   ? 63  PHE A CE2 1 
ATOM   497 C CZ  . PHE A 1 63 ? -4.041  -0.273  0.235   1.00 11.37  ? 63  PHE A CZ  1 
ATOM   498 N N   . ARG A 1 64 ? -0.201  -5.616  3.631   1.00 6.28   ? 64  ARG A N   1 
ATOM   499 C CA  . ARG A 1 64 ? 0.785   -6.277  4.498   1.00 7.06   ? 64  ARG A CA  1 
ATOM   500 C C   . ARG A 1 64 ? 2.164   -5.735  4.149   1.00 6.42   ? 64  ARG A C   1 
ATOM   501 O O   . ARG A 1 64 ? 2.554   -5.690  2.936   1.00 8.63   ? 64  ARG A O   1 
ATOM   502 C CB  . ARG A 1 64 ? 0.712   -7.782  4.305   1.00 6.25   ? 64  ARG A CB  1 
ATOM   503 C CG  . ARG A 1 64 ? 1.819   -8.569  4.970   1.00 10.59  ? 64  ARG A CG  1 
ATOM   504 C CD  . ARG A 1 64 ? 1.773   -10.027 4.598   1.00 15.68  ? 64  ARG A CD  1 
ATOM   505 N NE  . ARG A 1 64 ? 3.112   -10.596 4.771   1.00 20.94  ? 64  ARG A NE  1 
ATOM   506 C CZ  . ARG A 1 64 ? 3.716   -11.457 3.942   1.00 23.05  ? 64  ARG A CZ  1 
ATOM   507 N NH1 . ARG A 1 64 ? 3.116   -11.901 2.824   1.00 23.38  ? 64  ARG A NH1 1 
ATOM   508 N NH2 . ARG A 1 64 ? 4.940   -11.895 4.240   1.00 25.75  ? 64  ARG A NH2 1 
ATOM   509 N N   . VAL A 1 65 ? 2.911   -5.270  5.149   1.00 5.92   ? 65  VAL A N   1 
ATOM   510 C CA  . VAL A 1 65 ? 4.249   -4.750  4.925   1.00 6.37   ? 65  VAL A CA  1 
ATOM   511 C C   . VAL A 1 65 ? 5.217   -5.877  4.561   1.00 5.09   ? 65  VAL A C   1 
ATOM   512 O O   . VAL A 1 65 ? 5.454   -6.793  5.357   1.00 8.01   ? 65  VAL A O   1 
ATOM   513 C CB  . VAL A 1 65 ? 4.788   -3.899  6.148   1.00 5.67   ? 65  VAL A CB  1 
ATOM   514 C CG1 . VAL A 1 65 ? 6.146   -3.349  5.823   1.00 6.04   ? 65  VAL A CG1 1 
ATOM   515 C CG2 . VAL A 1 65 ? 3.794   -2.800  6.464   1.00 7.04   ? 65  VAL A CG2 1 
ATOM   516 N N   . LEU A 1 66 ? 5.750   -5.843  3.351   1.00 5.62   ? 66  LEU A N   1 
ATOM   517 C CA  . LEU A 1 66 ? 6.815   -6.799  2.946   1.00 5.40   ? 66  LEU A CA  1 
ATOM   518 C C   . LEU A 1 66 ? 8.206   -6.292  3.191   1.00 5.49   ? 66  LEU A C   1 
ATOM   519 O O   . LEU A 1 66 ? 9.115   -7.067  3.482   1.00 6.35   ? 66  LEU A O   1 
ATOM   520 C CB  . LEU A 1 66 ? 6.653   -7.156  1.482   1.00 5.92   ? 66  LEU A CB  1 
ATOM   521 C CG  . LEU A 1 66 ? 5.422   -7.906  1.019   1.00 6.97   ? 66  LEU A CG  1 
ATOM   522 C CD1 . LEU A 1 66 ? 5.461   -7.945  -0.480  1.00 9.99   ? 66  LEU A CD1 1 
ATOM   523 C CD2 . LEU A 1 66 ? 5.367   -9.295  1.637   1.00 9.59   ? 66  LEU A CD2 1 
ATOM   524 N N   . ASN A 1 67 ? 8.393   -4.983  3.077   1.00 6.63   ? 67  ASN A N   1 
ATOM   525 C CA  . ASN A 1 67 ? 9.711   -4.364  3.232   1.00 5.40   ? 67  ASN A CA  1 
ATOM   526 C C   . ASN A 1 67 ? 9.589   -2.955  3.742   1.00 5.92   ? 67  ASN A C   1 
ATOM   527 O O   . ASN A 1 67 ? 8.790   -2.130  3.229   1.00 6.59   ? 67  ASN A O   1 
ATOM   528 C CB  . ASN A 1 67 ? 10.485  -4.374  1.878   1.00 5.74   ? 67  ASN A CB  1 
ATOM   529 C CG  . ASN A 1 67 ? 11.884  -3.869  2.021   1.00 5.58   ? 67  ASN A CG  1 
ATOM   530 O OD1 . ASN A 1 67 ? 12.076  -2.702  2.401   1.00 5.95   ? 67  ASN A OD1 1 
ATOM   531 N ND2 . ASN A 1 67 ? 12.900  -4.735  1.739   1.00 3.21   ? 67  ASN A ND2 1 
ATOM   532 N N   . ALA A 1 68 ? 10.275  -2.675  4.831   1.00 5.00   ? 68  ALA A N   1 
ATOM   533 C CA  . ALA A 1 68 ? 10.431  -1.302  5.302   1.00 4.78   ? 68  ALA A CA  1 
ATOM   534 C C   . ALA A 1 68 ? 11.830  -1.201  5.842   1.00 5.57   ? 68  ALA A C   1 
ATOM   535 O O   . ALA A 1 68 ? 12.390  -2.191  6.365   1.00 7.05   ? 68  ALA A O   1 
ATOM   536 C CB  . ALA A 1 68 ? 9.408   -0.968  6.417   1.00 5.05   ? 68  ALA A CB  1 
ATOM   537 N N   . ASP A 1 69 ? 12.404  -0.004  5.802   1.00 5.90   ? 69  ASP A N   1 
ATOM   538 C CA  . ASP A 1 69 ? 13.657  0.240   6.501   1.00 5.93   ? 69  ASP A CA  1 
ATOM   539 C C   . ASP A 1 69 ? 13.453  1.129   7.751   1.00 5.83   ? 69  ASP A C   1 
ATOM   540 O O   . ASP A 1 69 ? 12.385  1.174   8.293   1.00 6.81   ? 69  ASP A O   1 
ATOM   541 C CB  . ASP A 1 69 ? 14.675  0.771   5.524   1.00 5.00   ? 69  ASP A CB  1 
ATOM   542 C CG  . ASP A 1 69 ? 14.366  2.132   4.995   1.00 7.42   ? 69  ASP A CG  1 
ATOM   543 O OD1 . ASP A 1 69 ? 13.552  2.891   5.610   1.00 8.78   ? 69  ASP A OD1 1 
ATOM   544 O OD2 . ASP A 1 69 ? 14.966  2.474   3.934   1.00 8.75   ? 69  ASP A OD2 1 
ATOM   545 N N   . SER A 1 70 ? 14.495  1.801   8.210   1.00 6.35   ? 70  SER A N   1 
ATOM   546 C CA  . SER A 1 70 ? 14.438  2.619   9.444   1.00 7.06   ? 70  SER A CA  1 
ATOM   547 C C   . SER A 1 70 ? 13.712  3.966   9.291   1.00 7.78   ? 70  SER A C   1 
ATOM   548 O O   . SER A 1 70 ? 13.457  4.625   10.272  1.00 8.23   ? 70  SER A O   1 
ATOM   549 C CB  . SER A 1 70 ? 15.839  2.863   9.969   1.00 6.68   ? 70  SER A CB  1 
ATOM   550 O OG  . SER A 1 70 ? 16.306  1.602   10.453  1.00 10.46  ? 70  SER A OG  1 
ATOM   551 N N   . ARG A 1 71 ? 13.397  4.349   8.070   1.00 8.43   ? 71  ARG A N   1 
ATOM   552 C CA  . ARG A 1 71 ? 12.732  5.609   7.727   1.00 8.82   ? 71  ARG A CA  1 
ATOM   553 C C   . ARG A 1 71 ? 11.341  5.439   7.041   1.00 9.14   ? 71  ARG A C   1 
ATOM   554 O O   . ARG A 1 71 ? 10.491  6.268   7.209   1.00 6.51   ? 71  ARG A O   1 
ATOM   555 C CB  . ARG A 1 71 ? 13.587  6.387   6.707   1.00 10.46  ? 71  ARG A CB  1 
ATOM   556 C CG  . ARG A 1 71 ? 14.940  6.899   7.118   1.00 17.21  ? 71  ARG A CG  1 
ATOM   557 C CD  . ARG A 1 71 ? 14.892  8.429   7.528   1.00 23.42  ? 71  ARG A CD  1 
ATOM   558 N NE  . ARG A 1 71 ? 14.070  8.784   8.703   1.00 25.26  ? 71  ARG A NE  1 
ATOM   559 C CZ  . ARG A 1 71 ? 14.349  8.444   9.972   1.00 28.26  ? 71  ARG A CZ  1 
ATOM   560 N NH1 . ARG A 1 71 ? 15.395  7.677   10.268  1.00 27.56  ? 71  ARG A NH1 1 
ATOM   561 N NH2 . ARG A 1 71 ? 13.552  8.839   10.974  1.00 29.68  ? 71  ARG A NH2 1 
ATOM   562 N N   . ARG A 1 72 ? 11.174  4.436   6.156   1.00 8.21   ? 72  ARG A N   1 
ATOM   563 C CA  . ARG A 1 72 ? 10.019  4.370   5.357   1.00 9.38   ? 72  ARG A CA  1 
ATOM   564 C C   . ARG A 1 72 ? 9.593   2.956   4.968   1.00 7.24   ? 72  ARG A C   1 
ATOM   565 O O   . ARG A 1 72 ? 10.362  1.998   5.121   1.00 8.18   ? 72  ARG A O   1 
ATOM   566 C CB  . ARG A 1 72 ? 10.186  5.304   4.168   1.00 9.97   ? 72  ARG A CB  1 
ATOM   567 C CG  . ARG A 1 72 ? 11.148  4.864   3.176   1.00 13.88  ? 72  ARG A CG  1 
ATOM   568 C CD  . ARG A 1 72 ? 11.530  6.018   2.271   1.00 21.56  ? 72  ARG A CD  1 
ATOM   569 N NE  . ARG A 1 72 ? 12.934  5.895   1.916   1.00 29.49  ? 72  ARG A NE  1 
ATOM   570 C CZ  . ARG A 1 72 ? 13.467  6.053   0.681   1.00 34.47  ? 72  ARG A CZ  1 
ATOM   571 N NH1 . ARG A 1 72 ? 12.720  6.397   -0.392  1.00 37.06  ? 72  ARG A NH1 1 
ATOM   572 N NH2 . ARG A 1 72 ? 14.782  5.859   0.521   1.00 35.86  ? 72  ARG A NH2 1 
ATOM   573 N N   . VAL A 1 73 ? 8.344   2.821   4.524   1.00 6.99   ? 73  VAL A N   1 
ATOM   574 C CA  . VAL A 1 73 ? 7.834   1.583   3.936   1.00 5.96   ? 73  VAL A CA  1 
ATOM   575 C C   . VAL A 1 73 ? 8.343   1.558   2.517   1.00 5.56   ? 73  VAL A C   1 
ATOM   576 O O   . VAL A 1 73 ? 8.412   2.599   1.849   1.00 7.66   ? 73  VAL A O   1 
ATOM   577 C CB  . VAL A 1 73 ? 6.346   1.456   3.977   1.00 5.67   ? 73  VAL A CB  1 
ATOM   578 C CG1 . VAL A 1 73 ? 5.814   0.162   3.346   1.00 8.08   ? 73  VAL A CG1 1 
ATOM   579 C CG2 . VAL A 1 73 ? 5.851   1.577   5.404   1.00 7.41   ? 73  VAL A CG2 1 
ATOM   580 N N   . HIS A 1 74 ? 8.675   0.386   2.049   1.00 3.83   ? 74  HIS A N   1 
ATOM   581 C CA  . HIS A 1 74 ? 9.083   0.239   0.658   1.00 4.11   ? 74  HIS A CA  1 
ATOM   582 C C   . HIS A 1 74 ? 8.124   -0.594  -0.209  1.00 4.37   ? 74  HIS A C   1 
ATOM   583 O O   . HIS A 1 74 ? 7.830   -0.199  -1.334  1.00 5.91   ? 74  HIS A O   1 
ATOM   584 C CB  . HIS A 1 74 ? 10.489  -0.342  0.565   1.00 3.94   ? 74  HIS A CB  1 
ATOM   585 C CG  . HIS A 1 74 ? 11.578  0.601   0.951   1.00 6.46   ? 74  HIS A CG  1 
ATOM   586 N ND1 . HIS A 1 74 ? 11.905  1.711   0.197   1.00 9.31   ? 74  HIS A ND1 1 
ATOM   587 C CD2 . HIS A 1 74 ? 12.429  0.593   1.999   1.00 5.44   ? 74  HIS A CD2 1 
ATOM   588 C CE1 . HIS A 1 74 ? 12.917  2.335   0.770   1.00 10.59  ? 74  HIS A CE1 1 
ATOM   589 N NE2 . HIS A 1 74 ? 13.251  1.675   1.860   1.00 5.43   ? 74  HIS A NE2 1 
ATOM   590 N N   . LEU A 1 75 ? 7.672   -1.735  0.290   1.00 4.48   ? 75  LEU A N   1 
ATOM   591 C CA  . LEU A 1 75 ? 6.860   -2.657  -0.482  1.00 5.89   ? 75  LEU A CA  1 
ATOM   592 C C   . LEU A 1 75 ? 5.730   -3.183  0.395   1.00 6.33   ? 75  LEU A C   1 
ATOM   593 O O   . LEU A 1 75 ? 5.952   -3.545  1.577   1.00 8.50   ? 75  LEU A O   1 
ATOM   594 C CB  . LEU A 1 75 ? 7.724   -3.839  -0.939  1.00 5.37   ? 75  LEU A CB  1 
ATOM   595 C CG  . LEU A 1 75 ? 8.890   -3.606  -1.928  1.00 6.31   ? 75  LEU A CG  1 
ATOM   596 C CD1 . LEU A 1 75 ? 9.791   -4.852  -2.160  1.00 7.78   ? 75  LEU A CD1 1 
ATOM   597 C CD2 . LEU A 1 75 ? 8.349   -3.058  -3.255  1.00 6.06   ? 75  LEU A CD2 1 
ATOM   598 N N   . LEU A 1 76 ? 4.525   -3.245  -0.186  1.00 7.36   ? 76  LEU A N   1 
ATOM   599 C CA  . LEU A 1 76 ? 3.320   -3.739  0.431   1.00 7.24   ? 76  LEU A CA  1 
ATOM   600 C C   . LEU A 1 76 ? 2.855   -4.904  -0.404  1.00 5.86   ? 76  LEU A C   1 
ATOM   601 O O   . LEU A 1 76 ? 2.996   -4.872  -1.613  1.00 8.12   ? 76  LEU A O   1 
ATOM   602 C CB  . LEU A 1 76 ? 2.236   -2.647  0.433   1.00 8.13   ? 76  LEU A CB  1 
ATOM   603 C CG  . LEU A 1 76 ? 2.837   -1.552  1.299   1.00 9.79   ? 76  LEU A CG  1 
ATOM   604 C CD1 . LEU A 1 76 ? 2.734   -0.254  0.681   1.00 11.77  ? 76  LEU A CD1 1 
ATOM   605 C CD2 . LEU A 1 76 ? 2.344   -1.697  2.725   1.00 11.16  ? 76  LEU A CD2 1 
ATOM   606 N N   . ARG A 1 77 ? 2.305   -5.931  0.216   1.00 6.73   ? 77  ARG A N   1 
ATOM   607 C CA  . ARG A 1 77 ? 1.493   -6.907  -0.466  1.00 6.09   ? 77  ARG A CA  1 
ATOM   608 C C   . ARG A 1 77 ? 0.023   -6.536  -0.318  1.00 6.28   ? 77  ARG A C   1 
ATOM   609 O O   . ARG A 1 77 ? -0.458  -6.375  0.766   1.00 5.70   ? 77  ARG A O   1 
ATOM   610 C CB  . ARG A 1 77 ? 1.715   -8.276  0.115   1.00 7.81   ? 77  ARG A CB  1 
ATOM   611 C CG  . ARG A 1 77 ? 1.026   -9.392  -0.596  1.00 9.28   ? 77  ARG A CG  1 
ATOM   612 C CD  . ARG A 1 77 ? 1.689   -10.709 -0.335  1.00 14.26  ? 77  ARG A CD  1 
ATOM   613 N NE  . ARG A 1 77 ? 0.843   -11.807 -0.814  1.00 16.81  ? 77  ARG A NE  1 
ATOM   614 C CZ  . ARG A 1 77 ? 1.269   -12.987 -1.201  1.00 16.87  ? 77  ARG A CZ  1 
ATOM   615 N NH1 . ARG A 1 77 ? 2.562   -13.258 -1.194  1.00 19.79  ? 77  ARG A NH1 1 
ATOM   616 N NH2 . ARG A 1 77 ? 0.392   -13.890 -1.621  1.00 18.31  ? 77  ARG A NH2 1 
ATOM   617 N N   . LEU A 1 78 ? -0.633  -6.370  -1.433  1.00 5.74   ? 78  LEU A N   1 
ATOM   618 C CA  . LEU A 1 78 ? -2.051  -5.985  -1.502  1.00 6.67   ? 78  LEU A CA  1 
ATOM   619 C C   . LEU A 1 78 ? -2.916  -7.198  -1.763  1.00 7.24   ? 78  LEU A C   1 
ATOM   620 O O   . LEU A 1 78 ? -2.654  -7.898  -2.708  1.00 9.10   ? 78  LEU A O   1 
ATOM   621 C CB  . LEU A 1 78 ? -2.226  -4.992  -2.628  1.00 7.41   ? 78  LEU A CB  1 
ATOM   622 C CG  . LEU A 1 78 ? -3.578  -4.318  -2.734  1.00 7.01   ? 78  LEU A CG  1 
ATOM   623 C CD1 . LEU A 1 78 ? -3.755  -3.184  -1.689  1.00 7.65   ? 78  LEU A CD1 1 
ATOM   624 C CD2 . LEU A 1 78 ? -3.813  -3.789  -4.145  1.00 6.87   ? 78  LEU A CD2 1 
ATOM   625 N N   . SER A 1 79 ? -3.882  -7.491  -0.911  1.00 8.12   ? 79  SER A N   1 
ATOM   626 C CA  . SER A 1 79 ? -4.826  -8.611  -1.072  1.00 9.93   ? 79  SER A CA  1 
ATOM   627 C C   . SER A 1 79 ? -6.239  -7.987  -1.106  1.00 12.06  ? 79  SER A C   1 
ATOM   628 O O   . SER A 1 79 ? -6.547  -7.111  -0.321  1.00 12.32  ? 79  SER A O   1 
ATOM   629 C CB  . SER A 1 79 ? -4.716  -9.576  0.139   1.00 11.21  ? 79  SER A CB  1 
ATOM   630 O OG  . SER A 1 79 ? -3.444  -10.164 0.302   1.00 18.38  ? 79  SER A OG  1 
ATOM   631 N N   . PRO A 1 80 ? -7.146  -8.451  -1.999  1.00 14.55  ? 80  PRO A N   1 
ATOM   632 C CA  . PRO A 1 80 ? -8.544  -7.983  -1.867  1.00 16.69  ? 80  PRO A CA  1 
ATOM   633 C C   . PRO A 1 80 ? -9.253  -8.507  -0.625  1.00 19.17  ? 80  PRO A C   1 
ATOM   634 O O   . PRO A 1 80 ? -9.004  -9.642  -0.249  1.00 19.98  ? 80  PRO A O   1 
ATOM   635 C CB  . PRO A 1 80 ? -9.246  -8.598  -3.085  1.00 16.92  ? 80  PRO A CB  1 
ATOM   636 C CG  . PRO A 1 80 ? -8.390  -9.733  -3.530  1.00 16.31  ? 80  PRO A CG  1 
ATOM   637 C CD  . PRO A 1 80 ? -6.965  -9.372  -3.138  1.00 15.51  ? 80  PRO A CD  1 
ATOM   638 N N   . LEU A 1 81 ? -10.161 -7.755  -0.006  1.00 21.72  ? 81  LEU A N   1 
ATOM   639 C CA  . LEU A 1 81 ? -10.882 -8.313  1.162   1.00 23.88  ? 81  LEU A CA  1 
ATOM   640 C C   . LEU A 1 81 ? -11.942 -9.418  0.861   1.00 27.30  ? 81  LEU A C   1 
ATOM   641 O O   . LEU A 1 81 ? -12.019 -10.414 1.581   1.00 27.68  ? 81  LEU A O   1 
ATOM   642 C CB  . LEU A 1 81 ? -11.514 -7.210  2.023   1.00 23.69  ? 81  LEU A CB  1 
ATOM   643 C CG  . LEU A 1 81 ? -10.628 -6.296  2.865   1.00 21.87  ? 81  LEU A CG  1 
ATOM   644 C CD1 . LEU A 1 81 ? -11.495 -5.262  3.626   1.00 22.67  ? 81  LEU A CD1 1 
ATOM   645 C CD2 . LEU A 1 81 ? -9.755  -7.095  3.812   1.00 21.11  ? 81  LEU A CD2 1 
HETATM 646 O O   . HOH B 2 .  ? 1.507   -15.618 -4.950  1.00 7.73   ? 84  HOH A O   1 
HETATM 647 O O   . HOH B 2 .  ? 10.929  -4.693  9.313   1.00 20.16  ? 85  HOH A O   1 
HETATM 648 O O   . HOH B 2 .  ? 10.627  -0.436  9.763   1.00 8.01   ? 86  HOH A O   1 
HETATM 649 O O   . HOH B 2 .  ? 12.174  8.980   3.067   1.00 87.85  ? 87  HOH A O   1 
HETATM 650 O O   . HOH B 2 .  ? -5.841  -12.715 -4.213  1.00 22.54  ? 88  HOH A O   1 
HETATM 651 O O   . HOH B 2 .  ? 14.845  4.952   3.195   1.00 20.43  ? 89  HOH A O   1 
HETATM 652 O O   . HOH B 2 .  ? 0.325   -3.065  13.446  1.00 30.00  ? 90  HOH A O   1 
HETATM 653 O O   . HOH B 2 .  ? 3.344   -1.014  -12.939 1.00 25.43  ? 91  HOH A O   1 
HETATM 654 O O   . HOH B 2 .  ? -4.951  -13.557 -0.872  1.00 48.70  ? 92  HOH A O   1 
HETATM 655 O O   . HOH B 2 .  ? -2.231  3.808   -13.004 1.00 30.25  ? 93  HOH A O   1 
HETATM 656 O O   . HOH B 2 .  ? 13.682  3.795   12.737  0.50 19.80  ? 94  HOH A O   1 
HETATM 657 O O   . HOH B 2 .  ? -10.993 -5.697  -3.257  1.00 22.88  ? 95  HOH A O   1 
HETATM 658 O O   . HOH B 2 .  ? -12.666 -7.454  -2.097  1.00 26.52  ? 96  HOH A O   1 
HETATM 659 O O   . HOH B 2 .  ? -0.359  -6.013  12.124  1.00 14.02  ? 97  HOH A O   1 
HETATM 660 O O   . HOH B 2 .  ? 11.848  -5.102  5.702   1.00 23.51  ? 98  HOH A O   1 
HETATM 661 O O   . HOH B 2 .  ? 5.892   6.597   0.819   1.00 32.98  ? 99  HOH A O   1 
HETATM 662 O O   . HOH B 2 .  ? -10.397 -6.252  -5.647  1.00 31.04  ? 100 HOH A O   1 
HETATM 663 O O   . HOH B 2 .  ? 4.650   -12.621 -10.246 1.00 25.27  ? 101 HOH A O   1 
HETATM 664 O O   . HOH B 2 .  ? -7.762  9.140   -7.952  1.00 11.13  ? 102 HOH A O   1 
HETATM 665 O O   . HOH B 2 .  ? 9.092   -8.113  11.438  1.00 26.24  ? 103 HOH A O   1 
HETATM 666 O O   . HOH B 2 .  ? -13.836 2.070   -8.389  1.00 65.45  ? 104 HOH A O   1 
HETATM 667 O O   . HOH B 2 .  ? -11.366 -3.989  6.737   1.00 65.15  ? 105 HOH A O   1 
HETATM 668 O O   . HOH B 2 .  ? 6.435   10.233  0.185   1.00 23.43  ? 106 HOH A O   1 
HETATM 669 O O   . HOH B 2 .  ? -11.436 2.906   -1.585  1.00 19.98  ? 107 HOH A O   1 
HETATM 670 O O   . HOH B 2 .  ? 6.280   8.546   -8.650  1.00 56.29  ? 108 HOH A O   1 
HETATM 671 O O   . HOH B 2 .  ? 7.309   -12.457 0.999   1.00 33.38  ? 109 HOH A O   1 
HETATM 672 O O   . HOH B 2 .  ? -6.685  -2.695  10.001  1.00 12.85  ? 110 HOH A O   1 
HETATM 673 O O   . HOH B 2 .  ? 8.708   2.562   -2.897  1.00 12.47  ? 111 HOH A O   1 
HETATM 674 O O   . HOH B 2 .  ? 5.039   -11.489 -1.201  1.00 28.20  ? 112 HOH A O   1 
HETATM 675 O O   . HOH B 2 .  ? 4.610   12.242  -0.882  1.00 60.79  ? 113 HOH A O   1 
HETATM 676 O O   . HOH B 2 .  ? -10.998 0.247   -1.736  1.00 20.31  ? 114 HOH A O   1 
HETATM 677 O O   . HOH B 2 .  ? 5.810   9.095   -5.770  1.00 23.40  ? 115 HOH A O   1 
HETATM 678 O O   . HOH B 2 .  ? 6.525   -12.432 -3.249  1.00 32.07  ? 116 HOH A O   1 
HETATM 679 O O   . HOH B 2 .  ? 6.312   -3.251  -7.589  1.00 174.21 ? 117 HOH A O   1 
HETATM 680 O O   . HOH B 2 .  ? -1.969  -8.448  1.900   1.00 19.39  ? 118 HOH A O   1 
HETATM 681 O O   . HOH B 2 .  ? 8.389   2.797   -10.083 1.00 37.86  ? 119 HOH A O   1 
HETATM 682 O O   . HOH B 2 .  ? 9.278   -9.673  -6.985  1.00 31.44  ? 120 HOH A O   1 
HETATM 683 O O   . HOH B 2 .  ? 9.255   -6.769  -5.751  1.00 22.89  ? 121 HOH A O   1 
HETATM 684 O O   . HOH B 2 .  ? -4.105  15.301  4.977   1.00 30.74  ? 122 HOH A O   1 
HETATM 685 O O   . HOH B 2 .  ? -10.825 2.875   4.579   1.00 57.03  ? 123 HOH A O   1 
HETATM 686 O O   . HOH B 2 .  ? -8.528  -4.388  -8.948  1.00 20.45  ? 124 HOH A O   1 
HETATM 687 O O   . HOH B 2 .  ? 16.123  1.314   13.605  1.00 27.56  ? 125 HOH A O   1 
HETATM 688 O O   . HOH B 2 .  ? 7.598   -14.057 6.539   1.00 36.32  ? 126 HOH A O   1 
HETATM 689 O O   . HOH B 2 .  ? -4.274  18.878  -1.496  1.00 33.12  ? 127 HOH A O   1 
HETATM 690 O O   . HOH B 2 .  ? -5.646  18.213  -4.436  1.00 61.34  ? 128 HOH A O   1 
# 
loop_
_atom_site_anisotrop.id 
_atom_site_anisotrop.type_symbol 
_atom_site_anisotrop.pdbx_label_atom_id 
_atom_site_anisotrop.pdbx_label_alt_id 
_atom_site_anisotrop.pdbx_label_comp_id 
_atom_site_anisotrop.pdbx_label_asym_id 
_atom_site_anisotrop.pdbx_label_seq_id 
_atom_site_anisotrop.pdbx_PDB_ins_code 
_atom_site_anisotrop.U[1][1] 
_atom_site_anisotrop.U[2][2] 
_atom_site_anisotrop.U[3][3] 
_atom_site_anisotrop.U[1][2] 
_atom_site_anisotrop.U[1][3] 
_atom_site_anisotrop.U[2][3] 
_atom_site_anisotrop.pdbx_auth_seq_id 
_atom_site_anisotrop.pdbx_auth_comp_id 
_atom_site_anisotrop.pdbx_auth_asym_id 
_atom_site_anisotrop.pdbx_auth_atom_id 
1   N N   . SER A 1  ? 0.2860 0.2743 0.2399 0.0019  0.0006  -0.0159 1   SER A N   
2   C CA  . SER A 1  ? 0.2721 0.2844 0.2355 -0.0034 -0.0035 -0.0093 1   SER A CA  
3   C C   . SER A 1  ? 0.2271 0.2501 0.1995 0.0020  -0.0049 -0.0111 1   SER A C   
4   O O   . SER A 1  ? 0.2361 0.2776 0.2407 0.0088  0.0037  -0.0193 1   SER A O   
5   C CB  . SER A 1  ? 0.2873 0.2995 0.2397 -0.0065 -0.0011 -0.0022 1   SER A CB  
6   O OG  . SER A 1  ? 0.3363 0.3703 0.3173 -0.0276 -0.0056 -0.0051 1   SER A OG  
7   N N   . TYR A 2  ? 0.1930 0.1983 0.1491 0.0119  -0.0163 -0.0142 2   TYR A N   
8   C CA  . TYR A 2  ? 0.1579 0.1659 0.1307 0.0061  -0.0115 -0.0184 2   TYR A CA  
9   C C   . TYR A 2  ? 0.1310 0.1462 0.0963 0.0128  -0.0192 -0.0237 2   TYR A C   
10  O O   . TYR A 2  ? 0.0984 0.1137 0.0802 0.0082  -0.0370 -0.0480 2   TYR A O   
11  C CB  . TYR A 2  ? 0.1359 0.1587 0.1299 0.0054  -0.0202 -0.0155 2   TYR A CB  
12  C CG  . TYR A 2  ? 0.1942 0.1720 0.1649 0.0183  0.0065  -0.0099 2   TYR A CG  
13  C CD1 . TYR A 2  ? 0.1806 0.1477 0.2303 0.0111  0.0146  0.0005  2   TYR A CD1 
14  C CD2 . TYR A 2  ? 0.2288 0.1728 0.2205 0.0235  0.0220  -0.0022 2   TYR A CD2 
15  C CE1 . TYR A 2  ? 0.2541 0.1450 0.2617 -0.0027 0.0256  0.0036  2   TYR A CE1 
16  C CE2 . TYR A 2  ? 0.2603 0.1722 0.2542 0.0198  0.0297  0.0009  2   TYR A CE2 
17  C CZ  . TYR A 2  ? 0.2673 0.1550 0.2929 -0.0016 0.0185  0.0117  2   TYR A CZ  
18  O OH  . TYR A 2  ? 0.3217 0.1806 0.3420 0.0086  0.0809  0.0709  2   TYR A OH  
19  N N   . ILE A 3  ? 0.1188 0.1308 0.0936 0.0054  -0.0179 -0.0181 3   ILE A N   
20  C CA  . ILE A 3  ? 0.1052 0.1396 0.0744 0.0134  -0.0015 -0.0100 3   ILE A CA  
21  C C   . ILE A 3  ? 0.0894 0.1362 0.0487 0.0118  0.0080  -0.0120 3   ILE A C   
22  O O   . ILE A 3  ? 0.1126 0.1624 0.0698 0.0000  0.0158  0.0073  3   ILE A O   
23  C CB  . ILE A 3  ? 0.0965 0.1284 0.0683 0.0249  0.0043  -0.0201 3   ILE A CB  
24  C CG1 . ILE A 3  ? 0.1519 0.1538 0.1454 0.0264  -0.0115 0.0152  3   ILE A CG1 
25  C CG2 . ILE A 3  ? 0.0536 0.0858 0.1016 0.0294  -0.0011 -0.0019 3   ILE A CG2 
26  C CD1 . ILE A 3  ? 0.1459 0.1590 0.1479 0.0059  0.0004  -0.0022 3   ILE A CD1 
27  N N   . LYS A 4  ? 0.0849 0.1564 0.0431 0.0156  0.0151  -0.0157 4   LYS A N   
28  C CA  . LYS A 4  ? 0.0886 0.1450 0.0510 0.0117  0.0007  -0.0170 4   LYS A CA  
29  C C   . LYS A 4  ? 0.0816 0.1439 0.0314 0.0058  -0.0019 -0.0263 4   LYS A C   
30  O O   . LYS A 4  ? 0.1056 0.1483 0.0385 -0.0096 0.0039  -0.0403 4   LYS A O   
31  C CB  . LYS A 4  ? 0.1008 0.1563 0.0639 0.0145  0.0098  -0.0117 4   LYS A CB  
32  C CG  . LYS A 4  ? 0.1514 0.1578 0.1801 0.0088  -0.0153 -0.0016 4   LYS A CG  
33  C CD  . LYS A 4  ? 0.2317 0.2252 0.2712 0.0192  -0.0183 0.0272  4   LYS A CD  
34  C CE  . LYS A 4  ? 0.2933 0.2577 0.3372 0.0300  -0.0150 0.0160  4   LYS A CE  
35  N NZ  . LYS A 4  ? 0.3534 0.3631 0.3483 0.0565  -0.0160 0.0657  4   LYS A NZ  
36  N N   . PRO A 5  ? 0.0663 0.1579 0.0349 0.0054  -0.0069 -0.0186 5   PRO A N   
37  C CA  . PRO A 5  ? 0.0345 0.1379 0.0386 0.0129  -0.0105 -0.0257 5   PRO A CA  
38  C C   . PRO A 5  ? 0.0441 0.1361 0.0322 0.0222  -0.0089 -0.0247 5   PRO A C   
39  O O   . PRO A 5  ? 0.0373 0.1618 0.0540 0.0307  -0.0168 -0.0258 5   PRO A O   
40  C CB  . PRO A 5  ? 0.0256 0.1670 0.0302 0.0063  -0.0012 -0.0264 5   PRO A CB  
41  C CG  . PRO A 5  ? 0.1137 0.1948 0.0578 -0.0161 -0.0129 -0.0081 5   PRO A CG  
42  C CD  . PRO A 5  ? 0.1059 0.1841 0.0558 -0.0093 -0.0111 -0.0152 5   PRO A CD  
43  N N   . LEU A 6  ? 0.0532 0.1097 0.0390 0.0284  -0.0025 -0.0298 6   LEU A N   
44  C CA  . LEU A 6  ? 0.0592 0.0954 0.0292 0.0405  -0.0082 -0.0121 6   LEU A CA  
45  C C   . LEU A 6  ? 0.0721 0.0824 0.0269 0.0313  0.0010  -0.0068 6   LEU A C   
46  O O   . LEU A 6  ? 0.0826 0.0600 0.0258 0.0445  -0.0052 -0.0040 6   LEU A O   
47  C CB  . LEU A 6  ? 0.0845 0.0870 0.0519 0.0261  0.0049  -0.0340 6   LEU A CB  
48  C CG  . LEU A 6  ? 0.0608 0.1102 0.0405 0.0255  -0.0217 -0.0041 6   LEU A CG  
49  C CD1 . LEU A 6  ? 0.1125 0.1010 0.0965 -0.0066 0.0237  -0.0715 6   LEU A CD1 
50  C CD2 . LEU A 6  ? 0.0388 0.1554 0.0619 0.0024  -0.0216 -0.0196 6   LEU A CD2 
51  N N   . PRO A 7  ? 0.0703 0.0940 0.0255 0.0336  -0.0001 0.0020  7   PRO A N   
52  C CA  . PRO A 7  ? 0.0718 0.0951 0.0378 0.0290  0.0021  -0.0023 7   PRO A CA  
53  C C   . PRO A 7  ? 0.0701 0.0923 0.0364 0.0222  -0.0009 -0.0137 7   PRO A C   
54  O O   . PRO A 7  ? 0.0636 0.0769 0.0479 0.0201  0.0112  -0.0222 7   PRO A O   
55  C CB  . PRO A 7  ? 0.0765 0.1033 0.0488 0.0206  0.0042  0.0056  7   PRO A CB  
56  C CG  . PRO A 7  ? 0.0827 0.1043 0.0281 0.0204  -0.0075 0.0088  7   PRO A CG  
57  C CD  . PRO A 7  ? 0.0794 0.1008 0.0315 0.0366  0.0127  -0.0041 7   PRO A CD  
58  N N   . SER A 8  ? 0.0731 0.0885 0.0577 0.0171  -0.0027 -0.0211 8   SER A N   
59  C CA  . SER A 8  ? 0.0509 0.0754 0.0529 0.0067  -0.0091 -0.0222 8   SER A CA  
60  C C   . SER A 8  ? 0.0462 0.0738 0.0634 0.0040  -0.0086 -0.0248 8   SER A C   
61  O O   . SER A 8  ? 0.0281 0.0739 0.0790 0.0051  -0.0113 -0.0362 8   SER A O   
62  C CB  . SER A 8  ? 0.0495 0.0671 0.0321 0.0059  -0.0094 -0.0136 8   SER A CB  
63  O OG  . SER A 8  ? 0.0850 0.0859 0.0473 -0.0098 -0.0046 -0.0349 8   SER A OG  
64  N N   . GLY A 9  ? 0.0330 0.0898 0.0665 0.0022  -0.0101 -0.0176 9   GLY A N   
65  C CA  . GLY A 9  ? 0.0316 0.0770 0.0516 0.0040  -0.0090 -0.0314 9   GLY A CA  
66  C C   . GLY A 9  ? 0.0351 0.0847 0.0664 0.0036  -0.0098 -0.0267 9   GLY A C   
67  O O   . GLY A 9  ? 0.0379 0.0659 0.0788 0.0183  -0.0259 -0.0352 9   GLY A O   
68  N N   . ASP A 10 ? 0.0609 0.0958 0.0491 0.0037  -0.0112 -0.0310 10  ASP A N   
69  C CA  . ASP A 10 ? 0.0506 0.0887 0.0535 0.0037  -0.0097 -0.0375 10  ASP A CA  
70  C C   . ASP A 10 ? 0.0502 0.0810 0.0546 0.0067  -0.0040 -0.0355 10  ASP A C   
71  O O   . ASP A 10 ? 0.0288 0.0725 0.0442 0.0130  -0.0082 -0.0299 10  ASP A O   
72  C CB  . ASP A 10 ? 0.0678 0.1067 0.0607 0.0138  -0.0003 -0.0390 10  ASP A CB  
73  C CG  . ASP A 10 ? 0.1054 0.1904 0.0913 -0.0113 -0.0054 -0.0313 10  ASP A CG  
74  O OD1 . ASP A 10 ? 0.1276 0.2728 0.0826 0.0271  -0.0173 -0.0765 10  ASP A OD1 
75  O OD2 . ASP A 10 ? 0.1971 0.2657 0.0958 0.0075  0.0147  -0.0369 10  ASP A OD2 
76  N N   . PHE A 11 ? 0.0544 0.0841 0.0533 0.0086  -0.0119 -0.0395 11  PHE A N   
77  C CA  . PHE A 11 ? 0.0292 0.0905 0.0498 0.0066  -0.0044 -0.0398 11  PHE A CA  
78  C C   . PHE A 11 ? 0.0565 0.1053 0.0640 0.0106  -0.0072 -0.0459 11  PHE A C   
79  O O   . PHE A 11 ? 0.0817 0.1410 0.0473 0.0072  -0.0191 -0.0447 11  PHE A O   
80  C CB  . PHE A 11 ? 0.0357 0.0924 0.0639 -0.0054 -0.0044 -0.0462 11  PHE A CB  
81  C CG  . PHE A 11 ? 0.0526 0.0860 0.0634 0.0296  -0.0322 -0.0359 11  PHE A CG  
82  C CD1 . PHE A 11 ? 0.0721 0.0824 0.0640 0.0304  -0.0407 -0.0376 11  PHE A CD1 
83  C CD2 . PHE A 11 ? 0.0931 0.0649 0.0748 0.0239  -0.0469 -0.0396 11  PHE A CD2 
84  C CE1 . PHE A 11 ? 0.0442 0.0975 0.0979 0.0359  -0.0315 -0.0519 11  PHE A CE1 
85  C CE2 . PHE A 11 ? 0.0627 0.1145 0.0633 0.0009  -0.0302 -0.0286 11  PHE A CE2 
86  C CZ  . PHE A 11 ? 0.1000 0.1420 0.0899 -0.0216 -0.0594 -0.0266 11  PHE A CZ  
87  N N   . ILE A 12 ? 0.0673 0.1118 0.0603 0.0173  -0.0107 -0.0550 12  ILE A N   
88  C CA  . ILE A 12 ? 0.0664 0.1358 0.0751 0.0055  -0.0187 -0.0466 12  ILE A CA  
89  C C   . ILE A 12 ? 0.0628 0.1499 0.0518 0.0108  -0.0279 -0.0344 12  ILE A C   
90  O O   . ILE A 12 ? 0.1394 0.1696 0.0352 0.0217  -0.0211 -0.0305 12  ILE A O   
91  C CB  . ILE A 12 ? 0.0877 0.1434 0.0871 0.0062  -0.0291 -0.0432 12  ILE A CB  
92  C CG1 . ILE A 12 ? 0.0936 0.1395 0.1168 -0.0031 -0.0338 -0.0615 12  ILE A CG1 
93  C CG2 . ILE A 12 ? 0.0690 0.1432 0.0938 -0.0120 -0.0323 -0.0627 12  ILE A CG2 
94  C CD1 . ILE A 12 ? 0.0743 0.1003 0.1713 -0.0014 -0.0402 -0.0703 12  ILE A CD1 
95  N N   . VAL A 13 ? 0.0774 0.1329 0.0418 0.0239  -0.0260 -0.0305 13  VAL A N   
96  C CA  . VAL A 13 ? 0.0730 0.1323 0.0448 0.0179  -0.0302 -0.0181 13  VAL A CA  
97  C C   . VAL A 13 ? 0.0738 0.1299 0.0455 0.0198  -0.0276 -0.0142 13  VAL A C   
98  O O   . VAL A 13 ? 0.0954 0.1454 0.0585 0.0418  -0.0467 -0.0140 13  VAL A O   
99  C CB  . VAL A 13 ? 0.0608 0.1371 0.0504 0.0050  -0.0277 -0.0236 13  VAL A CB  
100 C CG1 . VAL A 13 ? 0.0497 0.1502 0.0770 0.0193  -0.0253 -0.0065 13  VAL A CG1 
101 C CG2 . VAL A 13 ? 0.0752 0.0989 0.1043 -0.0019 -0.0573 -0.0288 13  VAL A CG2 
102 N N   . LYS A 14 ? 0.0649 0.1316 0.0694 0.0043  -0.0409 -0.0183 14  LYS A N   
103 C CA  . LYS A 14 ? 0.0821 0.1110 0.0817 0.0081  -0.0325 -0.0218 14  LYS A CA  
104 C C   . LYS A 14 ? 0.0775 0.1062 0.0877 0.0023  -0.0446 -0.0364 14  LYS A C   
105 O O   . LYS A 14 ? 0.0703 0.0646 0.1146 -0.0003 -0.0299 -0.0388 14  LYS A O   
106 C CB  . LYS A 14 ? 0.0890 0.1205 0.0815 -0.0017 -0.0316 -0.0241 14  LYS A CB  
107 C CG  . LYS A 14 ? 0.1206 0.1246 0.1108 0.0095  -0.0104 -0.0073 14  LYS A CG  
108 C CD  . LYS A 14 ? 0.1167 0.1660 0.0938 -0.0175 -0.0250 0.0057  14  LYS A CD  
109 C CE  . LYS A 14 ? 0.1656 0.2381 0.1591 -0.0030 -0.0066 0.0052  14  LYS A CE  
110 N NZ  . LYS A 14 ? 0.1653 0.2509 0.1494 0.0003  -0.0190 0.0050  14  LYS A NZ  
111 N N   . ALA A 15 ? 0.0651 0.1110 0.0879 0.0037  -0.0370 -0.0273 15  ALA A N   
112 C CA  . ALA A 15 ? 0.0648 0.0981 0.0829 -0.0020 -0.0404 -0.0323 15  ALA A CA  
113 C C   . ALA A 15 ? 0.0663 0.1203 0.1035 0.0103  -0.0369 -0.0256 15  ALA A C   
114 O O   . ALA A 15 ? 0.0835 0.0785 0.1475 0.0095  -0.0327 -0.0231 15  ALA A O   
115 C CB  . ALA A 15 ? 0.0813 0.0997 0.0726 0.0169  -0.0512 -0.0213 15  ALA A CB  
116 N N   . LEU A 16 ? 0.0917 0.1417 0.1281 0.0159  -0.0316 -0.0222 16  LEU A N   
117 C CA  . LEU A 16 ? 0.1087 0.1395 0.1421 0.0141  -0.0265 -0.0208 16  LEU A CA  
118 C C   . LEU A 16 ? 0.1084 0.1288 0.1328 0.0179  -0.0318 -0.0179 16  LEU A C   
119 O O   . LEU A 16 ? 0.1093 0.1548 0.1556 0.0348  -0.0182 -0.0326 16  LEU A O   
120 C CB  . LEU A 16 ? 0.1284 0.1615 0.1625 0.0178  -0.0188 -0.0153 16  LEU A CB  
121 C CG  . LEU A 16 ? 0.1604 0.2137 0.1997 0.0203  -0.0146 -0.0131 16  LEU A CG  
122 C CD1 . LEU A 16 ? 0.2350 0.2472 0.1941 0.0421  -0.0552 -0.0014 16  LEU A CD1 
123 C CD2 . LEU A 16 ? 0.1650 0.2748 0.2666 0.0142  -0.0342 0.0144  16  LEU A CD2 
124 N N   . THR A 17 ? 0.1153 0.1240 0.1079 0.0258  -0.0356 -0.0173 17  THR A N   
125 C CA  . THR A 17 ? 0.0944 0.1141 0.1028 0.0299  -0.0316 -0.0207 17  THR A CA  
126 C C   . THR A 17 ? 0.1016 0.1271 0.1011 0.0304  -0.0222 -0.0240 17  THR A C   
127 O O   . THR A 17 ? 0.1080 0.1530 0.1038 0.0366  -0.0136 -0.0246 17  THR A O   
128 C CB  . THR A 17 ? 0.0943 0.1052 0.0900 0.0345  -0.0368 -0.0225 17  THR A CB  
129 O OG1 . THR A 17 ? 0.0591 0.1103 0.0994 0.0385  -0.0242 -0.0333 17  THR A OG1 
130 C CG2 . THR A 17 ? 0.0535 0.0727 0.1015 0.0235  -0.0427 -0.0230 17  THR A CG2 
131 N N   . PRO A 18 ? 0.0921 0.1250 0.1123 0.0277  -0.0274 -0.0261 18  PRO A N   
132 C CA  . PRO A 18 ? 0.0821 0.1270 0.1163 0.0264  -0.0241 -0.0225 18  PRO A CA  
133 C C   . PRO A 18 ? 0.0757 0.1159 0.1228 0.0244  -0.0229 -0.0258 18  PRO A C   
134 O O   . PRO A 18 ? 0.0422 0.1058 0.1327 0.0230  -0.0326 -0.0326 18  PRO A O   
135 C CB  . PRO A 18 ? 0.0799 0.1411 0.1197 0.0330  -0.0262 -0.0192 18  PRO A CB  
136 C CG  . PRO A 18 ? 0.1067 0.1432 0.1045 0.0271  -0.0084 -0.0282 18  PRO A CG  
137 C CD  . PRO A 18 ? 0.0959 0.1286 0.1198 0.0368  -0.0231 -0.0150 18  PRO A CD  
138 N N   . VAL A 19 ? 0.0829 0.1259 0.1103 0.0234  -0.0191 -0.0312 19  VAL A N   
139 C CA  . VAL A 19 ? 0.1107 0.1339 0.1318 0.0265  0.0011  -0.0293 19  VAL A CA  
140 C C   . VAL A 19 ? 0.1242 0.1380 0.1351 0.0273  -0.0004 -0.0355 19  VAL A C   
141 O O   . VAL A 19 ? 0.1323 0.1290 0.1259 0.0217  0.0036  -0.0398 19  VAL A O   
142 C CB  . VAL A 19 ? 0.1203 0.1581 0.1338 0.0147  -0.0044 -0.0242 19  VAL A CB  
143 C CG1 . VAL A 19 ? 0.1082 0.1454 0.1414 0.0643  0.0498  -0.0173 19  VAL A CG1 
144 C CG2 . VAL A 19 ? 0.1388 0.1848 0.1539 0.0277  -0.0019 -0.0175 19  VAL A CG2 
145 N N   . ASP A 20 ? 0.1317 0.1387 0.1402 0.0294  -0.0034 -0.0418 20  ASP A N   
146 C CA  . ASP A 20 ? 0.1452 0.1589 0.1581 0.0342  -0.0079 -0.0380 20  ASP A CA  
147 C C   . ASP A 20 ? 0.1202 0.1440 0.1374 0.0352  -0.0192 -0.0365 20  ASP A C   
148 O O   . ASP A 20 ? 0.0724 0.1516 0.1257 0.0603  -0.0371 -0.0271 20  ASP A O   
149 C CB  . ASP A 20 ? 0.1787 0.1815 0.1807 0.0301  -0.0050 -0.0354 20  ASP A CB  
150 C CG  . ASP A 20 ? 0.2359 0.2539 0.2811 0.0452  -0.0042 -0.0386 20  ASP A CG  
151 O OD1 . ASP A 20 ? 0.3593 0.2447 0.4177 0.1299  -0.0107 -0.0167 20  ASP A OD1 
152 O OD2 . ASP A 20 ? 0.3544 0.3358 0.4437 0.0396  -0.0189 -0.0702 20  ASP A OD2 
153 N N   . ALA A 21 ? 0.0981 0.1229 0.1133 0.0361  -0.0188 -0.0444 21  ALA A N   
154 C CA  . ALA A 21 ? 0.0897 0.1064 0.1067 0.0446  -0.0172 -0.0337 21  ALA A CA  
155 C C   . ALA A 21 ? 0.0842 0.0991 0.1034 0.0523  -0.0265 -0.0355 21  ALA A C   
156 O O   . ALA A 21 ? 0.0725 0.1071 0.1031 0.0385  -0.0319 -0.0315 21  ALA A O   
157 C CB  . ALA A 21 ? 0.0802 0.1082 0.0906 0.0654  -0.0108 -0.0303 21  ALA A CB  
158 N N   . PHE A 22 ? 0.0833 0.0881 0.1152 0.0543  -0.0083 -0.0336 22  PHE A N   
159 C CA  . PHE A 22 ? 0.0770 0.0779 0.1069 0.0414  -0.0118 -0.0330 22  PHE A CA  
160 C C   . PHE A 22 ? 0.0859 0.0860 0.1049 0.0339  -0.0307 -0.0271 22  PHE A C   
161 O O   . PHE A 22 ? 0.0929 0.1028 0.0851 0.0502  -0.0234 -0.0229 22  PHE A O   
162 C CB  . PHE A 22 ? 0.0918 0.0802 0.1306 0.0351  -0.0167 -0.0278 22  PHE A CB  
163 C CG  . PHE A 22 ? 0.0858 0.0724 0.0875 0.0235  -0.0327 -0.0454 22  PHE A CG  
164 C CD1 . PHE A 22 ? 0.0972 0.0600 0.0814 0.0400  -0.0538 -0.0159 22  PHE A CD1 
165 C CD2 . PHE A 22 ? 0.0862 0.0755 0.0993 0.0300  -0.0118 -0.0392 22  PHE A CD2 
166 C CE1 . PHE A 22 ? 0.0991 0.0951 0.1109 0.0117  -0.0361 -0.0123 22  PHE A CE1 
167 C CE2 . PHE A 22 ? 0.1109 0.1024 0.1244 0.0514  0.0042  0.0045  22  PHE A CE2 
168 C CZ  . PHE A 22 ? 0.1270 0.0608 0.1037 0.0404  -0.0091 -0.0252 22  PHE A CZ  
169 N N   . ASN A 23 ? 0.0741 0.1206 0.1069 0.0222  -0.0304 -0.0189 23  ASN A N   
170 C CA  . ASN A 23 ? 0.0826 0.1106 0.1140 0.0162  -0.0278 -0.0158 23  ASN A CA  
171 C C   . ASN A 23 ? 0.0845 0.1116 0.1013 0.0176  -0.0337 -0.0192 23  ASN A C   
172 O O   . ASN A 23 ? 0.0800 0.1040 0.1178 0.0163  -0.0420 -0.0132 23  ASN A O   
173 C CB  . ASN A 23 ? 0.0841 0.0858 0.1027 0.0106  -0.0284 -0.0212 23  ASN A CB  
174 C CG  . ASN A 23 ? 0.0514 0.0898 0.1109 0.0105  -0.0287 -0.0139 23  ASN A CG  
175 O OD1 . ASN A 23 ? 0.0550 0.0827 0.1542 -0.0391 -0.0116 -0.0113 23  ASN A OD1 
176 N ND2 . ASN A 23 ? 0.1177 0.0710 0.1271 0.0334  -0.0074 -0.0329 23  ASN A ND2 
177 N N   . ASP A 24 ? 0.0852 0.1223 0.1010 0.0286  -0.0325 -0.0219 24  ASP A N   
178 C CA  . ASP A 24 ? 0.0916 0.1354 0.1022 0.0260  -0.0447 -0.0124 24  ASP A CA  
179 C C   . ASP A 24 ? 0.0888 0.1399 0.0890 0.0282  -0.0464 -0.0172 24  ASP A C   
180 O O   . ASP A 24 ? 0.1000 0.1397 0.1144 0.0265  -0.0791 -0.0048 24  ASP A O   
181 C CB  . ASP A 24 ? 0.0808 0.1443 0.0960 0.0294  -0.0425 -0.0149 24  ASP A CB  
182 C CG  . ASP A 24 ? 0.1648 0.1746 0.1857 0.0089  -0.0097 0.0159  24  ASP A CG  
183 O OD1 . ASP A 24 ? 0.1823 0.2883 0.2781 0.0187  -0.0010 0.0797  24  ASP A OD1 
184 O OD2 . ASP A 24 ? 0.2865 0.2274 0.2689 -0.0314 0.0564  0.0505  24  ASP A OD2 
185 N N   . PHE A 25 ? 0.0882 0.1355 0.1178 0.0367  -0.0308 -0.0214 25  PHE A N   
186 C CA  . PHE A 25 ? 0.0917 0.1282 0.0992 0.0244  -0.0319 -0.0259 25  PHE A CA  
187 C C   . PHE A 25 ? 0.0860 0.1229 0.0922 0.0376  -0.0317 -0.0154 25  PHE A C   
188 O O   . PHE A 25 ? 0.0685 0.1264 0.0793 0.0281  -0.0445 -0.0031 25  PHE A O   
189 C CB  . PHE A 25 ? 0.0842 0.1296 0.1108 0.0174  -0.0395 -0.0195 25  PHE A CB  
190 C CG  . PHE A 25 ? 0.1166 0.1715 0.1183 0.0035  -0.0117 -0.0435 25  PHE A CG  
191 C CD1 . PHE A 25 ? 0.1493 0.2617 0.1637 -0.0481 -0.0192 -0.0518 25  PHE A CD1 
192 C CD2 . PHE A 25 ? 0.1006 0.1989 0.1500 -0.0215 0.0021  -0.0295 25  PHE A CD2 
193 C CE1 . PHE A 25 ? 0.1490 0.2566 0.1477 -0.0393 -0.0079 -0.0684 25  PHE A CE1 
194 C CE2 . PHE A 25 ? 0.0910 0.2162 0.1686 -0.0376 -0.0105 -0.0376 25  PHE A CE2 
195 C CZ  . PHE A 25 ? 0.1137 0.2585 0.1753 -0.0388 0.0003  -0.0637 25  PHE A CZ  
196 N N   . PHE A 26 ? 0.0884 0.1142 0.0920 0.0492  -0.0237 -0.0109 26  PHE A N   
197 C CA  . PHE A 26 ? 0.0671 0.1184 0.1057 0.0359  -0.0236 -0.0118 26  PHE A CA  
198 C C   . PHE A 26 ? 0.0812 0.1582 0.1342 0.0185  -0.0228 0.0017  26  PHE A C   
199 O O   . PHE A 26 ? 0.0448 0.1950 0.1789 0.0067  -0.0089 0.0149  26  PHE A O   
200 C CB  . PHE A 26 ? 0.0694 0.1218 0.0922 0.0330  -0.0289 -0.0168 26  PHE A CB  
201 C CG  . PHE A 26 ? 0.0821 0.1400 0.1173 0.0118  -0.0156 -0.0136 26  PHE A CG  
202 C CD1 . PHE A 26 ? 0.0740 0.1702 0.0961 0.0393  -0.0051 -0.0132 26  PHE A CD1 
203 C CD2 . PHE A 26 ? 0.0795 0.1295 0.0888 0.0191  -0.0331 -0.0110 26  PHE A CD2 
204 C CE1 . PHE A 26 ? 0.0355 0.1301 0.1104 0.0154  -0.0238 0.0127  26  PHE A CE1 
205 C CE2 . PHE A 26 ? 0.0373 0.0542 0.0789 -0.0055 -0.0214 -0.0100 26  PHE A CE2 
206 C CZ  . PHE A 26 ? 0.0390 0.0867 0.1294 0.0159  -0.0336 -0.0089 26  PHE A CZ  
207 N N   . GLY A 27 ? 0.0778 0.1523 0.1656 0.0268  -0.0138 -0.0110 27  GLY A N   
208 C CA  . GLY A 27 ? 0.0959 0.1683 0.1743 0.0221  -0.0167 -0.0105 27  GLY A CA  
209 C C   . GLY A 27 ? 0.0986 0.1674 0.1685 0.0271  -0.0113 -0.0186 27  GLY A C   
210 O O   . GLY A 27 ? 0.1300 0.2052 0.2143 -0.0142 -0.0005 -0.0145 27  GLY A O   
211 N N   . SER A 28 ? 0.1015 0.1755 0.1774 0.0248  -0.0104 -0.0204 28  SER A N   
212 C CA  . SER A 28 ? 0.0945 0.1839 0.1642 0.0348  -0.0084 -0.0233 28  SER A CA  
213 C C   . SER A 28 ? 0.1145 0.1857 0.1564 0.0371  -0.0163 -0.0231 28  SER A C   
214 O O   . SER A 28 ? 0.1317 0.1875 0.1468 0.0448  -0.0094 -0.0326 28  SER A O   
215 C CB  . SER A 28 ? 0.1170 0.1886 0.1641 0.0270  -0.0152 -0.0200 28  SER A CB  
216 O OG  . SER A 28 ? 0.0596 0.2267 0.1780 0.0482  0.0198  -0.0280 28  SER A OG  
217 N N   . GLU A 29 ? 0.1042 0.1788 0.1512 0.0513  -0.0246 -0.0393 29  GLU A N   
218 C CA  . GLU A 29 ? 0.1352 0.1883 0.1604 0.0473  -0.0160 -0.0392 29  GLU A CA  
219 C C   . GLU A 29 ? 0.1436 0.1817 0.1497 0.0600  -0.0031 -0.0524 29  GLU A C   
220 O O   . GLU A 29 ? 0.1661 0.1635 0.1276 0.0602  0.0143  -0.0880 29  GLU A O   
221 C CB  . GLU A 29 ? 0.1295 0.1999 0.1745 0.0566  -0.0126 -0.0356 29  GLU A CB  
222 C CG  . GLU A 29 ? 0.1825 0.2314 0.2355 0.0468  -0.0127 -0.0290 29  GLU A CG  
223 C CD  . GLU A 29 ? 0.2135 0.2956 0.2828 0.0178  -0.0131 -0.0115 29  GLU A CD  
224 O OE1 . GLU A 29 ? 0.2924 0.3585 0.2585 -0.0046 0.0346  0.0249  29  GLU A OE1 
225 O OE2 . GLU A 29 ? 0.2486 0.3249 0.3436 -0.0173 -0.0197 -0.0152 29  GLU A OE2 
226 N N   . PHE A 30 ? 0.1533 0.1921 0.1490 0.0504  -0.0108 -0.0527 30  PHE A N   
227 C CA  . PHE A 30 ? 0.1691 0.2055 0.1569 0.0469  -0.0200 -0.0369 30  PHE A CA  
228 C C   . PHE A 30 ? 0.1916 0.2047 0.1783 0.0515  -0.0240 -0.0392 30  PHE A C   
229 O O   . PHE A 30 ? 0.2196 0.1671 0.1857 0.0644  -0.0087 -0.0461 30  PHE A O   
230 C CB  . PHE A 30 ? 0.1703 0.2099 0.1675 0.0442  -0.0072 -0.0359 30  PHE A CB  
231 C CG  . PHE A 30 ? 0.1341 0.2249 0.1417 0.0427  -0.0244 -0.0108 30  PHE A CG  
232 C CD1 . PHE A 30 ? 0.1196 0.2177 0.1602 0.0447  -0.0164 0.0172  30  PHE A CD1 
233 C CD2 . PHE A 30 ? 0.1539 0.2220 0.1242 0.0424  -0.0068 0.0221  30  PHE A CD2 
234 C CE1 . PHE A 30 ? 0.0595 0.1860 0.1714 0.0452  -0.0024 0.0179  30  PHE A CE1 
235 C CE2 . PHE A 30 ? 0.1890 0.2333 0.1569 0.0224  0.0251  0.0363  30  PHE A CE2 
236 C CZ  . PHE A 30 ? 0.1339 0.2002 0.1171 0.0044  -0.0091 -0.0093 30  PHE A CZ  
237 N N   . SER A 31 ? 0.2330 0.2438 0.2011 0.0454  -0.0302 -0.0343 31  SER A N   
238 C CA  . SER A 31 ? 0.2738 0.2616 0.2296 0.0417  -0.0279 -0.0383 31  SER A CA  
239 C C   . SER A 31 ? 0.3059 0.2945 0.2584 0.0321  -0.0325 -0.0318 31  SER A C   
240 O O   . SER A 31 ? 0.3192 0.2917 0.2243 0.0219  -0.0479 -0.0467 31  SER A O   
241 C CB  . SER A 31 ? 0.2821 0.2696 0.2281 0.0389  -0.0212 -0.0425 31  SER A CB  
242 O OG  . SER A 31 ? 0.2870 0.2567 0.2242 0.0712  -0.0079 -0.0573 31  SER A OG  
243 N N   . ASP A 32 ? 0.3473 0.3318 0.2818 0.0239  -0.0409 -0.0270 32  ASP A N   
244 C CA  . ASP A 32 ? 0.3749 0.3611 0.3204 0.0206  -0.0385 -0.0138 32  ASP A CA  
245 C C   . ASP A 32 ? 0.3910 0.3662 0.3417 0.0163  -0.0359 -0.0106 32  ASP A C   
246 O O   . ASP A 32 ? 0.3957 0.3672 0.3556 0.0156  -0.0278 0.0022  32  ASP A O   
247 C CB  . ASP A 32 ? 0.3878 0.3721 0.3259 0.0212  -0.0401 -0.0100 32  ASP A CB  
248 C CG  . ASP A 32 ? 0.4096 0.3940 0.3314 0.0322  -0.0591 0.0022  32  ASP A CG  
249 O OD1 . ASP A 32 ? 0.4832 0.3974 0.3807 0.0280  -0.0484 0.0337  32  ASP A OD1 
250 O OD2 . ASP A 32 ? 0.4232 0.4130 0.3184 0.0472  -0.1250 -0.0033 32  ASP A OD2 
251 N N   . GLU A 33 ? 0.4023 0.3832 0.3597 0.0178  -0.0359 -0.0071 33  GLU A N   
252 C CA  . GLU A 33 ? 0.4168 0.3963 0.3714 0.0160  -0.0323 -0.0103 33  GLU A CA  
253 C C   . GLU A 33 ? 0.4118 0.3843 0.3564 0.0141  -0.0317 -0.0163 33  GLU A C   
254 O O   . GLU A 33 ? 0.4251 0.3829 0.3607 0.0057  -0.0269 -0.0165 33  GLU A O   
255 C CB  . GLU A 33 ? 0.4242 0.4144 0.3877 0.0133  -0.0273 -0.0110 33  GLU A CB  
256 C CG  . GLU A 33 ? 0.4491 0.4647 0.4153 0.0128  -0.0349 0.0005  33  GLU A CG  
257 C CD  . GLU A 33 ? 0.4778 0.5420 0.4662 -0.0073 -0.0093 -0.0093 33  GLU A CD  
258 O OE1 . GLU A 33 ? 0.5265 0.5923 0.4458 -0.0372 -0.0160 -0.0136 33  GLU A OE1 
259 O OE2 . GLU A 33 ? 0.5027 0.5916 0.4867 -0.0350 -0.0002 -0.0294 33  GLU A OE2 
260 N N   . GLU A 34 ? 0.3957 0.3598 0.3330 0.0230  -0.0332 -0.0258 34  GLU A N   
261 C CA  . GLU A 34 ? 0.3812 0.3459 0.3283 0.0282  -0.0347 -0.0259 34  GLU A CA  
262 C C   . GLU A 34 ? 0.3511 0.3059 0.2928 0.0341  -0.0405 -0.0316 34  GLU A C   
263 O O   . GLU A 34 ? 0.3420 0.2574 0.2725 0.0534  -0.0411 -0.0385 34  GLU A O   
264 C CB  . GLU A 34 ? 0.3962 0.3599 0.3371 0.0240  -0.0354 -0.0260 34  GLU A CB  
265 C CG  . GLU A 34 ? 0.4296 0.4269 0.3827 0.0121  -0.0203 -0.0292 34  GLU A CG  
266 C CD  . GLU A 34 ? 0.4807 0.4746 0.4258 0.0198  -0.0067 -0.0428 34  GLU A CD  
267 O OE1 . GLU A 34 ? 0.5003 0.5257 0.4697 -0.0116 -0.0055 -0.0405 34  GLU A OE1 
268 O OE2 . GLU A 34 ? 0.4792 0.5534 0.4515 -0.0046 -0.0241 -0.0295 34  GLU A OE2 
269 N N   . PHE A 35 ? 0.3255 0.2733 0.2492 0.0255  -0.0585 -0.0347 35  PHE A N   
270 C CA  . PHE A 35 ? 0.3129 0.2645 0.2321 0.0192  -0.0537 -0.0390 35  PHE A CA  
271 C C   . PHE A 35 ? 0.2996 0.2557 0.2346 0.0184  -0.0525 -0.0325 35  PHE A C   
272 O O   . PHE A 35 ? 0.3279 0.2888 0.2457 0.0227  -0.0492 -0.0141 35  PHE A O   
273 C CB  . PHE A 35 ? 0.3165 0.2605 0.2194 0.0186  -0.0545 -0.0406 35  PHE A CB  
274 C CG  . PHE A 35 ? 0.3075 0.2629 0.2080 0.0208  -0.0578 -0.0441 35  PHE A CG  
275 C CD1 . PHE A 35 ? 0.3222 0.2518 0.1823 0.0475  -0.0431 -0.0390 35  PHE A CD1 
276 C CD2 . PHE A 35 ? 0.3352 0.2928 0.2079 0.0355  -0.0187 -0.0425 35  PHE A CD2 
277 C CE1 . PHE A 35 ? 0.3173 0.2717 0.1869 0.0582  -0.0431 -0.0455 35  PHE A CE1 
278 C CE2 . PHE A 35 ? 0.3381 0.2958 0.2239 0.0497  -0.0208 -0.0503 35  PHE A CE2 
279 C CZ  . PHE A 35 ? 0.3174 0.2645 0.2081 0.0364  -0.0439 -0.0702 35  PHE A CZ  
280 N N   . ASP A 36 ? 0.2680 0.2217 0.2221 0.0262  -0.0553 -0.0336 36  ASP A N   
281 C CA  . ASP A 36 ? 0.2517 0.1993 0.2235 0.0361  -0.0503 -0.0344 36  ASP A CA  
282 C C   . ASP A 36 ? 0.2287 0.1710 0.1973 0.0354  -0.0538 -0.0402 36  ASP A C   
283 O O   . ASP A 36 ? 0.2114 0.1480 0.2041 0.0540  -0.0680 -0.0420 36  ASP A O   
284 C CB  . ASP A 36 ? 0.2674 0.2172 0.2353 0.0294  -0.0389 -0.0324 36  ASP A CB  
285 C CG  . ASP A 36 ? 0.3017 0.2763 0.2874 0.0260  -0.0307 -0.0132 36  ASP A CG  
286 O OD1 . ASP A 36 ? 0.3091 0.4201 0.3168 0.0112  -0.0426 0.0212  36  ASP A OD1 
287 O OD2 . ASP A 36 ? 0.3354 0.3950 0.3834 -0.0315 -0.0061 -0.0203 36  ASP A OD2 
288 N N   . THR A 37 ? 0.2007 0.1330 0.1871 0.0344  -0.0461 -0.0526 37  THR A N   
289 C CA  . THR A 37 ? 0.1812 0.1300 0.1718 0.0312  -0.0361 -0.0494 37  THR A CA  
290 C C   . THR A 37 ? 0.1574 0.1247 0.1496 0.0346  -0.0332 -0.0481 37  THR A C   
291 O O   . THR A 37 ? 0.1636 0.1407 0.1335 0.0287  -0.0411 -0.0329 37  THR A O   
292 C CB  . THR A 37 ? 0.1841 0.1385 0.1859 0.0298  -0.0370 -0.0434 37  THR A CB  
293 O OG1 . THR A 37 ? 0.1853 0.1317 0.1914 0.0541  -0.0469 -0.0609 37  THR A OG1 
294 C CG2 . THR A 37 ? 0.1957 0.1417 0.2283 0.0270  -0.0210 -0.0277 37  THR A CG2 
295 N N   . VAL A 38 ? 0.1425 0.1196 0.1541 0.0279  -0.0193 -0.0363 38  VAL A N   
296 C CA  . VAL A 38 ? 0.1238 0.1347 0.1554 0.0180  -0.0050 -0.0413 38  VAL A CA  
297 C C   . VAL A 38 ? 0.1166 0.1339 0.1352 0.0123  -0.0001 -0.0439 38  VAL A C   
298 O O   . VAL A 38 ? 0.1579 0.1452 0.1190 0.0132  0.0136  -0.0618 38  VAL A O   
299 C CB  . VAL A 38 ? 0.1368 0.1317 0.1588 0.0160  -0.0011 -0.0432 38  VAL A CB  
300 C CG1 . VAL A 38 ? 0.1693 0.1289 0.1748 0.0142  -0.0142 -0.0345 38  VAL A CG1 
301 C CG2 . VAL A 38 ? 0.1288 0.1150 0.1816 0.0071  -0.0280 -0.0459 38  VAL A CG2 
302 N N   . GLY A 39 ? 0.1150 0.1426 0.1244 -0.0133 -0.0111 -0.0399 39  GLY A N   
303 C CA  . GLY A 39 ? 0.1051 0.1529 0.1167 -0.0132 -0.0079 -0.0446 39  GLY A CA  
304 C C   . GLY A 39 ? 0.0748 0.1375 0.1188 -0.0046 0.0011  -0.0489 39  GLY A C   
305 O O   . GLY A 39 ? 0.0895 0.1456 0.1091 -0.0255 0.0070  -0.0607 39  GLY A O   
306 N N   . GLY A 40 ? 0.1098 0.1524 0.1217 -0.0020 0.0068  -0.0509 40  GLY A N   
307 C CA  . GLY A 40 ? 0.1243 0.1455 0.1400 0.0028  0.0076  -0.0566 40  GLY A CA  
308 C C   . GLY A 40 ? 0.1580 0.1525 0.1327 -0.0004 0.0156  -0.0641 40  GLY A C   
309 O O   . GLY A 40 ? 0.2044 0.1545 0.1802 -0.0043 0.0430  -0.0698 40  GLY A O   
310 N N   . LEU A 41 ? 0.1526 0.1398 0.1488 0.0016  0.0019  -0.0610 41  LEU A N   
311 C CA  . LEU A 41 ? 0.1562 0.1346 0.1356 0.0141  0.0057  -0.0625 41  LEU A CA  
312 C C   . LEU A 41 ? 0.1571 0.1389 0.1368 0.0223  -0.0018 -0.0610 41  LEU A C   
313 O O   . LEU A 41 ? 0.1548 0.1319 0.1211 0.0450  -0.0041 -0.0795 41  LEU A O   
314 C CB  . LEU A 41 ? 0.1490 0.1460 0.1594 0.0088  -0.0073 -0.0436 41  LEU A CB  
315 C CG  . LEU A 41 ? 0.1779 0.1524 0.1772 -0.0111 -0.0115 -0.0445 41  LEU A CG  
316 C CD1 . LEU A 41 ? 0.1535 0.1551 0.2529 -0.0109 -0.0091 0.0009  41  LEU A CD1 
317 C CD2 . LEU A 41 ? 0.1691 0.1527 0.1447 -0.0140 -0.0469 -0.0397 41  LEU A CD2 
318 N N   . VAL A 42 ? 0.1655 0.1276 0.1301 0.0108  -0.0169 -0.0623 42  VAL A N   
319 C CA  . VAL A 42 ? 0.2007 0.1454 0.1464 0.0019  -0.0172 -0.0531 42  VAL A CA  
320 C C   . VAL A 42 ? 0.1998 0.1536 0.1474 0.0020  -0.0161 -0.0560 42  VAL A C   
321 O O   . VAL A 42 ? 0.1822 0.1116 0.1686 -0.0013 -0.0099 -0.0703 42  VAL A O   
322 C CB  . VAL A 42 ? 0.2133 0.1256 0.1188 0.0064  -0.0252 -0.0527 42  VAL A CB  
323 C CG1 . VAL A 42 ? 0.2938 0.1405 0.1143 0.0109  -0.0385 -0.0710 42  VAL A CG1 
324 C CG2 . VAL A 42 ? 0.2541 0.1558 0.1432 -0.0293 -0.0274 -0.0619 42  VAL A CG2 
325 N N   . MET A 43 ? 0.2172 0.1814 0.1675 -0.0033 -0.0221 -0.0502 43  MET A N   
326 C CA  . MET A 43 ? 0.2468 0.2264 0.1868 -0.0139 -0.0174 -0.0440 43  MET A CA  
327 C C   . MET A 43 ? 0.2552 0.2342 0.2072 -0.0117 -0.0170 -0.0411 43  MET A C   
328 O O   . MET A 43 ? 0.2965 0.2630 0.2391 -0.0263 -0.0063 -0.0247 43  MET A O   
329 C CB  . MET A 43 ? 0.2593 0.2237 0.1851 -0.0215 -0.0198 -0.0544 43  MET A CB  
330 C CG  . MET A 43 ? 0.2267 0.2834 0.2164 -0.0439 -0.0413 -0.0170 43  MET A CG  
331 S SD  . MET A 43 ? 0.2276 0.3450 0.2511 -0.1222 -0.0875 -0.0273 43  MET A SD  
332 C CE  . MET A 43 ? 0.2835 0.3342 0.2653 -0.0541 -0.0410 -0.0091 43  MET A CE  
333 N N   . SER A 44 ? 0.2685 0.2456 0.2257 -0.0009 0.0046  -0.0373 44  SER A N   
334 C CA  . SER A 44 ? 0.2591 0.2593 0.2290 0.0059  0.0208  -0.0415 44  SER A CA  
335 C C   . SER A 44 ? 0.2457 0.2550 0.1967 0.0154  0.0285  -0.0442 44  SER A C   
336 O O   . SER A 44 ? 0.2693 0.2619 0.1907 0.0158  0.0395  -0.0537 44  SER A O   
337 C CB  . SER A 44 ? 0.2640 0.2723 0.2317 0.0105  0.0121  -0.0404 44  SER A CB  
338 O OG  . SER A 44 ? 0.2932 0.3089 0.3235 -0.0219 0.0512  -0.0438 44  SER A OG  
339 N N   . ALA A 45 ? 0.2022 0.2493 0.1736 0.0222  0.0194  -0.0439 45  ALA A N   
340 C CA  . ALA A 45 ? 0.1628 0.2486 0.1562 0.0310  0.0240  -0.0419 45  ALA A CA  
341 C C   . ALA A 45 ? 0.1441 0.2457 0.1585 0.0301  0.0286  -0.0359 45  ALA A C   
342 O O   . ALA A 45 ? 0.1304 0.2881 0.1676 0.0290  0.0439  -0.0182 45  ALA A O   
343 C CB  . ALA A 45 ? 0.1662 0.2413 0.1654 0.0314  0.0054  -0.0461 45  ALA A CB  
344 N N   . PHE A 46 ? 0.1263 0.2213 0.1396 0.0343  0.0293  -0.0430 46  PHE A N   
345 C CA  . PHE A 46 ? 0.1213 0.2132 0.1438 0.0286  0.0167  -0.0336 46  PHE A CA  
346 C C   . PHE A 46 ? 0.0986 0.2093 0.1171 0.0328  0.0152  -0.0394 46  PHE A C   
347 O O   . PHE A 46 ? 0.0694 0.2312 0.1189 0.0350  0.0190  -0.0268 46  PHE A O   
348 C CB  . PHE A 46 ? 0.1103 0.2021 0.1291 0.0339  0.0138  -0.0400 46  PHE A CB  
349 C CG  . PHE A 46 ? 0.1144 0.2025 0.1456 0.0247  -0.0082 -0.0155 46  PHE A CG  
350 C CD1 . PHE A 46 ? 0.1722 0.1986 0.1715 0.0196  -0.0274 -0.0118 46  PHE A CD1 
351 C CD2 . PHE A 46 ? 0.1076 0.1957 0.1853 0.0370  0.0271  -0.0331 46  PHE A CD2 
352 C CE1 . PHE A 46 ? 0.1842 0.1994 0.2140 0.0082  -0.0148 -0.0041 46  PHE A CE1 
353 C CE2 . PHE A 46 ? 0.1458 0.2146 0.1974 0.0050  0.0110  -0.0077 46  PHE A CE2 
354 C CZ  . PHE A 46 ? 0.1727 0.2039 0.2167 0.0030  0.0037  -0.0053 46  PHE A CZ  
355 N N   . GLY A 47 ? 0.0967 0.1899 0.1065 0.0354  0.0053  -0.0475 47  GLY A N   
356 C CA  . GLY A 47 ? 0.1133 0.1867 0.1201 0.0275  0.0135  -0.0503 47  GLY A CA  
357 C C   . GLY A 47 ? 0.1133 0.1782 0.1127 0.0243  0.0113  -0.0587 47  GLY A C   
358 O O   . GLY A 47 ? 0.1079 0.1884 0.1132 0.0220  0.0210  -0.0790 47  GLY A O   
359 N N   . HIS A 48 ? 0.1007 0.1896 0.1135 0.0158  0.0118  -0.0658 48  HIS A N   
360 C CA  . HIS A 48 ? 0.1003 0.1893 0.1196 0.0233  0.0129  -0.0516 48  HIS A CA  
361 C C   . HIS A 48 ? 0.0890 0.1746 0.0893 0.0279  0.0049  -0.0573 48  HIS A C   
362 O O   . HIS A 48 ? 0.0991 0.2185 0.1392 0.0325  0.0243  -0.0621 48  HIS A O   
363 C CB  . HIS A 48 ? 0.0950 0.2000 0.1298 0.0158  0.0268  -0.0500 48  HIS A CB  
364 C CG  . HIS A 48 ? 0.1189 0.2085 0.1358 0.0003  0.0291  -0.0785 48  HIS A CG  
365 N ND1 . HIS A 48 ? 0.1277 0.2179 0.1986 -0.0088 0.0260  -0.0616 48  HIS A ND1 
366 C CD2 . HIS A 48 ? 0.0769 0.2059 0.1277 -0.0196 -0.0066 -0.0982 48  HIS A CD2 
367 C CE1 . HIS A 48 ? 0.1109 0.1912 0.1231 -0.0086 0.0214  -0.1043 48  HIS A CE1 
368 N NE2 . HIS A 48 ? 0.1281 0.2220 0.2081 -0.0222 0.0025  -0.0750 48  HIS A NE2 
369 N N   . LEU A 49 ? 0.0939 0.1620 0.0677 0.0193  0.0027  -0.0562 49  LEU A N   
370 C CA  . LEU A 49 ? 0.0899 0.1572 0.0633 0.0203  0.0004  -0.0390 49  LEU A CA  
371 C C   . LEU A 49 ? 0.0923 0.1598 0.0544 0.0152  -0.0110 -0.0401 49  LEU A C   
372 O O   . LEU A 49 ? 0.1161 0.1897 0.0445 -0.0056 -0.0171 -0.0464 49  LEU A O   
373 C CB  . LEU A 49 ? 0.0942 0.1479 0.0774 0.0263  0.0064  -0.0349 49  LEU A CB  
374 C CG  . LEU A 49 ? 0.1104 0.1461 0.0784 0.0219  0.0159  -0.0380 49  LEU A CG  
375 C CD1 . LEU A 49 ? 0.1916 0.2002 0.0468 -0.0300 0.0527  -0.0378 49  LEU A CD1 
376 C CD2 . LEU A 49 ? 0.0738 0.0962 0.0678 0.0044  0.0186  -0.0482 49  LEU A CD2 
377 N N   . PRO A 50 ? 0.1164 0.1615 0.0603 0.0142  0.0002  -0.0342 50  PRO A N   
378 C CA  . PRO A 50 ? 0.1200 0.1757 0.0621 0.0073  -0.0042 -0.0319 50  PRO A CA  
379 C C   . PRO A 50 ? 0.1269 0.1824 0.0828 0.0134  -0.0127 -0.0264 50  PRO A C   
380 O O   . PRO A 50 ? 0.1158 0.2004 0.1137 0.0033  0.0126  -0.0413 50  PRO A O   
381 C CB  . PRO A 50 ? 0.1125 0.1763 0.0577 0.0171  -0.0078 -0.0169 50  PRO A CB  
382 C CG  . PRO A 50 ? 0.1167 0.1726 0.0700 0.0026  0.0045  -0.0239 50  PRO A CG  
383 C CD  . PRO A 50 ? 0.1319 0.1560 0.0637 0.0100  -0.0094 -0.0339 50  PRO A CD  
384 N N   . LYS A 51 ? 0.1486 0.2063 0.1037 0.0087  -0.0092 -0.0207 51  LYS A N   
385 C CA  . LYS A 51 ? 0.1245 0.1955 0.1131 0.0261  -0.0125 -0.0217 51  LYS A CA  
386 C C   . LYS A 51 ? 0.1189 0.1890 0.1175 0.0239  -0.0073 -0.0219 51  LYS A C   
387 O O   . LYS A 51 ? 0.0991 0.1724 0.0995 0.0251  -0.0170 -0.0268 51  LYS A O   
388 C CB  . LYS A 51 ? 0.1615 0.2114 0.1521 0.0270  -0.0026 -0.0224 51  LYS A CB  
389 C CG  . LYS A 51 ? 0.2037 0.2555 0.2034 0.0224  -0.0170 -0.0253 51  LYS A CG  
390 C CD  . LYS A 51 ? 0.2794 0.3197 0.2828 0.0039  -0.0118 0.0241  51  LYS A CD  
391 C CE  . LYS A 51 ? 0.3202 0.3754 0.3718 -0.0552 -0.0013 0.0210  51  LYS A CE  
392 N NZ  . LYS A 51 ? 0.3573 0.4230 0.3772 -0.1074 -0.0054 0.0494  51  LYS A NZ  
393 N N   . ARG A 52 ? 0.1118 0.1932 0.1106 0.0197  -0.0139 -0.0148 52  ARG A N   
394 C CA  . ARG A 52 ? 0.1105 0.1837 0.0991 0.0106  -0.0007 -0.0184 52  ARG A CA  
395 C C   . ARG A 52 ? 0.1113 0.1896 0.0752 0.0120  0.0017  -0.0117 52  ARG A C   
396 O O   . ARG A 52 ? 0.0998 0.2001 0.0609 0.0025  -0.0198 -0.0297 52  ARG A O   
397 C CB  . ARG A 52 ? 0.1120 0.1951 0.1192 0.0003  0.0041  -0.0143 52  ARG A CB  
398 C CG  . ARG A 52 ? 0.0903 0.1915 0.1525 -0.0054 0.0239  -0.0073 52  ARG A CG  
399 C CD  . ARG A 52 ? 0.0878 0.2062 0.2087 0.0197  0.0420  0.0022  52  ARG A CD  
400 N NE  . ARG A 52 ? 0.0826 0.2715 0.3194 -0.0257 0.0811  -0.0050 52  ARG A NE  
401 C CZ  . ARG A 52 ? 0.0912 0.2887 0.2450 -0.0283 0.0666  -0.0095 52  ARG A CZ  
402 N NH1 . ARG A 52 ? 0.1454 0.3330 0.2993 0.0041  0.0395  0.0483  52  ARG A NH1 
403 N NH2 . ARG A 52 ? 0.0626 0.3532 0.1684 -0.0239 0.0730  -0.0447 52  ARG A NH2 
404 N N   . ASN A 53 ? 0.1218 0.1974 0.0873 0.0235  0.0169  0.0033  53  ASN A N   
405 C CA  . ASN A 53 ? 0.1203 0.1929 0.0963 0.0165  0.0115  0.0121  53  ASN A CA  
406 C C   . ASN A 53 ? 0.1108 0.1873 0.0848 0.0194  0.0069  0.0142  53  ASN A C   
407 O O   . ASN A 53 ? 0.1040 0.2009 0.1236 0.0273  0.0128  0.0133  53  ASN A O   
408 C CB  . ASN A 53 ? 0.1337 0.2042 0.1050 0.0085  0.0276  0.0186  53  ASN A CB  
409 C CG  . ASN A 53 ? 0.1683 0.2159 0.1656 0.0009  0.0215  0.0165  53  ASN A CG  
410 O OD1 . ASN A 53 ? 0.2197 0.3161 0.2058 -0.0268 0.0617  -0.0019 53  ASN A OD1 
411 N ND2 . ASN A 53 ? 0.1419 0.2557 0.2407 -0.0136 0.0295  0.0576  53  ASN A ND2 
412 N N   . GLU A 54 ? 0.0967 0.1840 0.0692 0.0230  -0.0051 0.0010  54  GLU A N   
413 C CA  . GLU A 54 ? 0.1037 0.1906 0.0717 0.0185  -0.0014 -0.0107 54  GLU A CA  
414 C C   . GLU A 54 ? 0.1092 0.1974 0.0559 0.0143  0.0022  -0.0115 54  GLU A C   
415 O O   . GLU A 54 ? 0.1110 0.1968 0.0495 -0.0020 0.0097  -0.0320 54  GLU A O   
416 C CB  . GLU A 54 ? 0.0954 0.1805 0.0551 0.0209  -0.0116 -0.0148 54  GLU A CB  
417 C CG  . GLU A 54 ? 0.1390 0.2091 0.1029 0.0462  -0.0269 -0.0130 54  GLU A CG  
418 C CD  . GLU A 54 ? 0.1940 0.2471 0.1330 0.0170  -0.0651 -0.0171 54  GLU A CD  
419 O OE1 . GLU A 54 ? 0.2611 0.2292 0.1428 0.0328  -0.0558 -0.0620 54  GLU A OE1 
420 O OE2 . GLU A 54 ? 0.2650 0.3171 0.1203 0.0031  -0.0752 0.0179  54  GLU A OE2 
421 N N   . VAL A 55 ? 0.1139 0.2183 0.0607 0.0171  0.0022  -0.0159 55  VAL A N   
422 C CA  . VAL A 55 ? 0.1420 0.2290 0.0834 0.0211  0.0070  -0.0185 55  VAL A CA  
423 C C   . VAL A 55 ? 0.1412 0.2312 0.0608 0.0370  0.0103  -0.0329 55  VAL A C   
424 O O   . VAL A 55 ? 0.1304 0.2539 0.0475 0.0399  0.0414  -0.0195 55  VAL A O   
425 C CB  . VAL A 55 ? 0.1525 0.2206 0.0916 0.0133  0.0046  -0.0223 55  VAL A CB  
426 C CG1 . VAL A 55 ? 0.1916 0.2360 0.1677 0.0215  0.0023  -0.0256 55  VAL A CG1 
427 C CG2 . VAL A 55 ? 0.1658 0.2466 0.1551 0.0018  0.0208  -0.0224 55  VAL A CG2 
428 N N   . VAL A 56 ? 0.1391 0.2333 0.0545 0.0524  0.0192  -0.0402 56  VAL A N   
429 C CA  . VAL A 56 ? 0.1218 0.2199 0.0621 0.0521  0.0082  -0.0469 56  VAL A CA  
430 C C   . VAL A 56 ? 0.1217 0.2211 0.0865 0.0579  0.0125  -0.0459 56  VAL A C   
431 O O   . VAL A 56 ? 0.1361 0.2140 0.0766 0.0651  0.0092  -0.0780 56  VAL A O   
432 C CB  . VAL A 56 ? 0.1150 0.2166 0.0538 0.0644  0.0055  -0.0407 56  VAL A CB  
433 C CG1 . VAL A 56 ? 0.1321 0.2339 0.1060 0.0239  0.0059  -0.0511 56  VAL A CG1 
434 C CG2 . VAL A 56 ? 0.1422 0.2226 0.1273 0.0587  -0.0052 -0.0337 56  VAL A CG2 
435 N N   . GLU A 57 ? 0.1372 0.2247 0.0970 0.0415  0.0172  -0.0514 57  GLU A N   
436 C CA  . GLU A 57 ? 0.1328 0.2209 0.1061 0.0442  0.0055  -0.0487 57  GLU A CA  
437 C C   . GLU A 57 ? 0.1329 0.2222 0.1090 0.0438  -0.0005 -0.0472 57  GLU A C   
438 O O   . GLU A 57 ? 0.1165 0.2134 0.0888 0.0648  -0.0104 -0.0614 57  GLU A O   
439 C CB  . GLU A 57 ? 0.1526 0.2295 0.1238 0.0336  -0.0019 -0.0481 57  GLU A CB  
440 C CG  . GLU A 57 ? 0.1936 0.2498 0.1896 0.0365  0.0027  -0.0392 57  GLU A CG  
441 C CD  . GLU A 57 ? 0.2460 0.2565 0.2914 0.0341  -0.0021 -0.0318 57  GLU A CD  
442 O OE1 . GLU A 57 ? 0.2221 0.2739 0.3123 0.0134  -0.0132 -0.0407 57  GLU A OE1 
443 O OE2 . GLU A 57 ? 0.3037 0.2787 0.3728 0.0981  -0.0155 -0.0102 57  GLU A OE2 
444 N N   . LEU A 58 ? 0.1189 0.2187 0.1212 0.0345  -0.0159 -0.0371 58  LEU A N   
445 C CA  . LEU A 58 ? 0.1280 0.2271 0.1441 0.0232  -0.0177 -0.0262 58  LEU A CA  
446 C C   . LEU A 58 ? 0.1264 0.2246 0.1452 0.0163  -0.0223 -0.0281 58  LEU A C   
447 O O   . LEU A 58 ? 0.0945 0.2297 0.1520 0.0073  -0.0307 -0.0182 58  LEU A O   
448 C CB  . LEU A 58 ? 0.1404 0.2339 0.1548 0.0154  -0.0299 -0.0205 58  LEU A CB  
449 C CG  . LEU A 58 ? 0.1776 0.2534 0.1229 0.0143  -0.0537 -0.0177 58  LEU A CG  
450 C CD1 . LEU A 58 ? 0.1978 0.3034 0.1234 0.0143  -0.0310 -0.0031 58  LEU A CD1 
451 C CD2 . LEU A 58 ? 0.2055 0.2553 0.1483 0.0103  -0.0319 -0.0288 58  LEU A CD2 
452 N N   . GLY A 59 ? 0.1503 0.2176 0.1634 0.0221  -0.0326 -0.0198 59  GLY A N   
453 C CA  . GLY A 59 ? 0.1587 0.2143 0.1821 0.0130  -0.0300 -0.0169 59  GLY A CA  
454 C C   . GLY A 59 ? 0.1513 0.2040 0.1776 0.0279  -0.0257 -0.0178 59  GLY A C   
455 O O   . GLY A 59 ? 0.1594 0.1983 0.1704 0.0367  -0.0319 -0.0166 59  GLY A O   
456 N N   . GLU A 60 ? 0.1367 0.2033 0.1669 0.0295  -0.0334 -0.0146 60  GLU A N   
457 C CA  . GLU A 60 ? 0.1249 0.2062 0.1578 0.0239  -0.0293 -0.0168 60  GLU A CA  
458 C C   . GLU A 60 ? 0.1130 0.1891 0.1301 0.0243  -0.0167 -0.0226 60  GLU A C   
459 O O   . GLU A 60 ? 0.1035 0.1951 0.1339 0.0262  -0.0268 -0.0117 60  GLU A O   
460 C CB  . GLU A 60 ? 0.1441 0.2157 0.1668 0.0172  -0.0251 -0.0178 60  GLU A CB  
461 C CG  . GLU A 60 ? 0.1591 0.2686 0.2013 0.0121  -0.0376 -0.0367 60  GLU A CG  
462 C CD  . GLU A 60 ? 0.2589 0.3486 0.2487 -0.0025 0.0086  -0.0206 60  GLU A CD  
463 O OE1 . GLU A 60 ? 0.3384 0.3566 0.4003 -0.0417 0.0374  -0.0205 60  GLU A OE1 
464 O OE2 . GLU A 60 ? 0.2901 0.4027 0.2911 0.0229  0.0337  -0.0725 60  GLU A OE2 
465 N N   . PHE A 61 ? 0.1045 0.1805 0.1078 0.0169  -0.0137 -0.0212 61  PHE A N   
466 C CA  . PHE A 61 ? 0.0882 0.1793 0.1101 0.0035  -0.0157 -0.0290 61  PHE A CA  
467 C C   . PHE A 61 ? 0.0764 0.1655 0.1049 0.0068  -0.0015 -0.0329 61  PHE A C   
468 O O   . PHE A 61 ? 0.0547 0.1476 0.1349 0.0113  -0.0020 -0.0363 61  PHE A O   
469 C CB  . PHE A 61 ? 0.1071 0.1989 0.1182 -0.0111 -0.0273 -0.0180 61  PHE A CB  
470 C CG  . PHE A 61 ? 0.1111 0.2254 0.1347 -0.0270 -0.0365 -0.0053 61  PHE A CG  
471 C CD1 . PHE A 61 ? 0.1229 0.2287 0.1532 -0.0391 -0.0245 0.0048  61  PHE A CD1 
472 C CD2 . PHE A 61 ? 0.1995 0.2300 0.1102 -0.0476 -0.0576 0.0183  61  PHE A CD2 
473 C CE1 . PHE A 61 ? 0.1767 0.2378 0.1764 -0.0337 -0.0307 0.0403  61  PHE A CE1 
474 C CE2 . PHE A 61 ? 0.2200 0.2458 0.1042 -0.0566 -0.0311 0.0592  61  PHE A CE2 
475 C CZ  . PHE A 61 ? 0.1822 0.2037 0.1550 -0.0372 -0.0380 0.0426  61  PHE A CZ  
476 N N   . ARG A 62 ? 0.0981 0.1617 0.1107 -0.0039 -0.0054 -0.0341 62  ARG A N   
477 C CA  . ARG A 62 ? 0.1016 0.1530 0.0934 0.0035  -0.0127 -0.0473 62  ARG A CA  
478 C C   . ARG A 62 ? 0.1048 0.1531 0.0930 0.0058  -0.0184 -0.0502 62  ARG A C   
479 O O   . ARG A 62 ? 0.0966 0.1631 0.0825 0.0052  -0.0398 -0.0502 62  ARG A O   
480 C CB  . ARG A 62 ? 0.1245 0.1706 0.1067 -0.0140 -0.0050 -0.0388 62  ARG A CB  
481 C CG  . ARG A 62 ? 0.1729 0.2228 0.1856 0.0137  -0.0028 -0.0269 62  ARG A CG  
482 C CD  . ARG A 62 ? 0.2717 0.2476 0.2743 -0.0033 -0.0001 -0.0276 62  ARG A CD  
483 N NE  . ARG A 62 ? 0.3666 0.3324 0.3345 -0.0216 0.0128  -0.0206 62  ARG A NE  
484 C CZ  . ARG A 62 ? 0.4169 0.3831 0.4071 -0.0400 0.0131  -0.0164 62  ARG A CZ  
485 N NH1 . ARG A 62 ? 0.4791 0.4124 0.4366 -0.0259 0.0192  -0.0284 62  ARG A NH1 
486 N NH2 . ARG A 62 ? 0.4225 0.3835 0.4014 -0.0517 0.0390  -0.0072 62  ARG A NH2 
487 N N   . PHE A 63 ? 0.0689 0.1400 0.0806 0.0007  -0.0325 -0.0445 63  PHE A N   
488 C CA  . PHE A 63 ? 0.0917 0.1401 0.0844 0.0071  -0.0205 -0.0302 63  PHE A CA  
489 C C   . PHE A 63 ? 0.0858 0.1370 0.0597 0.0062  -0.0231 -0.0317 63  PHE A C   
490 O O   . PHE A 63 ? 0.0955 0.1485 0.0661 0.0102  -0.0279 -0.0064 63  PHE A O   
491 C CB  . PHE A 63 ? 0.1000 0.1333 0.0914 -0.0090 -0.0180 -0.0412 63  PHE A CB  
492 C CG  . PHE A 63 ? 0.0691 0.1624 0.0858 -0.0042 -0.0395 -0.0545 63  PHE A CG  
493 C CD1 . PHE A 63 ? 0.1227 0.2058 0.1079 -0.0205 -0.0847 -0.0219 63  PHE A CD1 
494 C CD2 . PHE A 63 ? 0.1014 0.1770 0.1087 -0.0096 -0.0609 -0.0336 63  PHE A CD2 
495 C CE1 . PHE A 63 ? 0.0792 0.1885 0.1450 0.0026  -0.0723 -0.0109 63  PHE A CE1 
496 C CE2 . PHE A 63 ? 0.0712 0.1684 0.1367 -0.0083 -0.0177 -0.0333 63  PHE A CE2 
497 C CZ  . PHE A 63 ? 0.1245 0.1944 0.1128 0.0202  -0.0245 -0.0142 63  PHE A CZ  
498 N N   . ARG A 64 ? 0.0814 0.1029 0.0541 0.0055  -0.0198 -0.0272 64  ARG A N   
499 C CA  . ARG A 64 ? 0.0977 0.1098 0.0606 0.0162  -0.0104 -0.0272 64  ARG A CA  
500 C C   . ARG A 64 ? 0.0818 0.1194 0.0424 0.0220  0.0020  -0.0261 64  ARG A C   
501 O O   . ARG A 64 ? 0.1351 0.1482 0.0446 0.0234  0.0051  -0.0331 64  ARG A O   
502 C CB  . ARG A 64 ? 0.0845 0.1070 0.0458 0.0060  -0.0118 -0.0311 64  ARG A CB  
503 C CG  . ARG A 64 ? 0.1447 0.1387 0.1187 0.0347  -0.0146 -0.0435 64  ARG A CG  
504 C CD  . ARG A 64 ? 0.2093 0.1816 0.2047 0.0196  -0.0322 -0.0211 64  ARG A CD  
505 N NE  . ARG A 64 ? 0.2837 0.2443 0.2677 0.0419  -0.0456 -0.0186 64  ARG A NE  
506 C CZ  . ARG A 64 ? 0.3129 0.2829 0.2798 0.0351  -0.0350 -0.0174 64  ARG A CZ  
507 N NH1 . ARG A 64 ? 0.3557 0.2599 0.2725 0.0157  -0.0447 -0.0103 64  ARG A NH1 
508 N NH2 . ARG A 64 ? 0.3294 0.3200 0.3289 0.0377  -0.0504 0.0090  64  ARG A NH2 
509 N N   . VAL A 65 ? 0.0768 0.1166 0.0316 0.0163  0.0121  -0.0130 65  VAL A N   
510 C CA  . VAL A 65 ? 0.0804 0.1241 0.0373 0.0055  -0.0026 -0.0094 65  VAL A CA  
511 C C   . VAL A 65 ? 0.0488 0.1167 0.0279 0.0165  -0.0004 -0.0057 65  VAL A C   
512 O O   . VAL A 65 ? 0.0832 0.1371 0.0841 0.0320  0.0056  -0.0014 65  VAL A O   
513 C CB  . VAL A 65 ? 0.0672 0.1121 0.0358 -0.0099 0.0038  -0.0130 65  VAL A CB  
514 C CG1 . VAL A 65 ? 0.0495 0.1329 0.0471 -0.0194 0.0147  0.0223  65  VAL A CG1 
515 C CG2 . VAL A 65 ? 0.1209 0.1088 0.0375 -0.0055 -0.0044 -0.0277 65  VAL A CG2 
516 N N   . LEU A 66 ? 0.0433 0.1219 0.0481 0.0167  -0.0088 -0.0110 66  LEU A N   
517 C CA  . LEU A 66 ? 0.0524 0.1218 0.0308 0.0290  -0.0018 0.0027  66  LEU A CA  
518 C C   . LEU A 66 ? 0.0609 0.1210 0.0265 0.0347  0.0064  0.0083  66  LEU A C   
519 O O   . LEU A 66 ? 0.0458 0.1601 0.0353 0.0521  0.0067  0.0214  66  LEU A O   
520 C CB  . LEU A 66 ? 0.0510 0.1368 0.0368 0.0275  0.0099  -0.0090 66  LEU A CB  
521 C CG  . LEU A 66 ? 0.0542 0.1428 0.0679 0.0230  -0.0220 0.0035  66  LEU A CG  
522 C CD1 . LEU A 66 ? 0.1406 0.1713 0.0677 0.0106  0.0142  -0.0419 66  LEU A CD1 
523 C CD2 . LEU A 66 ? 0.0885 0.1585 0.1173 -0.0123 -0.0206 0.0174  66  LEU A CD2 
524 N N   . ASN A 67 ? 0.0901 0.1294 0.0321 0.0449  -0.0047 -0.0062 67  ASN A N   
525 C CA  . ASN A 67 ? 0.0634 0.1149 0.0267 0.0475  -0.0047 -0.0108 67  ASN A CA  
526 C C   . ASN A 67 ? 0.0775 0.1156 0.0317 0.0434  -0.0110 -0.0063 67  ASN A C   
527 O O   . ASN A 67 ? 0.0924 0.1286 0.0294 0.0601  -0.0128 -0.0025 67  ASN A O   
528 C CB  . ASN A 67 ? 0.0765 0.0971 0.0445 0.0523  0.0018  -0.0159 67  ASN A CB  
529 C CG  . ASN A 67 ? 0.0824 0.0853 0.0444 0.0389  -0.0009 -0.0141 67  ASN A CG  
530 O OD1 . ASN A 67 ? 0.0507 0.0988 0.0763 -0.0092 -0.0324 0.0035  67  ASN A OD1 
531 N ND2 . ASN A 67 ? 0.0477 0.0408 0.0334 0.0187  0.0135  0.0112  67  ASN A ND2 
532 N N   . ALA A 68 ? 0.0619 0.1011 0.0270 0.0343  -0.0073 -0.0040 68  ALA A N   
533 C CA  . ALA A 68 ? 0.0595 0.0941 0.0278 0.0420  -0.0063 -0.0124 68  ALA A CA  
534 C C   . ALA A 68 ? 0.0677 0.0950 0.0488 0.0309  -0.0044 -0.0142 68  ALA A C   
535 O O   . ALA A 68 ? 0.0810 0.1211 0.0655 0.0565  -0.0370 -0.0132 68  ALA A O   
536 C CB  . ALA A 68 ? 0.0626 0.0996 0.0296 0.0140  0.0123  0.0025  68  ALA A CB  
537 N N   . ASP A 69 ? 0.0648 0.0960 0.0630 0.0303  -0.0065 -0.0177 69  ASP A N   
538 C CA  . ASP A 69 ? 0.0675 0.1024 0.0553 0.0180  -0.0058 -0.0318 69  ASP A CA  
539 C C   . ASP A 69 ? 0.0659 0.1040 0.0513 0.0241  0.0045  -0.0343 69  ASP A C   
540 O O   . ASP A 69 ? 0.0685 0.1070 0.0831 0.0209  0.0140  -0.0317 69  ASP A O   
541 C CB  . ASP A 69 ? 0.0376 0.1001 0.0522 0.0134  -0.0046 -0.0438 69  ASP A CB  
542 C CG  . ASP A 69 ? 0.0707 0.1233 0.0876 0.0302  -0.0090 -0.0425 69  ASP A CG  
543 O OD1 . ASP A 69 ? 0.1136 0.1649 0.0550 0.0367  0.0217  -0.0459 69  ASP A OD1 
544 O OD2 . ASP A 69 ? 0.1299 0.1203 0.0822 0.0278  0.0242  -0.0606 69  ASP A OD2 
545 N N   . SER A 70 ? 0.0783 0.1207 0.0420 0.0267  -0.0026 -0.0337 70  SER A N   
546 C CA  . SER A 70 ? 0.0828 0.1289 0.0565 0.0334  0.0018  -0.0489 70  SER A CA  
547 C C   . SER A 70 ? 0.0942 0.1330 0.0683 0.0381  -0.0063 -0.0451 70  SER A C   
548 O O   . SER A 70 ? 0.1251 0.1222 0.0652 0.0328  0.0016  -0.0580 70  SER A O   
549 C CB  . SER A 70 ? 0.0694 0.1341 0.0500 0.0495  -0.0077 -0.0439 70  SER A CB  
550 O OG  . SER A 70 ? 0.0992 0.2173 0.0807 0.0272  -0.0194 -0.0171 70  SER A OG  
551 N N   . ARG A 71 ? 0.1053 0.1516 0.0631 0.0274  -0.0114 -0.0557 71  ARG A N   
552 C CA  . ARG A 71 ? 0.1045 0.1410 0.0894 0.0317  -0.0182 -0.0522 71  ARG A CA  
553 C C   . ARG A 71 ? 0.0988 0.1400 0.1084 0.0354  -0.0098 -0.0504 71  ARG A C   
554 O O   . ARG A 71 ? 0.0600 0.1059 0.0813 0.0450  -0.0146 -0.0524 71  ARG A O   
555 C CB  . ARG A 71 ? 0.1160 0.1632 0.1181 0.0232  -0.0229 -0.0438 71  ARG A CB  
556 C CG  . ARG A 71 ? 0.2050 0.2254 0.2233 0.0186  -0.0252 -0.0325 71  ARG A CG  
557 C CD  . ARG A 71 ? 0.3108 0.2869 0.2919 0.0156  0.0101  -0.0481 71  ARG A CD  
558 N NE  . ARG A 71 ? 0.3132 0.3452 0.3011 0.0386  0.0168  -0.0603 71  ARG A NE  
559 C CZ  . ARG A 71 ? 0.3398 0.3841 0.3495 0.0465  0.0128  -0.0424 71  ARG A CZ  
560 N NH1 . ARG A 71 ? 0.3106 0.3809 0.3556 0.0637  -0.0091 -0.0480 71  ARG A NH1 
561 N NH2 . ARG A 71 ? 0.3848 0.4004 0.3421 0.0444  0.0221  -0.0637 71  ARG A NH2 
562 N N   . ARG A 72 ? 0.0847 0.1408 0.0864 0.0378  -0.0193 -0.0440 72  ARG A N   
563 C CA  . ARG A 72 ? 0.0970 0.1605 0.0987 0.0273  -0.0056 -0.0324 72  ARG A CA  
564 C C   . ARG A 72 ? 0.0810 0.1369 0.0572 0.0421  0.0031  -0.0469 72  ARG A C   
565 O O   . ARG A 72 ? 0.0750 0.1691 0.0665 0.0454  0.0118  -0.0324 72  ARG A O   
566 C CB  . ARG A 72 ? 0.1067 0.1722 0.0999 0.0160  -0.0142 -0.0341 72  ARG A CB  
567 C CG  . ARG A 72 ? 0.1424 0.2205 0.1644 0.0322  0.0084  -0.0206 72  ARG A CG  
568 C CD  . ARG A 72 ? 0.2663 0.3024 0.2501 0.0279  0.0255  0.0290  72  ARG A CD  
569 N NE  . ARG A 72 ? 0.3340 0.4182 0.3681 0.0233  0.0347  0.0498  72  ARG A NE  
570 C CZ  . ARG A 72 ? 0.4080 0.4863 0.4152 0.0095  0.0450  0.0472  72  ARG A CZ  
571 N NH1 . ARG A 72 ? 0.4478 0.5102 0.4500 0.0327  0.0382  0.0540  72  ARG A NH1 
572 N NH2 . ARG A 72 ? 0.4014 0.4994 0.4614 0.0019  0.0623  0.0553  72  ARG A NH2 
573 N N   . VAL A 73 ? 0.0681 0.1248 0.0726 0.0491  0.0062  -0.0376 73  VAL A N   
574 C CA  . VAL A 73 ? 0.0616 0.1287 0.0359 0.0273  -0.0025 -0.0311 73  VAL A CA  
575 C C   . VAL A 73 ? 0.0641 0.1090 0.0379 0.0327  -0.0001 -0.0200 73  VAL A C   
576 O O   . VAL A 73 ? 0.1214 0.1009 0.0685 0.0240  0.0073  -0.0326 73  VAL A O   
577 C CB  . VAL A 73 ? 0.0461 0.1271 0.0419 0.0264  -0.0022 -0.0361 73  VAL A CB  
578 C CG1 . VAL A 73 ? 0.0862 0.1416 0.0789 0.0251  0.0022  -0.0382 73  VAL A CG1 
579 C CG2 . VAL A 73 ? 0.0553 0.1899 0.0360 -0.0374 -0.0111 -0.0141 73  VAL A CG2 
580 N N   . HIS A 74 ? 0.0407 0.0746 0.0300 0.0272  -0.0085 -0.0148 74  HIS A N   
581 C CA  . HIS A 74 ? 0.0466 0.0790 0.0302 0.0336  -0.0093 -0.0139 74  HIS A CA  
582 C C   . HIS A 74 ? 0.0541 0.0764 0.0355 0.0368  -0.0168 -0.0204 74  HIS A C   
583 O O   . HIS A 74 ? 0.0755 0.1032 0.0457 0.0613  -0.0271 -0.0374 74  HIS A O   
584 C CB  . HIS A 74 ? 0.0417 0.0750 0.0330 0.0263  -0.0045 -0.0130 74  HIS A CB  
585 C CG  . HIS A 74 ? 0.0866 0.0732 0.0855 0.0121  -0.0169 0.0051  74  HIS A CG  
586 N ND1 . HIS A 74 ? 0.0648 0.1607 0.1282 -0.0711 -0.0085 0.0421  74  HIS A ND1 
587 C CD2 . HIS A 74 ? 0.0317 0.0897 0.0851 -0.0160 -0.0135 0.0068  74  HIS A CD2 
588 C CE1 . HIS A 74 ? 0.1065 0.1427 0.1530 -0.0472 -0.0345 0.0345  74  HIS A CE1 
589 N NE2 . HIS A 74 ? 0.0486 0.0483 0.1094 0.0026  -0.0292 -0.0050 74  HIS A NE2 
590 N N   . LEU A 75 ? 0.0396 0.0877 0.0427 0.0242  -0.0155 -0.0222 75  LEU A N   
591 C CA  . LEU A 75 ? 0.0769 0.1013 0.0454 0.0402  -0.0255 -0.0264 75  LEU A CA  
592 C C   . LEU A 75 ? 0.0565 0.1214 0.0626 0.0402  -0.0312 -0.0291 75  LEU A C   
593 O O   . LEU A 75 ? 0.0696 0.1617 0.0917 0.0741  -0.0354 -0.0379 75  LEU A O   
594 C CB  . LEU A 75 ? 0.0665 0.0891 0.0481 0.0378  -0.0289 -0.0352 75  LEU A CB  
595 C CG  . LEU A 75 ? 0.0969 0.0955 0.0473 0.0367  -0.0161 -0.0389 75  LEU A CG  
596 C CD1 . LEU A 75 ? 0.1112 0.1108 0.0735 0.0717  -0.0346 0.0007  75  LEU A CD1 
597 C CD2 . LEU A 75 ? 0.0733 0.0947 0.0621 0.0507  -0.0241 -0.0060 75  LEU A CD2 
598 N N   . LEU A 76 ? 0.0853 0.1268 0.0675 0.0267  -0.0386 -0.0279 76  LEU A N   
599 C CA  . LEU A 76 ? 0.0854 0.1224 0.0672 0.0314  -0.0187 -0.0348 76  LEU A CA  
600 C C   . LEU A 76 ? 0.0640 0.1145 0.0442 0.0095  -0.0172 -0.0355 76  LEU A C   
601 O O   . LEU A 76 ? 0.0959 0.1243 0.0881 -0.0005 -0.0040 -0.0522 76  LEU A O   
602 C CB  . LEU A 76 ? 0.1083 0.1233 0.0771 0.0278  -0.0232 -0.0356 76  LEU A CB  
603 C CG  . LEU A 76 ? 0.1255 0.1010 0.1455 0.0547  -0.0312 -0.0553 76  LEU A CG  
604 C CD1 . LEU A 76 ? 0.2033 0.1277 0.1160 0.0510  -0.0632 -0.0177 76  LEU A CD1 
605 C CD2 . LEU A 76 ? 0.1715 0.1050 0.1473 0.0211  -0.0049 -0.0945 76  LEU A CD2 
606 N N   . ARG A 77 ? 0.0733 0.1438 0.0385 0.0096  -0.0148 -0.0347 77  ARG A N   
607 C CA  . ARG A 77 ? 0.0416 0.1377 0.0518 0.0087  0.0026  -0.0361 77  ARG A CA  
608 C C   . ARG A 77 ? 0.0421 0.1395 0.0570 0.0038  0.0029  -0.0357 77  ARG A C   
609 O O   . ARG A 77 ? 0.0269 0.1510 0.0386 -0.0137 0.0044  -0.0408 77  ARG A O   
610 C CB  . ARG A 77 ? 0.0569 0.1529 0.0868 0.0065  0.0006  -0.0314 77  ARG A CB  
611 C CG  . ARG A 77 ? 0.0823 0.1774 0.0925 0.0098  -0.0323 -0.0475 77  ARG A CG  
612 C CD  . ARG A 77 ? 0.1636 0.1983 0.1798 -0.0082 -0.0551 -0.0120 77  ARG A CD  
613 N NE  . ARG A 77 ? 0.2167 0.2128 0.2091 0.0034  -0.0365 -0.0045 77  ARG A NE  
614 C CZ  . ARG A 77 ? 0.2045 0.2345 0.2018 0.0405  -0.0264 -0.0047 77  ARG A CZ  
615 N NH1 . ARG A 77 ? 0.2243 0.2824 0.2449 0.0312  -0.0458 -0.0125 77  ARG A NH1 
616 N NH2 . ARG A 77 ? 0.2268 0.2436 0.2253 0.0430  -0.0301 -0.0031 77  ARG A NH2 
617 N N   . LEU A 78 ? 0.0401 0.1372 0.0406 -0.0006 0.0058  -0.0384 78  LEU A N   
618 C CA  . LEU A 78 ? 0.0766 0.1329 0.0436 0.0235  -0.0013 -0.0372 78  LEU A CA  
619 C C   . LEU A 78 ? 0.0839 0.1347 0.0564 0.0290  -0.0098 -0.0352 78  LEU A C   
620 O O   . LEU A 78 ? 0.1266 0.1698 0.0492 0.0517  0.0065  -0.0386 78  LEU A O   
621 C CB  . LEU A 78 ? 0.1014 0.1263 0.0535 0.0099  0.0000  -0.0323 78  LEU A CB  
622 C CG  . LEU A 78 ? 0.0941 0.1302 0.0419 0.0108  -0.0095 -0.0123 78  LEU A CG  
623 C CD1 . LEU A 78 ? 0.1342 0.1182 0.0379 -0.0409 0.0012  -0.0317 78  LEU A CD1 
624 C CD2 . LEU A 78 ? 0.0977 0.1309 0.0323 0.0042  0.0102  0.0247  78  LEU A CD2 
625 N N   . SER A 79 ? 0.0789 0.1502 0.0794 0.0314  -0.0186 -0.0188 79  SER A N   
626 C CA  . SER A 79 ? 0.0978 0.1706 0.1085 0.0163  -0.0173 -0.0248 79  SER A CA  
627 C C   . SER A 79 ? 0.1207 0.1795 0.1578 0.0170  -0.0257 -0.0306 79  SER A C   
628 O O   . SER A 79 ? 0.1289 0.1904 0.1487 0.0087  -0.0332 -0.0479 79  SER A O   
629 C CB  . SER A 79 ? 0.0730 0.1793 0.1736 0.0141  -0.0077 -0.0172 79  SER A CB  
630 O OG  . SER A 79 ? 0.2298 0.2738 0.1944 0.0239  -0.0341 0.0015  79  SER A OG  
631 N N   . PRO A 80 ? 0.1588 0.2065 0.1873 0.0163  -0.0291 -0.0253 80  PRO A N   
632 C CA  . PRO A 80 ? 0.1745 0.2321 0.2275 0.0170  -0.0256 -0.0171 80  PRO A CA  
633 C C   . PRO A 80 ? 0.1982 0.2591 0.2710 0.0131  -0.0218 -0.0069 80  PRO A C   
634 O O   . PRO A 80 ? 0.1844 0.2618 0.3129 0.0250  -0.0140 -0.0021 80  PRO A O   
635 C CB  . PRO A 80 ? 0.1835 0.2277 0.2313 0.0146  -0.0263 -0.0170 80  PRO A CB  
636 C CG  . PRO A 80 ? 0.1724 0.2329 0.2142 0.0237  -0.0213 -0.0241 80  PRO A CG  
637 C CD  . PRO A 80 ? 0.1665 0.2181 0.2045 0.0097  -0.0274 -0.0310 80  PRO A CD  
638 N N   . LEU A 81 ? 0.2290 0.2861 0.3102 0.0184  -0.0192 -0.0067 81  LEU A N   
639 C CA  . LEU A 81 ? 0.2634 0.3148 0.3290 0.0098  -0.0119 -0.0012 81  LEU A CA  
640 C C   . LEU A 81 ? 0.3115 0.3508 0.3749 0.0050  -0.0168 -0.0043 81  LEU A C   
641 O O   . LEU A 81 ? 0.3212 0.3600 0.3705 0.0036  -0.0268 0.0034  81  LEU A O   
642 C CB  . LEU A 81 ? 0.2563 0.3116 0.3321 0.0070  -0.0092 0.0009  81  LEU A CB  
643 C CG  . LEU A 81 ? 0.2401 0.2935 0.2973 0.0102  0.0148  0.0070  81  LEU A CG  
644 C CD1 . LEU A 81 ? 0.2616 0.3172 0.2825 0.0247  0.0495  0.0142  81  LEU A CD1 
645 C CD2 . LEU A 81 ? 0.1774 0.3007 0.3237 -0.0355 -0.0102 0.0187  81  LEU A CD2 
646 O O   . HOH B .  ? 0.0470 0.2137 0.0327 0.0512  0.0106  0.0373  84  HOH A O   
647 O O   . HOH B .  ? 0.0622 0.4815 0.2222 -0.0168 0.0592  -0.0324 85  HOH A O   
648 O O   . HOH B .  ? 0.1333 0.0396 0.1314 -0.0094 -0.0465 -0.0298 86  HOH A O   
649 O O   . HOH B .  ? 1.6798 0.9928 0.6651 0.8467  1.0196  0.6001  87  HOH A O   
650 O O   . HOH B .  ? 0.1363 0.4396 0.2804 0.1061  0.0159  -0.1415 88  HOH A O   
651 O O   . HOH B .  ? 0.1339 0.2287 0.4136 0.0665  -0.0131 0.2344  89  HOH A O   
652 O O   . HOH B .  ? 0.3782 0.7162 0.0452 -0.3985 0.0057  0.0626  90  HOH A O   
653 O O   . HOH B .  ? 0.4059 0.2402 0.3198 -0.1793 -0.0941 -0.0147 91  HOH A O   
654 O O   . HOH B .  ? 0.2578 1.2810 0.3116 -0.5304 0.0312  0.0417  92  HOH A O   
655 O O   . HOH B .  ? 0.0544 0.7498 0.3450 -0.0632 0.0921  -0.3274 93  HOH A O   
656 O O   . HOH B .  ? 0.1480 0.5788 0.0253 0.2605  0.0039  0.0082  94  HOH A O   
657 O O   . HOH B .  ? 0.2864 0.4373 0.1456 0.1961  -0.1031 -0.0578 95  HOH A O   
658 O O   . HOH B .  ? 0.1570 0.6422 0.2083 0.2802  0.0783  0.2193  96  HOH A O   
659 O O   . HOH B .  ? 0.2385 0.2662 0.0277 -0.0478 0.0071  0.0201  97  HOH A O   
660 O O   . HOH B .  ? 0.5155 0.0936 0.2840 0.1014  -0.2980 -0.0011 98  HOH A O   
661 O O   . HOH B .  ? 0.0890 0.2582 0.9057 -0.0146 -0.2277 0.1749  99  HOH A O   
662 O O   . HOH B .  ? 0.2309 0.5274 0.4208 -0.2301 -0.0269 0.3159  100 HOH A O   
663 O O   . HOH B .  ? 0.2131 0.5798 0.1671 0.0768  0.1289  -0.0710 101 HOH A O   
664 O O   . HOH B .  ? 0.0672 0.1935 0.1621 0.0838  0.0177  0.0407  102 HOH A O   
665 O O   . HOH B .  ? 0.3456 0.4290 0.2221 0.1565  -0.0721 0.0226  103 HOH A O   
666 O O   . HOH B .  ? 0.0758 1.0832 1.3279 -0.1978 -0.1032 -0.1485 104 HOH A O   
667 O O   . HOH B .  ? 0.0373 1.9001 0.5376 0.0730  0.0274  0.6398  105 HOH A O   
668 O O   . HOH B .  ? 0.3290 0.5258 0.0352 0.2363  0.0476  0.0646  106 HOH A O   
669 O O   . HOH B .  ? 0.3992 0.2586 0.1013 0.2171  0.1178  0.1276  107 HOH A O   
670 O O   . HOH B .  ? 0.4191 0.2886 1.4311 -0.1362 -0.1026 -0.5105 108 HOH A O   
671 O O   . HOH B .  ? 0.7746 0.1060 0.3874 -0.0974 -0.1372 -0.1335 109 HOH A O   
672 O O   . HOH B .  ? 0.2267 0.2342 0.0271 0.2021  -0.0017 -0.0050 110 HOH A O   
673 O O   . HOH B .  ? 0.1461 0.1286 0.1987 0.0152  -0.0937 -0.0621 111 HOH A O   
674 O O   . HOH B .  ? 0.3708 0.2356 0.4650 0.0876  -0.0380 -0.1800 112 HOH A O   
675 O O   . HOH B .  ? 0.4045 0.2854 1.6198 -0.0328 -0.1345 -0.6191 113 HOH A O   
676 O O   . HOH B .  ? 0.2367 0.4441 0.0907 -0.1110 -0.0063 0.1567  114 HOH A O   
677 O O   . HOH B .  ? 0.1975 0.3222 0.3692 0.0172  -0.0877 0.0665  115 HOH A O   
678 O O   . HOH B .  ? 0.3633 0.1167 0.7384 -0.0152 -0.1536 0.2484  116 HOH A O   
679 O O   . HOH B .  ? 1.3902 0.4443 4.7844 -0.0590 -2.0229 -0.5366 117 HOH A O   
680 O O   . HOH B .  ? 0.1784 0.3611 0.1968 0.0097  -0.1285 -0.0373 118 HOH A O   
681 O O   . HOH B .  ? 0.3697 0.8246 0.2441 0.5246  0.1249  0.1828  119 HOH A O   
682 O O   . HOH B .  ? 0.3055 0.5139 0.3750 0.1997  -0.0932 0.2009  120 HOH A O   
683 O O   . HOH B .  ? 0.3103 0.2338 0.3253 -0.0503 -0.1406 0.1343  121 HOH A O   
684 O O   . HOH B .  ? 0.5124 0.5228 0.1327 -0.0114 -0.1767 0.1507  122 HOH A O   
685 O O   . HOH B .  ? 0.4591 0.3126 1.3949 0.1185  -0.2163 -0.6263 123 HOH A O   
686 O O   . HOH B .  ? 0.3096 0.3223 0.1449 0.1666  -0.1234 -0.1328 124 HOH A O   
687 O O   . HOH B .  ? 0.6275 0.1112 0.3085 -0.2158 0.2505  -0.0505 125 HOH A O   
688 O O   . HOH B .  ? 0.6549 0.0796 0.6452 -0.1076 0.1160  0.1078  126 HOH A O   
689 O O   . HOH B .  ? 0.3213 0.3110 0.6260 0.0578  0.1129  0.4133  127 HOH A O   
690 O O   . HOH B .  ? 1.6884 0.5346 0.1074 0.8070  0.3214  0.2044  128 HOH A O   
# 
